data_5DWQ
#
_entry.id   5DWQ
#
_cell.length_a   75.424
_cell.length_b   98.404
_cell.length_c   208.369
_cell.angle_alpha   90.000
_cell.angle_beta   90.000
_cell.angle_gamma   90.000
#
_symmetry.space_group_name_H-M   'P 21 21 2'
#
loop_
_entity.id
_entity.type
_entity.pdbx_description
1 polymer 'Histone-arginine methyltransferase CARM1'
2 polymer 'methylated H3 peptide'
3 non-polymer SINEFUNGIN
4 non-polymer GLYCEROL
5 non-polymer 'SULFATE ION'
6 water water
#
loop_
_entity_poly.entity_id
_entity_poly.type
_entity_poly.pdbx_seq_one_letter_code
_entity_poly.pdbx_strand_id
1 'polypeptide(L)'
;SIARSVFSERTEESSAVQYFQFYGYLSQQQNMMQDYVRTGTYQRAILQNHTDFKDKIVLDVGCGSGILSFFAAQAGARKI
YAVEASTMAQHAEVLVKSNNLTDRIVVIPGKVEEVSLPEQVDIIISEPMGYMLFNERMLESYLHAKKYLKPSGNMFPTIG
DVHLAPFTDEQLYMEQFTKANFWYQPSFHGVDLSALRGAAVDEYFRQPVVDTFDIRILMAKSVKYTVNFLEAKEGDLHRI
EIPFKFHMLHSGLVHGLAFWFDVAFIGSIMTVWLSTAPTEPLTHWYQVRCLFQSPLFAKAGDTLSGTCLLIANKRQSYDI
SIVAQVDQTGSKSSNLLDLKNPFFRYTGT
;
A,B,C,D
2 'polypeptide(L)' (ACE)GKAP(NMM)KQLATKAARKSAP(NH2) F,G
#
loop_
_chem_comp.id
_chem_comp.type
_chem_comp.name
_chem_comp.formula
ACE non-polymer 'ACETYL GROUP' 'C2 H4 O'
GOL non-polymer GLYCEROL 'C3 H8 O3'
NH2 non-polymer 'AMINO GROUP' 'H2 N'
SFG non-polymer SINEFUNGIN 'C15 H23 N7 O5'
SO4 non-polymer 'SULFATE ION' 'O4 S -2'
#
# COMPACT_ATOMS: atom_id res chain seq x y z
N SER A 5 2.40 -7.85 48.70
CA SER A 5 2.63 -6.37 48.71
C SER A 5 1.90 -5.68 47.58
N VAL A 6 1.85 -4.35 47.65
CA VAL A 6 1.21 -3.53 46.62
C VAL A 6 1.78 -3.83 45.23
N PHE A 7 3.07 -4.16 45.16
CA PHE A 7 3.71 -4.52 43.90
C PHE A 7 3.18 -5.82 43.29
N SER A 8 3.20 -6.90 44.08
CA SER A 8 2.80 -8.22 43.57
C SER A 8 1.30 -8.32 43.28
N GLU A 9 0.50 -7.47 43.92
CA GLU A 9 -0.94 -7.42 43.64
C GLU A 9 -1.21 -6.96 42.19
N ARG A 10 -0.49 -5.92 41.76
CA ARG A 10 -0.69 -5.32 40.44
C ARG A 10 0.23 -5.89 39.34
N THR A 11 1.18 -6.73 39.72
CA THR A 11 2.19 -7.22 38.78
C THR A 11 2.15 -8.74 38.67
N GLU A 12 1.97 -9.23 37.45
CA GLU A 12 2.10 -10.65 37.16
C GLU A 12 3.56 -11.03 37.43
N GLU A 13 3.79 -11.97 38.34
CA GLU A 13 5.14 -12.27 38.82
C GLU A 13 6.08 -12.78 37.71
N SER A 14 5.52 -13.33 36.63
CA SER A 14 6.33 -13.67 35.46
C SER A 14 6.90 -12.43 34.77
N SER A 15 6.08 -11.39 34.64
CA SER A 15 6.53 -10.09 34.12
C SER A 15 7.61 -9.46 35.00
N ALA A 16 7.46 -9.60 36.31
CA ALA A 16 8.41 -9.04 37.27
C ALA A 16 9.80 -9.69 37.17
N VAL A 17 9.84 -10.98 36.90
CA VAL A 17 11.12 -11.69 36.77
C VAL A 17 11.90 -11.15 35.57
N GLN A 18 11.28 -11.18 34.40
CA GLN A 18 11.84 -10.56 33.18
C GLN A 18 12.38 -9.16 33.42
N TYR A 19 11.49 -8.30 33.94
CA TYR A 19 11.76 -6.89 34.15
C TYR A 19 13.04 -6.68 34.95
N PHE A 20 13.13 -7.33 36.12
CA PHE A 20 14.30 -7.17 36.98
C PHE A 20 15.52 -7.96 36.47
N GLN A 21 15.29 -8.96 35.63
CA GLN A 21 16.39 -9.67 34.95
C GLN A 21 17.09 -8.72 33.97
N PHE A 22 16.29 -8.05 33.15
CA PHE A 22 16.74 -7.04 32.20
C PHE A 22 17.65 -6.00 32.85
N TYR A 23 17.24 -5.50 34.01
CA TYR A 23 18.02 -4.49 34.72
C TYR A 23 19.17 -5.06 35.55
N GLY A 24 19.26 -6.39 35.64
CA GLY A 24 20.41 -7.06 36.24
C GLY A 24 21.64 -7.03 35.34
N TYR A 25 21.42 -6.80 34.05
CA TYR A 25 22.52 -6.76 33.08
C TYR A 25 23.23 -5.41 33.10
N LEU A 26 24.54 -5.45 33.28
CA LEU A 26 25.36 -4.24 33.25
C LEU A 26 25.28 -3.49 31.93
N SER A 27 25.17 -4.21 30.82
CA SER A 27 25.00 -3.59 29.50
C SER A 27 23.80 -2.63 29.47
N GLN A 28 22.73 -3.00 30.16
CA GLN A 28 21.52 -2.17 30.19
C GLN A 28 21.66 -0.95 31.11
N GLN A 29 22.44 -1.10 32.17
CA GLN A 29 22.79 0.04 33.01
C GLN A 29 23.69 0.99 32.21
N GLN A 30 24.64 0.43 31.48
CA GLN A 30 25.52 1.21 30.62
C GLN A 30 24.72 2.03 29.61
N ASN A 31 23.70 1.41 29.02
CA ASN A 31 22.89 2.05 27.99
C ASN A 31 22.21 3.33 28.49
N MET A 32 21.65 3.26 29.70
CA MET A 32 21.05 4.42 30.34
C MET A 32 22.08 5.45 30.77
N MET A 33 23.19 4.97 31.34
CA MET A 33 24.27 5.84 31.79
C MET A 33 24.89 6.64 30.65
N GLN A 34 25.10 6.00 29.49
CA GLN A 34 25.68 6.66 28.31
C GLN A 34 24.79 7.72 27.68
N ASP A 35 23.49 7.68 27.96
CA ASP A 35 22.59 8.75 27.55
C ASP A 35 23.00 9.99 28.34
N TYR A 36 23.85 10.82 27.72
CA TYR A 36 24.44 11.95 28.41
C TYR A 36 23.41 13.04 28.75
N VAL A 37 22.38 13.17 27.93
CA VAL A 37 21.31 14.12 28.22
C VAL A 37 20.60 13.71 29.50
N ARG A 38 20.29 12.42 29.61
CA ARG A 38 19.64 11.89 30.80
C ARG A 38 20.52 12.05 32.04
N THR A 39 21.69 11.42 32.02
CA THR A 39 22.57 11.37 33.19
C THR A 39 23.11 12.75 33.54
N GLY A 40 23.49 13.51 32.53
CA GLY A 40 24.01 14.87 32.71
C GLY A 40 22.98 15.84 33.27
N THR A 41 21.74 15.71 32.82
CA THR A 41 20.67 16.58 33.32
C THR A 41 20.31 16.22 34.75
N TYR A 42 20.25 14.92 35.06
CA TYR A 42 20.03 14.48 36.43
C TYR A 42 21.09 15.02 37.37
N GLN A 43 22.36 14.88 36.99
CA GLN A 43 23.46 15.40 37.80
C GLN A 43 23.34 16.91 38.00
N ARG A 44 22.99 17.62 36.93
CA ARG A 44 22.85 19.07 37.00
C ARG A 44 21.69 19.45 37.92
N ALA A 45 20.56 18.76 37.80
CA ALA A 45 19.41 19.00 38.68
C ALA A 45 19.78 18.84 40.15
N ILE A 46 20.60 17.84 40.46
CA ILE A 46 20.98 17.55 41.85
C ILE A 46 22.06 18.52 42.35
N LEU A 47 23.12 18.71 41.57
CA LEU A 47 24.24 19.56 42.00
C LEU A 47 23.86 21.06 42.05
N GLN A 48 23.05 21.53 41.10
CA GLN A 48 22.63 22.93 41.09
C GLN A 48 21.62 23.26 42.20
N ASN A 49 20.91 22.25 42.67
CA ASN A 49 20.02 22.38 43.82
C ASN A 49 20.61 21.71 45.05
N HIS A 50 21.87 22.04 45.34
CA HIS A 50 22.63 21.41 46.42
C HIS A 50 22.06 21.67 47.82
N THR A 51 21.32 22.76 47.98
CA THR A 51 20.67 23.09 49.25
C THR A 51 19.58 22.07 49.62
N ASP A 52 18.96 21.47 48.61
CA ASP A 52 17.96 20.43 48.83
C ASP A 52 18.58 19.07 49.19
N PHE A 53 19.91 18.99 49.20
CA PHE A 53 20.62 17.77 49.59
C PHE A 53 21.57 17.92 50.77
N LYS A 54 22.18 19.10 50.91
CA LYS A 54 23.12 19.37 52.03
C LYS A 54 22.59 18.86 53.37
N ASP A 55 23.24 17.84 53.91
CA ASP A 55 22.89 17.22 55.20
C ASP A 55 21.48 16.61 55.28
N LYS A 56 20.91 16.25 54.13
CA LYS A 56 19.56 15.65 54.09
C LYS A 56 19.61 14.13 54.06
N ILE A 57 18.47 13.52 54.40
CA ILE A 57 18.27 12.09 54.24
C ILE A 57 17.60 11.89 52.88
N VAL A 58 18.14 10.99 52.07
CA VAL A 58 17.67 10.79 50.70
C VAL A 58 17.18 9.37 50.50
N LEU A 59 16.15 9.21 49.68
CA LEU A 59 15.77 7.90 49.14
C LEU A 59 15.98 7.91 47.63
N ASP A 60 16.71 6.92 47.12
CA ASP A 60 16.87 6.70 45.68
C ASP A 60 16.08 5.46 45.30
N VAL A 61 14.97 5.65 44.60
CA VAL A 61 14.08 4.53 44.26
C VAL A 61 14.48 3.88 42.94
N GLY A 62 15.01 2.66 43.03
CA GLY A 62 15.51 1.96 41.84
C GLY A 62 16.85 2.54 41.43
N CYS A 63 17.85 2.39 42.29
CA CYS A 63 19.14 3.05 42.12
C CYS A 63 20.00 2.46 40.99
N GLY A 64 19.71 1.22 40.59
CA GLY A 64 20.51 0.53 39.57
C GLY A 64 21.97 0.50 40.00
N SER A 65 22.83 1.08 39.16
CA SER A 65 24.25 1.20 39.46
C SER A 65 24.55 2.11 40.65
N GLY A 66 23.57 2.93 41.03
CA GLY A 66 23.68 3.83 42.16
C GLY A 66 24.05 5.24 41.75
N ILE A 67 24.08 5.48 40.44
CA ILE A 67 24.59 6.75 39.88
C ILE A 67 23.95 8.00 40.51
N LEU A 68 22.64 7.98 40.72
CA LEU A 68 21.95 9.16 41.26
C LEU A 68 22.26 9.36 42.75
N SER A 69 22.40 8.26 43.49
CA SER A 69 22.84 8.33 44.89
C SER A 69 24.24 8.97 45.01
N PHE A 70 25.11 8.70 44.05
CA PHE A 70 26.43 9.34 44.04
C PHE A 70 26.32 10.86 43.81
N PHE A 71 25.39 11.27 42.95
CA PHE A 71 25.14 12.70 42.74
C PHE A 71 24.60 13.36 44.01
N ALA A 72 23.69 12.68 44.69
CA ALA A 72 23.16 13.16 45.97
C ALA A 72 24.28 13.30 47.00
N ALA A 73 25.21 12.35 47.03
CA ALA A 73 26.38 12.42 47.90
C ALA A 73 27.32 13.57 47.52
N GLN A 74 27.53 13.76 46.22
CA GLN A 74 28.32 14.90 45.73
C GLN A 74 27.72 16.23 46.17
N ALA A 75 26.39 16.30 46.27
CA ALA A 75 25.68 17.51 46.67
C ALA A 75 25.52 17.67 48.18
N GLY A 76 26.16 16.80 48.95
CA GLY A 76 26.29 16.97 50.39
C GLY A 76 25.29 16.20 51.26
N ALA A 77 24.59 15.24 50.67
CA ALA A 77 23.63 14.44 51.44
C ALA A 77 24.32 13.72 52.60
N ARG A 78 23.63 13.66 53.73
CA ARG A 78 24.13 12.98 54.93
C ARG A 78 23.98 11.47 54.82
N LYS A 79 22.80 11.02 54.42
CA LYS A 79 22.52 9.60 54.28
C LYS A 79 21.57 9.36 53.10
N ILE A 80 21.85 8.31 52.34
CA ILE A 80 21.13 8.01 51.11
C ILE A 80 20.78 6.53 51.11
N TYR A 81 19.48 6.22 51.12
CA TYR A 81 19.04 4.84 51.03
C TYR A 81 18.77 4.52 49.57
N ALA A 82 19.60 3.65 49.00
CA ALA A 82 19.53 3.31 47.58
C ALA A 82 18.81 1.98 47.39
N VAL A 83 17.52 2.03 47.09
CA VAL A 83 16.71 0.82 46.96
C VAL A 83 16.75 0.29 45.52
N GLU A 84 17.04 -1.00 45.37
CA GLU A 84 17.10 -1.65 44.05
C GLU A 84 16.69 -3.10 44.17
N ALA A 85 15.78 -3.53 43.29
CA ALA A 85 15.18 -4.86 43.37
C ALA A 85 15.92 -5.91 42.56
N SER A 86 16.61 -5.51 41.49
CA SER A 86 17.35 -6.46 40.65
C SER A 86 18.68 -6.83 41.31
N THR A 87 19.40 -7.76 40.68
CA THR A 87 20.74 -8.15 41.15
C THR A 87 21.78 -7.04 40.97
N MET A 88 21.43 -5.97 40.27
CA MET A 88 22.30 -4.80 40.13
C MET A 88 22.66 -4.19 41.50
N ALA A 89 21.80 -4.37 42.49
CA ALA A 89 22.08 -3.94 43.88
C ALA A 89 23.45 -4.40 44.38
N GLN A 90 23.83 -5.62 44.00
CA GLN A 90 25.13 -6.18 44.36
C GLN A 90 26.27 -5.33 43.80
N HIS A 91 26.17 -4.98 42.53
CA HIS A 91 27.18 -4.17 41.85
C HIS A 91 27.21 -2.74 42.38
N ALA A 92 26.05 -2.21 42.75
CA ALA A 92 25.97 -0.90 43.39
C ALA A 92 26.75 -0.86 44.69
N GLU A 93 26.59 -1.90 45.52
CA GLU A 93 27.32 -1.98 46.80
C GLU A 93 28.83 -2.04 46.58
N VAL A 94 29.25 -2.73 45.51
CA VAL A 94 30.67 -2.77 45.13
C VAL A 94 31.18 -1.36 44.84
N LEU A 95 30.41 -0.59 44.09
CA LEU A 95 30.79 0.79 43.75
C LEU A 95 30.80 1.73 44.96
N VAL A 96 29.87 1.51 45.88
CA VAL A 96 29.84 2.29 47.13
C VAL A 96 31.13 2.07 47.93
N LYS A 97 31.58 0.83 47.96
CA LYS A 97 32.84 0.47 48.64
C LYS A 97 34.05 1.02 47.90
N SER A 98 34.12 0.78 46.59
CA SER A 98 35.27 1.23 45.80
C SER A 98 35.39 2.75 45.73
N ASN A 99 34.27 3.47 45.91
CA ASN A 99 34.29 4.94 45.95
C ASN A 99 34.35 5.53 47.37
N ASN A 100 34.48 4.67 48.38
CA ASN A 100 34.64 5.08 49.77
C ASN A 100 33.50 5.96 50.30
N LEU A 101 32.28 5.51 50.09
CA LEU A 101 31.09 6.23 50.54
C LEU A 101 30.16 5.29 51.32
N THR A 102 30.74 4.32 52.02
CA THR A 102 29.98 3.41 52.89
C THR A 102 29.33 4.13 54.06
N ASP A 103 29.90 5.27 54.46
CA ASP A 103 29.34 6.07 55.56
C ASP A 103 28.12 6.90 55.15
N ARG A 104 27.84 7.00 53.86
CA ARG A 104 26.80 7.90 53.36
C ARG A 104 25.75 7.25 52.44
N ILE A 105 26.16 6.35 51.54
CA ILE A 105 25.21 5.63 50.70
C ILE A 105 24.97 4.24 51.25
N VAL A 106 23.70 3.89 51.45
CA VAL A 106 23.30 2.61 52.01
C VAL A 106 22.40 1.89 51.01
N VAL A 107 22.92 0.85 50.36
CA VAL A 107 22.14 0.06 49.43
C VAL A 107 21.18 -0.83 50.20
N ILE A 108 19.90 -0.75 49.85
CA ILE A 108 18.85 -1.60 50.42
C ILE A 108 18.30 -2.47 49.28
N PRO A 109 18.72 -3.74 49.20
CA PRO A 109 18.15 -4.62 48.18
C PRO A 109 16.66 -4.88 48.43
N GLY A 110 15.89 -5.00 47.35
CA GLY A 110 14.47 -5.30 47.42
C GLY A 110 13.59 -4.33 46.66
N LYS A 111 12.31 -4.67 46.54
CA LYS A 111 11.33 -3.81 45.91
C LYS A 111 10.92 -2.72 46.90
N VAL A 112 10.82 -1.48 46.42
CA VAL A 112 10.56 -0.33 47.32
C VAL A 112 9.22 -0.45 48.06
N GLU A 113 8.31 -1.26 47.52
CA GLU A 113 7.03 -1.53 48.14
C GLU A 113 7.12 -2.51 49.32
N GLU A 114 8.27 -3.18 49.46
CA GLU A 114 8.44 -4.27 50.42
C GLU A 114 9.50 -4.00 51.51
N VAL A 115 10.56 -3.29 51.16
CA VAL A 115 11.67 -3.05 52.10
C VAL A 115 11.25 -2.16 53.28
N SER A 116 12.14 -2.05 54.28
CA SER A 116 11.91 -1.21 55.43
C SER A 116 13.05 -0.22 55.57
N LEU A 117 12.72 1.07 55.73
CA LEU A 117 13.72 2.09 55.97
C LEU A 117 13.69 2.46 57.45
N PRO A 118 14.86 2.68 58.05
CA PRO A 118 14.92 3.03 59.47
C PRO A 118 14.41 4.44 59.80
N GLU A 119 14.33 5.32 58.80
CA GLU A 119 13.85 6.68 59.01
C GLU A 119 13.15 7.27 57.79
N GLN A 120 12.44 8.37 58.00
CA GLN A 120 11.79 9.10 56.92
C GLN A 120 12.82 10.01 56.25
N VAL A 121 12.57 10.32 54.98
CA VAL A 121 13.54 11.07 54.17
C VAL A 121 13.02 12.47 53.80
N ASP A 122 13.95 13.37 53.52
CA ASP A 122 13.64 14.75 53.16
C ASP A 122 13.37 14.91 51.67
N ILE A 123 13.89 13.99 50.87
CA ILE A 123 13.79 14.07 49.42
C ILE A 123 13.91 12.67 48.81
N ILE A 124 13.05 12.39 47.83
CA ILE A 124 13.13 11.15 47.06
C ILE A 124 13.65 11.50 45.68
N ILE A 125 14.66 10.76 45.22
CA ILE A 125 15.14 10.86 43.83
C ILE A 125 14.87 9.54 43.13
N SER A 126 14.62 9.61 41.83
CA SER A 126 14.42 8.41 41.03
C SER A 126 14.47 8.71 39.55
N GLU A 127 14.58 7.65 38.77
CA GLU A 127 14.42 7.72 37.33
C GLU A 127 13.52 6.56 36.92
N PRO A 128 12.20 6.76 37.03
CA PRO A 128 11.18 5.76 36.72
C PRO A 128 10.48 5.94 35.38
N MET A 129 10.97 6.85 34.54
CA MET A 129 10.34 7.13 33.27
C MET A 129 10.64 6.03 32.26
N GLY A 130 9.58 5.49 31.66
CA GLY A 130 9.71 4.57 30.53
C GLY A 130 9.29 5.25 29.25
N TYR A 131 9.14 4.48 28.18
CA TYR A 131 8.64 5.01 26.92
C TYR A 131 7.28 5.61 27.15
N MET A 132 6.97 6.69 26.44
CA MET A 132 5.71 7.43 26.63
C MET A 132 5.53 7.90 28.07
N LEU A 133 6.65 8.03 28.80
CA LEU A 133 6.66 8.28 30.25
C LEU A 133 6.21 7.09 31.10
N PHE A 134 5.06 6.50 30.76
CA PHE A 134 4.35 5.57 31.66
C PHE A 134 4.72 4.08 31.56
N ASN A 135 5.28 3.62 30.44
CA ASN A 135 5.65 2.21 30.31
C ASN A 135 6.56 1.74 31.46
N GLU A 136 6.40 0.49 31.87
CA GLU A 136 7.11 -0.11 33.01
C GLU A 136 6.39 0.09 34.36
N ARG A 137 5.51 1.10 34.44
CA ARG A 137 4.72 1.39 35.65
C ARG A 137 5.55 1.72 36.90
N MET A 138 6.78 2.21 36.71
CA MET A 138 7.65 2.52 37.83
C MET A 138 7.27 3.84 38.51
N LEU A 139 6.49 4.68 37.83
CA LEU A 139 6.00 5.91 38.45
C LEU A 139 5.17 5.60 39.69
N GLU A 140 4.43 4.49 39.66
CA GLU A 140 3.66 4.06 40.82
C GLU A 140 4.55 3.69 42.00
N SER A 141 5.65 2.99 41.72
CA SER A 141 6.65 2.69 42.75
C SER A 141 7.25 3.98 43.31
N TYR A 142 7.49 4.95 42.43
CA TYR A 142 8.01 6.27 42.81
C TYR A 142 7.03 7.04 43.69
N LEU A 143 5.75 7.00 43.33
CA LEU A 143 4.70 7.63 44.13
C LEU A 143 4.46 6.89 45.42
N HIS A 144 4.39 5.56 45.34
CA HIS A 144 4.29 4.69 46.51
C HIS A 144 5.34 5.01 47.58
N ALA A 145 6.57 5.31 47.15
CA ALA A 145 7.67 5.65 48.05
C ALA A 145 7.44 6.91 48.89
N LYS A 146 6.43 7.72 48.54
CA LYS A 146 6.10 8.91 49.32
C LYS A 146 5.66 8.59 50.75
N LYS A 147 5.28 7.35 51.01
CA LYS A 147 5.03 6.90 52.38
C LYS A 147 6.26 7.08 53.31
N TYR A 148 7.45 7.17 52.73
CA TYR A 148 8.67 7.49 53.48
C TYR A 148 9.02 8.97 53.51
N LEU A 149 8.23 9.79 52.82
CA LEU A 149 8.56 11.21 52.65
C LEU A 149 8.05 12.03 53.83
N LYS A 150 8.92 12.87 54.37
CA LYS A 150 8.53 13.82 55.40
C LYS A 150 7.55 14.85 54.84
N PRO A 151 6.71 15.44 55.72
CA PRO A 151 5.84 16.55 55.31
C PRO A 151 6.63 17.63 54.56
N SER A 152 6.07 18.10 53.45
CA SER A 152 6.73 19.09 52.57
C SER A 152 8.09 18.61 52.05
N GLY A 153 8.25 17.29 51.94
CA GLY A 153 9.44 16.72 51.33
C GLY A 153 9.36 16.87 49.82
N ASN A 154 10.51 16.82 49.15
CA ASN A 154 10.56 17.07 47.73
C ASN A 154 10.69 15.79 46.90
N MET A 155 10.33 15.91 45.62
CA MET A 155 10.44 14.83 44.66
C MET A 155 11.28 15.29 43.48
N PHE A 156 12.28 14.49 43.10
CA PHE A 156 13.14 14.77 41.97
C PHE A 156 13.10 13.55 41.03
N PRO A 157 12.40 13.62 39.91
CA PRO A 157 11.70 14.81 39.40
C PRO A 157 10.40 15.11 40.14
N THR A 158 9.98 16.37 40.06
CA THR A 158 8.81 16.87 40.77
C THR A 158 7.52 16.70 39.98
N ILE A 159 7.58 17.01 38.69
CA ILE A 159 6.42 16.86 37.80
C ILE A 159 6.81 16.24 36.45
N GLY A 160 5.82 15.68 35.77
CA GLY A 160 6.01 15.09 34.45
C GLY A 160 4.90 15.51 33.49
N ASP A 161 5.30 16.02 32.33
CA ASP A 161 4.36 16.39 31.27
C ASP A 161 4.45 15.39 30.14
N VAL A 162 3.30 14.87 29.71
CA VAL A 162 3.21 14.07 28.49
C VAL A 162 2.61 14.93 27.38
N HIS A 163 3.32 15.00 26.26
CA HIS A 163 2.85 15.74 25.10
C HIS A 163 2.38 14.78 24.02
N LEU A 164 1.21 15.07 23.45
CA LEU A 164 0.72 14.32 22.30
C LEU A 164 0.33 15.30 21.18
N ALA A 165 0.51 14.85 19.93
CA ALA A 165 0.24 15.68 18.76
C ALA A 165 0.03 14.82 17.51
N PRO A 166 -0.85 15.26 16.59
CA PRO A 166 -1.09 14.50 15.37
C PRO A 166 0.05 14.68 14.36
N PHE A 167 0.36 13.63 13.61
CA PHE A 167 1.46 13.67 12.65
C PHE A 167 1.07 13.07 11.32
N THR A 168 1.84 13.44 10.29
CA THR A 168 1.71 12.84 8.97
C THR A 168 3.06 12.23 8.58
N ASP A 169 3.07 10.92 8.32
CA ASP A 169 4.26 10.24 7.85
C ASP A 169 3.84 9.08 6.93
N GLU A 170 3.69 9.40 5.66
CA GLU A 170 3.27 8.43 4.64
C GLU A 170 4.18 7.21 4.58
N GLN A 171 5.49 7.44 4.63
CA GLN A 171 6.47 6.36 4.54
C GLN A 171 6.36 5.39 5.72
N LEU A 172 6.18 5.92 6.93
CA LEU A 172 5.98 5.08 8.11
C LEU A 172 4.73 4.23 7.98
N TYR A 173 3.62 4.86 7.59
CA TYR A 173 2.35 4.15 7.46
C TYR A 173 2.45 3.00 6.47
N MET A 174 3.00 3.29 5.29
CA MET A 174 3.12 2.29 4.23
C MET A 174 4.06 1.15 4.61
N GLU A 175 5.15 1.48 5.29
CA GLU A 175 6.09 0.47 5.79
C GLU A 175 5.34 -0.58 6.62
N GLN A 176 4.53 -0.13 7.56
CA GLN A 176 3.75 -1.05 8.41
C GLN A 176 2.63 -1.72 7.63
N PHE A 177 1.99 -0.96 6.75
CA PHE A 177 0.90 -1.49 5.93
C PHE A 177 1.40 -2.60 5.01
N THR A 178 2.55 -2.39 4.40
CA THR A 178 3.18 -3.39 3.52
C THR A 178 3.51 -4.69 4.27
N LYS A 179 3.98 -4.58 5.51
CA LYS A 179 4.24 -5.76 6.33
C LYS A 179 2.97 -6.56 6.56
N ALA A 180 1.90 -5.87 6.95
CA ALA A 180 0.61 -6.50 7.19
C ALA A 180 0.00 -7.08 5.92
N ASN A 181 0.31 -6.47 4.76
CA ASN A 181 -0.21 -6.95 3.48
C ASN A 181 0.46 -8.21 2.94
N PHE A 182 1.49 -8.70 3.64
CA PHE A 182 1.97 -10.07 3.43
C PHE A 182 0.81 -11.05 3.55
N TRP A 183 -0.07 -10.79 4.52
CA TRP A 183 -1.24 -11.63 4.78
C TRP A 183 -2.44 -11.32 3.88
N TYR A 184 -2.24 -10.50 2.85
CA TYR A 184 -3.25 -10.25 1.82
C TYR A 184 -3.02 -11.14 0.59
N GLN A 185 -1.89 -11.83 0.56
CA GLN A 185 -1.55 -12.76 -0.53
C GLN A 185 -2.58 -13.87 -0.71
N PRO A 186 -3.06 -14.08 -1.96
CA PRO A 186 -3.94 -15.21 -2.25
C PRO A 186 -3.21 -16.52 -2.60
N SER A 187 -1.89 -16.48 -2.80
CA SER A 187 -1.18 -17.69 -3.22
C SER A 187 0.29 -17.74 -2.77
N PHE A 188 0.52 -17.60 -1.47
CA PHE A 188 1.85 -17.72 -0.90
C PHE A 188 2.25 -19.20 -0.92
N HIS A 189 3.16 -19.56 -1.82
CA HIS A 189 3.49 -20.96 -2.10
C HIS A 189 2.23 -21.81 -2.31
N GLY A 190 1.27 -21.25 -3.05
CA GLY A 190 0.01 -21.94 -3.35
C GLY A 190 -1.08 -21.84 -2.29
N VAL A 191 -0.88 -20.99 -1.29
CA VAL A 191 -1.79 -20.91 -0.14
C VAL A 191 -2.41 -19.52 -0.01
N ASP A 192 -3.72 -19.48 0.25
CA ASP A 192 -4.46 -18.23 0.39
C ASP A 192 -4.41 -17.79 1.86
N LEU A 193 -3.77 -16.65 2.10
CA LEU A 193 -3.64 -16.10 3.44
C LEU A 193 -4.63 -14.96 3.72
N SER A 194 -5.37 -14.55 2.68
CA SER A 194 -6.11 -13.28 2.68
C SER A 194 -7.15 -13.14 3.80
N ALA A 195 -7.64 -14.26 4.31
CA ALA A 195 -8.60 -14.22 5.43
C ALA A 195 -7.98 -13.67 6.72
N LEU A 196 -6.65 -13.71 6.84
CA LEU A 196 -5.95 -13.17 8.01
C LEU A 196 -5.48 -11.72 7.83
N ARG A 197 -5.88 -11.08 6.73
CA ARG A 197 -5.56 -9.68 6.45
C ARG A 197 -5.88 -8.75 7.62
N GLY A 198 -7.13 -8.79 8.08
CA GLY A 198 -7.60 -7.90 9.14
C GLY A 198 -6.85 -8.11 10.44
N ALA A 199 -6.69 -9.37 10.83
CA ALA A 199 -5.93 -9.73 12.02
C ALA A 199 -4.48 -9.24 11.94
N ALA A 200 -3.88 -9.30 10.76
CA ALA A 200 -2.51 -8.84 10.53
C ALA A 200 -2.39 -7.34 10.73
N VAL A 201 -3.31 -6.59 10.13
CA VAL A 201 -3.37 -5.14 10.30
C VAL A 201 -3.56 -4.78 11.77
N ASP A 202 -4.52 -5.45 12.42
CA ASP A 202 -4.72 -5.27 13.86
C ASP A 202 -3.41 -5.44 14.62
N GLU A 203 -2.74 -6.56 14.39
CA GLU A 203 -1.50 -6.89 15.11
C GLU A 203 -0.42 -5.84 14.92
N TYR A 204 -0.13 -5.52 13.66
CA TYR A 204 0.96 -4.62 13.35
C TYR A 204 0.71 -3.20 13.88
N PHE A 205 -0.51 -2.71 13.74
CA PHE A 205 -0.84 -1.36 14.20
C PHE A 205 -1.12 -1.29 15.71
N ARG A 206 -1.18 -2.44 16.38
CA ARG A 206 -1.15 -2.50 17.84
C ARG A 206 0.21 -2.05 18.40
N GLN A 207 1.27 -2.19 17.61
CA GLN A 207 2.62 -1.83 18.04
C GLN A 207 2.87 -0.32 17.93
N PRO A 208 3.17 0.33 19.07
CA PRO A 208 3.68 1.70 18.95
C PRO A 208 5.06 1.71 18.31
N VAL A 209 5.39 2.80 17.63
CA VAL A 209 6.65 2.92 16.91
C VAL A 209 7.59 3.85 17.67
N VAL A 210 8.68 3.29 18.18
CA VAL A 210 9.67 4.07 18.91
C VAL A 210 10.83 4.44 18.00
N ASP A 211 10.89 5.71 17.62
CA ASP A 211 12.05 6.28 16.94
C ASP A 211 11.93 7.80 16.96
N THR A 212 12.83 8.49 16.27
CA THR A 212 12.75 9.94 16.20
C THR A 212 12.25 10.38 14.83
N PHE A 213 11.92 11.66 14.72
CA PHE A 213 11.38 12.22 13.49
C PHE A 213 11.59 13.72 13.45
N ASP A 214 11.46 14.31 12.28
CA ASP A 214 11.52 15.77 12.14
C ASP A 214 10.19 16.37 12.59
N ILE A 215 10.27 17.52 13.26
CA ILE A 215 9.09 18.20 13.80
C ILE A 215 8.10 18.70 12.75
N ARG A 216 8.54 18.81 11.50
CA ARG A 216 7.68 19.20 10.40
C ARG A 216 6.56 18.21 10.10
N ILE A 217 6.68 16.98 10.59
CA ILE A 217 5.60 15.99 10.43
C ILE A 217 4.40 16.25 11.35
N LEU A 218 4.57 17.12 12.34
CA LEU A 218 3.49 17.44 13.28
C LEU A 218 2.53 18.49 12.70
N MET A 219 1.24 18.21 12.80
CA MET A 219 0.20 18.99 12.13
C MET A 219 -0.55 19.95 13.05
N ALA A 220 -0.21 19.95 14.34
CA ALA A 220 -0.88 20.83 15.30
C ALA A 220 -0.02 21.04 16.55
N LYS A 221 -0.38 22.07 17.31
CA LYS A 221 0.24 22.31 18.60
C LYS A 221 -0.12 21.15 19.53
N SER A 222 0.86 20.68 20.29
CA SER A 222 0.69 19.51 21.14
C SER A 222 -0.22 19.79 22.32
N VAL A 223 -0.89 18.74 22.82
CA VAL A 223 -1.65 18.81 24.06
C VAL A 223 -0.77 18.27 25.20
N LYS A 224 -0.81 18.95 26.33
CA LYS A 224 0.01 18.62 27.50
C LYS A 224 -0.84 18.00 28.60
N TYR A 225 -0.43 16.84 29.11
CA TYR A 225 -1.06 16.24 30.29
C TYR A 225 -0.02 16.16 31.40
N THR A 226 -0.33 16.77 32.54
CA THR A 226 0.63 16.93 33.63
C THR A 226 0.34 16.04 34.83
N VAL A 227 1.37 15.39 35.35
CA VAL A 227 1.30 14.65 36.60
C VAL A 227 2.22 15.34 37.61
N ASN A 228 1.64 15.75 38.73
CA ASN A 228 2.39 16.36 39.83
C ASN A 228 2.72 15.25 40.84
N PHE A 229 3.99 14.86 40.90
CA PHE A 229 4.39 13.73 41.74
C PHE A 229 4.30 14.03 43.24
N LEU A 230 4.34 15.31 43.61
CA LEU A 230 4.08 15.71 45.00
C LEU A 230 2.66 15.40 45.43
N GLU A 231 1.71 15.49 44.50
CA GLU A 231 0.28 15.36 44.80
C GLU A 231 -0.29 13.99 44.43
N ALA A 232 0.16 13.42 43.32
CA ALA A 232 -0.47 12.23 42.77
C ALA A 232 -0.41 11.03 43.71
N LYS A 233 -1.47 10.22 43.67
CA LYS A 233 -1.51 8.92 44.34
C LYS A 233 -1.24 7.89 43.26
N GLU A 234 -0.64 6.77 43.64
CA GLU A 234 -0.34 5.70 42.67
C GLU A 234 -1.59 5.14 41.99
N GLY A 235 -2.74 5.25 42.66
CA GLY A 235 -4.03 4.92 42.06
C GLY A 235 -4.44 5.81 40.89
N ASP A 236 -3.89 7.02 40.83
CA ASP A 236 -4.17 7.95 39.72
C ASP A 236 -3.56 7.51 38.39
N LEU A 237 -2.65 6.53 38.42
CA LEU A 237 -1.99 6.05 37.19
C LEU A 237 -2.53 4.70 36.70
N HIS A 238 -3.63 4.22 37.28
CA HIS A 238 -4.25 2.99 36.81
C HIS A 238 -5.06 3.23 35.53
N ARG A 239 -5.70 4.39 35.45
CA ARG A 239 -6.55 4.73 34.31
C ARG A 239 -6.37 6.20 33.97
N ILE A 240 -5.51 6.49 32.99
CA ILE A 240 -5.18 7.85 32.59
C ILE A 240 -6.00 8.24 31.36
N GLU A 241 -6.89 9.22 31.54
CA GLU A 241 -7.71 9.73 30.45
C GLU A 241 -7.19 11.09 30.00
N ILE A 242 -6.82 11.17 28.73
CA ILE A 242 -6.30 12.40 28.15
C ILE A 242 -7.18 12.82 26.98
N PRO A 243 -8.14 13.74 27.24
CA PRO A 243 -8.92 14.27 26.12
C PRO A 243 -8.07 15.24 25.31
N PHE A 244 -8.34 15.34 24.01
CA PHE A 244 -7.63 16.29 23.16
C PHE A 244 -8.57 16.92 22.14
N LYS A 245 -8.27 18.17 21.80
CA LYS A 245 -8.95 18.88 20.73
C LYS A 245 -7.92 19.72 19.98
N PHE A 246 -7.37 19.14 18.92
CA PHE A 246 -6.33 19.78 18.13
C PHE A 246 -6.90 20.71 17.09
N HIS A 247 -6.33 21.90 16.99
CA HIS A 247 -6.64 22.79 15.88
C HIS A 247 -5.59 22.53 14.81
N MET A 248 -6.01 21.99 13.67
CA MET A 248 -5.09 21.57 12.62
C MET A 248 -4.48 22.80 11.94
N LEU A 249 -3.15 22.81 11.86
CA LEU A 249 -2.42 23.91 11.23
C LEU A 249 -2.02 23.59 9.79
N HIS A 250 -2.06 22.31 9.42
CA HIS A 250 -1.75 21.88 8.06
C HIS A 250 -2.82 20.92 7.55
N SER A 251 -3.05 20.96 6.24
CA SER A 251 -3.94 20.01 5.56
C SER A 251 -3.16 18.77 5.16
N GLY A 252 -3.82 17.62 5.23
CA GLY A 252 -3.21 16.35 4.84
C GLY A 252 -3.75 15.15 5.62
N LEU A 253 -3.09 14.02 5.47
CA LEU A 253 -3.50 12.78 6.12
C LEU A 253 -2.87 12.67 7.50
N VAL A 254 -3.70 12.51 8.53
CA VAL A 254 -3.20 12.29 9.88
C VAL A 254 -3.01 10.80 10.07
N HIS A 255 -1.76 10.37 10.20
CA HIS A 255 -1.43 8.94 10.28
C HIS A 255 -1.37 8.40 11.72
N GLY A 256 -1.48 9.29 12.71
CA GLY A 256 -1.49 8.88 14.10
C GLY A 256 -1.21 10.02 15.06
N LEU A 257 -0.88 9.67 16.30
CA LEU A 257 -0.48 10.63 17.32
C LEU A 257 0.94 10.35 17.78
N ALA A 258 1.77 11.39 17.82
CA ALA A 258 3.13 11.30 18.33
C ALA A 258 3.14 11.69 19.81
N PHE A 259 3.99 11.02 20.59
CA PHE A 259 4.08 11.19 22.03
C PHE A 259 5.52 11.44 22.44
N TRP A 260 5.72 12.37 23.37
CA TRP A 260 6.98 12.51 24.08
C TRP A 260 6.68 12.99 25.49
N PHE A 261 7.71 13.23 26.30
CA PHE A 261 7.48 13.71 27.66
C PHE A 261 8.64 14.54 28.19
N ASP A 262 8.30 15.44 29.11
CA ASP A 262 9.30 16.21 29.85
C ASP A 262 9.08 15.96 31.32
N VAL A 263 10.16 16.04 32.11
CA VAL A 263 10.05 16.08 33.56
C VAL A 263 10.80 17.30 34.08
N ALA A 264 10.34 17.83 35.22
CA ALA A 264 10.94 19.00 35.82
C ALA A 264 11.38 18.72 37.24
N PHE A 265 12.60 19.12 37.57
CA PHE A 265 13.12 19.05 38.92
C PHE A 265 12.98 20.44 39.55
N ILE A 266 11.91 20.64 40.31
CA ILE A 266 11.62 21.95 40.91
C ILE A 266 12.33 22.07 42.25
N GLY A 267 13.51 22.68 42.25
CA GLY A 267 14.34 22.81 43.44
C GLY A 267 14.26 24.18 44.07
N SER A 268 14.98 24.33 45.18
CA SER A 268 14.97 25.57 45.96
C SER A 268 15.83 26.67 45.36
N ILE A 269 16.77 26.30 44.48
CA ILE A 269 17.61 27.25 43.77
C ILE A 269 17.10 27.46 42.34
N MET A 270 16.82 26.37 41.64
CA MET A 270 16.31 26.47 40.27
C MET A 270 15.51 25.25 39.83
N THR A 271 14.76 25.45 38.76
CA THR A 271 13.98 24.40 38.12
C THR A 271 14.74 23.91 36.90
N VAL A 272 14.98 22.60 36.84
CA VAL A 272 15.71 22.00 35.73
C VAL A 272 14.81 21.01 35.00
N TRP A 273 14.81 21.09 33.68
CA TRP A 273 13.94 20.29 32.83
C TRP A 273 14.74 19.21 32.09
N LEU A 274 14.22 17.99 32.09
CA LEU A 274 14.70 16.94 31.20
C LEU A 274 13.60 16.68 30.17
N SER A 275 13.90 16.99 28.91
CA SER A 275 12.92 16.84 27.83
C SER A 275 13.33 15.73 26.86
N THR A 276 12.34 14.99 26.37
CA THR A 276 12.55 14.00 25.31
C THR A 276 11.83 14.42 24.03
N ALA A 277 11.66 15.73 23.85
CA ALA A 277 10.92 16.28 22.70
C ALA A 277 11.69 16.11 21.39
N PRO A 278 10.95 16.04 20.27
CA PRO A 278 11.60 15.94 18.95
C PRO A 278 12.38 17.20 18.55
N THR A 279 12.10 18.32 19.23
CA THR A 279 12.87 19.57 19.07
C THR A 279 14.18 19.57 19.86
N GLU A 280 14.35 18.61 20.76
CA GLU A 280 15.49 18.56 21.66
C GLU A 280 16.45 17.44 21.26
N PRO A 281 17.70 17.49 21.76
CA PRO A 281 18.64 16.44 21.38
C PRO A 281 18.11 15.05 21.76
N LEU A 282 18.51 14.04 20.99
CA LEU A 282 17.98 12.71 21.12
C LEU A 282 18.36 12.06 22.46
N THR A 283 17.38 11.45 23.11
CA THR A 283 17.59 10.62 24.30
C THR A 283 17.31 9.17 23.96
N HIS A 284 17.59 8.27 24.91
CA HIS A 284 17.37 6.84 24.70
C HIS A 284 15.88 6.47 24.74
N TRP A 285 15.03 7.42 25.14
CA TRP A 285 13.58 7.25 25.05
C TRP A 285 13.04 7.58 23.66
N TYR A 286 13.83 8.26 22.84
CA TYR A 286 13.41 8.67 21.50
C TYR A 286 12.05 9.38 21.60
N GLN A 287 11.12 9.06 20.69
CA GLN A 287 9.72 9.45 20.82
C GLN A 287 8.87 8.23 20.44
N VAL A 288 7.57 8.31 20.71
CA VAL A 288 6.67 7.20 20.43
C VAL A 288 5.51 7.68 19.56
N ARG A 289 5.20 6.91 18.52
CA ARG A 289 4.09 7.23 17.63
C ARG A 289 3.10 6.08 17.57
N CYS A 290 1.82 6.40 17.76
CA CYS A 290 0.75 5.43 17.67
C CYS A 290 0.00 5.61 16.36
N LEU A 291 0.12 4.64 15.46
CA LEU A 291 -0.49 4.72 14.13
C LEU A 291 -1.97 4.40 14.15
N PHE A 292 -2.74 5.07 13.29
CA PHE A 292 -4.10 4.67 12.98
C PHE A 292 -4.03 3.65 11.84
N GLN A 293 -4.95 2.71 11.84
CA GLN A 293 -5.04 1.69 10.78
C GLN A 293 -5.40 2.31 9.43
N SER A 294 -6.27 3.32 9.47
CA SER A 294 -6.54 4.14 8.31
C SER A 294 -6.44 5.59 8.76
N PRO A 295 -5.62 6.38 8.04
CA PRO A 295 -5.45 7.77 8.44
C PRO A 295 -6.71 8.62 8.22
N LEU A 296 -6.80 9.74 8.93
CA LEU A 296 -7.92 10.66 8.78
C LEU A 296 -7.51 11.87 7.96
N PHE A 297 -8.34 12.25 7.00
CA PHE A 297 -8.09 13.42 6.17
C PHE A 297 -8.53 14.67 6.90
N ALA A 298 -7.66 15.67 6.92
CA ALA A 298 -7.93 16.91 7.63
C ALA A 298 -7.49 18.11 6.81
N LYS A 299 -8.30 19.16 6.83
CA LYS A 299 -7.93 20.45 6.24
C LYS A 299 -7.40 21.37 7.34
N ALA A 300 -6.54 22.30 6.95
CA ALA A 300 -6.08 23.34 7.88
C ALA A 300 -7.29 24.09 8.40
N GLY A 301 -7.32 24.32 9.72
CA GLY A 301 -8.45 24.97 10.37
C GLY A 301 -9.44 24.01 11.00
N ASP A 302 -9.36 22.72 10.63
CA ASP A 302 -10.22 21.69 11.22
C ASP A 302 -9.82 21.41 12.67
N THR A 303 -10.69 20.73 13.38
CA THR A 303 -10.42 20.30 14.73
C THR A 303 -10.44 18.78 14.80
N LEU A 304 -9.34 18.20 15.26
CA LEU A 304 -9.24 16.77 15.49
C LEU A 304 -9.42 16.55 16.98
N SER A 305 -10.55 15.94 17.36
CA SER A 305 -10.90 15.79 18.76
C SER A 305 -11.10 14.31 19.13
N GLY A 306 -10.79 13.97 20.38
CA GLY A 306 -10.94 12.61 20.85
C GLY A 306 -10.35 12.37 22.22
N THR A 307 -10.07 11.11 22.52
CA THR A 307 -9.55 10.73 23.82
C THR A 307 -8.48 9.66 23.69
N CYS A 308 -7.31 9.93 24.27
CA CYS A 308 -6.29 8.91 24.46
C CYS A 308 -6.44 8.35 25.87
N LEU A 309 -6.65 7.04 25.96
CA LEU A 309 -6.94 6.39 27.25
C LEU A 309 -5.88 5.35 27.56
N LEU A 310 -5.18 5.53 28.68
CA LEU A 310 -4.15 4.61 29.12
C LEU A 310 -4.66 3.78 30.29
N ILE A 311 -4.81 2.48 30.07
CA ILE A 311 -5.31 1.56 31.08
C ILE A 311 -4.18 0.62 31.51
N ALA A 312 -3.71 0.80 32.75
CA ALA A 312 -2.61 0.01 33.27
C ALA A 312 -2.94 -1.47 33.28
N ASN A 313 -2.01 -2.29 32.78
CA ASN A 313 -2.17 -3.75 32.78
C ASN A 313 -1.17 -4.41 33.73
N LYS A 314 -1.28 -5.74 33.86
CA LYS A 314 -0.48 -6.48 34.84
C LYS A 314 0.88 -6.96 34.32
N ARG A 315 1.21 -6.61 33.07
CA ARG A 315 2.54 -6.86 32.52
C ARG A 315 3.40 -5.60 32.60
N GLN A 316 3.20 -4.82 33.66
CA GLN A 316 3.95 -3.58 33.90
C GLN A 316 3.89 -2.59 32.73
N SER A 317 2.72 -2.48 32.11
CA SER A 317 2.56 -1.59 30.97
C SER A 317 1.11 -1.12 30.86
N TYR A 318 0.77 -0.53 29.71
CA TYR A 318 -0.57 0.00 29.48
C TYR A 318 -1.13 -0.48 28.16
N ASP A 319 -2.43 -0.78 28.16
CA ASP A 319 -3.20 -0.90 26.94
C ASP A 319 -3.69 0.50 26.58
N ILE A 320 -3.36 0.93 25.37
CA ILE A 320 -3.67 2.28 24.91
C ILE A 320 -4.88 2.22 23.99
N SER A 321 -5.90 3.01 24.28
CA SER A 321 -6.99 3.21 23.33
C SER A 321 -7.02 4.67 22.91
N ILE A 322 -7.03 4.90 21.60
CA ILE A 322 -7.10 6.24 21.05
C ILE A 322 -8.31 6.31 20.13
N VAL A 323 -9.29 7.11 20.54
CA VAL A 323 -10.42 7.44 19.68
C VAL A 323 -10.18 8.86 19.18
N ALA A 324 -10.34 9.06 17.88
CA ALA A 324 -10.14 10.37 17.27
C ALA A 324 -11.09 10.58 16.11
N GLN A 325 -11.56 11.81 15.94
CA GLN A 325 -12.42 12.14 14.81
C GLN A 325 -12.14 13.54 14.30
N VAL A 326 -12.32 13.72 12.99
CA VAL A 326 -12.32 15.03 12.38
C VAL A 326 -13.74 15.57 12.54
N ASP A 327 -13.89 16.65 13.31
CA ASP A 327 -15.21 17.18 13.66
C ASP A 327 -16.00 17.68 12.46
N GLN A 328 -15.29 18.25 11.48
CA GLN A 328 -15.93 18.85 10.31
C GLN A 328 -16.58 17.83 9.37
N THR A 329 -16.01 16.62 9.29
CA THR A 329 -16.53 15.56 8.41
C THR A 329 -17.12 14.36 9.14
N GLY A 330 -16.84 14.21 10.42
CA GLY A 330 -17.26 13.04 11.19
C GLY A 330 -16.46 11.78 10.86
N SER A 331 -15.29 11.95 10.26
CA SER A 331 -14.41 10.82 9.96
C SER A 331 -13.72 10.37 11.24
N LYS A 332 -13.82 9.08 11.53
CA LYS A 332 -13.53 8.55 12.86
C LYS A 332 -12.51 7.41 12.82
N SER A 333 -11.64 7.38 13.83
CA SER A 333 -10.61 6.34 13.96
C SER A 333 -10.51 5.84 15.40
N SER A 334 -10.75 4.55 15.59
CA SER A 334 -10.63 3.88 16.89
C SER A 334 -9.47 2.91 16.84
N ASN A 335 -8.59 2.98 17.85
CA ASN A 335 -7.36 2.18 17.84
C ASN A 335 -7.03 1.64 19.23
N LEU A 336 -6.50 0.42 19.25
CA LEU A 336 -6.05 -0.23 20.48
C LEU A 336 -4.59 -0.60 20.31
N LEU A 337 -3.73 -0.13 21.23
CA LEU A 337 -2.30 -0.39 21.13
C LEU A 337 -1.71 -1.02 22.39
N ASP A 338 -0.74 -1.91 22.17
CA ASP A 338 -0.07 -2.65 23.22
C ASP A 338 1.31 -2.02 23.45
N LEU A 339 1.42 -1.18 24.48
CA LEU A 339 2.64 -0.44 24.75
C LEU A 339 3.81 -1.35 25.14
N LYS A 340 3.49 -2.51 25.71
CA LYS A 340 4.49 -3.50 26.12
C LYS A 340 5.31 -4.05 24.94
N ASN A 341 4.71 -4.15 23.76
CA ASN A 341 5.39 -4.70 22.58
C ASN A 341 5.48 -3.67 21.44
N PRO A 342 6.44 -2.73 21.54
CA PRO A 342 6.61 -1.70 20.52
C PRO A 342 7.56 -2.12 19.40
N PHE A 343 7.51 -1.38 18.30
CA PHE A 343 8.42 -1.58 17.18
C PHE A 343 9.56 -0.57 17.23
N PHE A 344 10.76 -1.04 17.55
CA PHE A 344 11.94 -0.17 17.60
C PHE A 344 12.48 0.03 16.18
N ARG A 345 12.02 1.12 15.56
CA ARG A 345 12.31 1.38 14.14
C ARG A 345 13.71 1.95 13.89
N TYR A 346 14.20 2.75 14.84
CA TYR A 346 15.55 3.34 14.75
C TYR A 346 16.63 2.28 14.60
N SER B 5 2.24 -33.25 32.76
CA SER B 5 2.73 -33.71 31.42
C SER B 5 4.26 -33.60 31.32
N VAL B 6 4.81 -34.15 30.25
CA VAL B 6 6.26 -34.16 30.03
C VAL B 6 6.81 -32.74 29.80
N PHE B 7 6.10 -31.95 29.01
CA PHE B 7 6.52 -30.57 28.70
C PHE B 7 6.56 -29.73 29.96
N SER B 8 5.50 -29.76 30.74
CA SER B 8 5.40 -28.96 31.98
C SER B 8 6.43 -29.40 33.02
N GLU B 9 6.80 -30.68 33.00
CA GLU B 9 7.82 -31.22 33.90
C GLU B 9 9.19 -30.59 33.63
N ARG B 10 9.56 -30.52 32.34
CA ARG B 10 10.87 -30.02 31.93
C ARG B 10 10.92 -28.51 31.63
N THR B 11 9.77 -27.84 31.64
CA THR B 11 9.70 -26.42 31.27
C THR B 11 9.10 -25.55 32.37
N GLU B 12 9.77 -24.45 32.70
CA GLU B 12 9.21 -23.45 33.60
C GLU B 12 7.98 -22.81 32.98
N GLU B 13 6.94 -22.63 33.78
CA GLU B 13 5.67 -22.05 33.32
C GLU B 13 5.86 -20.71 32.61
N SER B 14 6.69 -19.84 33.20
CA SER B 14 6.90 -18.50 32.65
C SER B 14 7.69 -18.51 31.33
N SER B 15 8.65 -19.43 31.21
CA SER B 15 9.34 -19.64 29.94
C SER B 15 8.36 -20.07 28.87
N ALA B 16 7.42 -20.95 29.24
CA ALA B 16 6.42 -21.47 28.32
C ALA B 16 5.43 -20.39 27.86
N VAL B 17 4.96 -19.57 28.80
CA VAL B 17 4.07 -18.45 28.48
C VAL B 17 4.72 -17.54 27.43
N GLN B 18 5.89 -17.01 27.77
CA GLN B 18 6.66 -16.15 26.88
C GLN B 18 6.92 -16.78 25.50
N TYR B 19 7.26 -18.06 25.52
CA TYR B 19 7.58 -18.79 24.29
C TYR B 19 6.40 -18.87 23.33
N PHE B 20 5.23 -19.24 23.85
CA PHE B 20 4.04 -19.35 23.00
C PHE B 20 3.36 -18.01 22.74
N GLN B 21 3.65 -17.00 23.57
CA GLN B 21 3.27 -15.61 23.24
C GLN B 21 4.00 -15.15 21.99
N PHE B 22 5.28 -15.52 21.88
CA PHE B 22 6.15 -15.11 20.77
C PHE B 22 5.65 -15.68 19.45
N TYR B 23 5.36 -16.97 19.43
CA TYR B 23 4.87 -17.64 18.22
C TYR B 23 3.40 -17.34 17.92
N GLY B 24 2.71 -16.71 18.87
CA GLY B 24 1.35 -16.22 18.66
C GLY B 24 1.24 -14.99 17.78
N TYR B 25 2.36 -14.30 17.55
CA TYR B 25 2.37 -13.16 16.64
C TYR B 25 2.44 -13.61 15.18
N LEU B 26 1.51 -13.13 14.37
CA LEU B 26 1.54 -13.33 12.93
C LEU B 26 2.87 -12.83 12.33
N SER B 27 3.42 -11.76 12.89
CA SER B 27 4.68 -11.21 12.39
C SER B 27 5.86 -12.19 12.53
N GLN B 28 5.85 -13.01 13.57
CA GLN B 28 6.92 -13.99 13.78
C GLN B 28 6.75 -15.20 12.88
N GLN B 29 5.52 -15.67 12.73
CA GLN B 29 5.23 -16.74 11.76
C GLN B 29 5.66 -16.30 10.37
N GLN B 30 5.29 -15.07 10.02
CA GLN B 30 5.66 -14.42 8.78
C GLN B 30 7.18 -14.44 8.57
N ASN B 31 7.92 -14.00 9.58
CA ASN B 31 9.38 -14.00 9.54
C ASN B 31 9.97 -15.33 9.10
N MET B 32 9.43 -16.43 9.66
CA MET B 32 9.84 -17.78 9.28
C MET B 32 9.36 -18.13 7.88
N MET B 33 8.09 -17.84 7.58
CA MET B 33 7.50 -18.14 6.27
C MET B 33 8.28 -17.49 5.12
N GLN B 34 8.67 -16.23 5.28
CA GLN B 34 9.35 -15.51 4.20
C GLN B 34 10.86 -15.76 4.14
N ASP B 35 11.37 -16.62 5.03
CA ASP B 35 12.69 -17.23 4.83
C ASP B 35 12.54 -18.21 3.67
N TYR B 36 12.91 -17.76 2.47
CA TYR B 36 12.64 -18.53 1.25
C TYR B 36 13.38 -19.87 1.22
N VAL B 37 14.63 -19.88 1.68
CA VAL B 37 15.39 -21.13 1.72
C VAL B 37 14.69 -22.15 2.61
N ARG B 38 14.25 -21.70 3.78
CA ARG B 38 13.56 -22.57 4.73
C ARG B 38 12.23 -23.07 4.18
N THR B 39 11.33 -22.14 3.88
CA THR B 39 9.98 -22.50 3.44
C THR B 39 9.99 -23.19 2.09
N GLY B 40 10.81 -22.68 1.18
CA GLY B 40 10.97 -23.26 -0.16
C GLY B 40 11.49 -24.69 -0.12
N THR B 41 12.52 -24.94 0.68
CA THR B 41 13.10 -26.27 0.78
C THR B 41 12.10 -27.27 1.37
N TYR B 42 11.39 -26.87 2.43
CA TYR B 42 10.35 -27.71 3.03
C TYR B 42 9.27 -28.10 2.02
N GLN B 43 8.80 -27.13 1.23
CA GLN B 43 7.80 -27.39 0.19
C GLN B 43 8.35 -28.35 -0.85
N ARG B 44 9.56 -28.05 -1.31
CA ARG B 44 10.24 -28.85 -2.35
C ARG B 44 10.44 -30.29 -1.89
N ALA B 45 10.78 -30.48 -0.62
CA ALA B 45 11.01 -31.80 -0.06
C ALA B 45 9.72 -32.61 0.05
N ILE B 46 8.63 -31.95 0.42
CA ILE B 46 7.33 -32.61 0.59
C ILE B 46 6.72 -33.01 -0.76
N LEU B 47 6.84 -32.15 -1.76
CA LEU B 47 6.23 -32.39 -3.09
C LEU B 47 7.03 -33.36 -3.96
N GLN B 48 8.35 -33.28 -3.93
CA GLN B 48 9.19 -34.19 -4.70
C GLN B 48 9.09 -35.63 -4.18
N ASN B 49 8.76 -35.79 -2.91
CA ASN B 49 8.49 -37.10 -2.32
C ASN B 49 6.98 -37.29 -2.13
N HIS B 50 6.23 -37.10 -3.21
CA HIS B 50 4.76 -37.20 -3.19
C HIS B 50 4.23 -38.58 -2.77
N THR B 51 4.99 -39.64 -3.05
CA THR B 51 4.61 -40.99 -2.65
C THR B 51 4.50 -41.15 -1.13
N ASP B 52 5.30 -40.39 -0.39
CA ASP B 52 5.28 -40.42 1.08
C ASP B 52 4.05 -39.73 1.69
N PHE B 53 3.36 -38.91 0.90
CA PHE B 53 2.19 -38.17 1.37
C PHE B 53 0.87 -38.56 0.69
N LYS B 54 0.94 -39.05 -0.54
CA LYS B 54 -0.26 -39.42 -1.31
C LYS B 54 -1.18 -40.35 -0.50
N ASP B 55 -2.37 -39.85 -0.17
CA ASP B 55 -3.39 -40.60 0.58
C ASP B 55 -2.94 -41.10 1.96
N LYS B 56 -1.97 -40.42 2.58
CA LYS B 56 -1.44 -40.83 3.88
C LYS B 56 -1.95 -39.96 5.01
N ILE B 57 -1.68 -40.40 6.24
CA ILE B 57 -2.05 -39.66 7.44
C ILE B 57 -0.79 -38.96 7.96
N VAL B 58 -0.91 -37.65 8.18
CA VAL B 58 0.25 -36.82 8.54
C VAL B 58 0.02 -36.09 9.86
N LEU B 59 1.10 -35.88 10.60
CA LEU B 59 1.09 -35.06 11.81
C LEU B 59 2.05 -33.89 11.64
N ASP B 60 1.53 -32.67 11.80
CA ASP B 60 2.33 -31.45 11.79
C ASP B 60 2.52 -30.97 13.23
N VAL B 61 3.74 -31.15 13.74
CA VAL B 61 4.07 -30.79 15.13
C VAL B 61 4.43 -29.31 15.20
N GLY B 62 3.55 -28.51 15.80
CA GLY B 62 3.73 -27.07 15.86
C GLY B 62 3.48 -26.44 14.49
N CYS B 63 2.23 -26.53 14.04
CA CYS B 63 1.89 -26.12 12.68
C CYS B 63 2.04 -24.61 12.43
N GLY B 64 1.89 -23.81 13.47
CA GLY B 64 1.95 -22.35 13.33
C GLY B 64 0.85 -21.88 12.40
N SER B 65 1.24 -21.19 11.32
CA SER B 65 0.30 -20.73 10.31
C SER B 65 -0.46 -21.88 9.64
N GLY B 66 0.15 -23.06 9.63
CA GLY B 66 -0.41 -24.22 8.94
C GLY B 66 0.36 -24.51 7.67
N ILE B 67 1.31 -23.63 7.34
CA ILE B 67 2.03 -23.68 6.07
C ILE B 67 2.49 -25.08 5.65
N LEU B 68 3.14 -25.80 6.55
CA LEU B 68 3.71 -27.11 6.21
C LEU B 68 2.62 -28.15 5.96
N SER B 69 1.50 -28.03 6.68
CA SER B 69 0.35 -28.88 6.45
C SER B 69 -0.25 -28.65 5.07
N PHE B 70 -0.38 -27.39 4.67
CA PHE B 70 -0.85 -27.05 3.32
C PHE B 70 0.05 -27.66 2.25
N PHE B 71 1.35 -27.72 2.52
CA PHE B 71 2.28 -28.37 1.61
C PHE B 71 2.05 -29.88 1.55
N ALA B 72 1.66 -30.47 2.68
CA ALA B 72 1.29 -31.89 2.72
C ALA B 72 -0.01 -32.12 1.97
N ALA B 73 -0.96 -31.20 2.12
CA ALA B 73 -2.23 -31.26 1.40
C ALA B 73 -2.04 -31.09 -0.11
N GLN B 74 -1.02 -30.32 -0.50
CA GLN B 74 -0.65 -30.16 -1.91
C GLN B 74 -0.07 -31.44 -2.50
N ALA B 75 0.53 -32.28 -1.65
CA ALA B 75 1.13 -33.55 -2.09
C ALA B 75 0.15 -34.72 -2.05
N GLY B 76 -1.10 -34.47 -1.65
CA GLY B 76 -2.16 -35.46 -1.73
C GLY B 76 -2.43 -36.23 -0.45
N ALA B 77 -2.19 -35.61 0.70
CA ALA B 77 -2.44 -36.25 1.99
C ALA B 77 -3.93 -36.37 2.27
N ARG B 78 -4.36 -37.55 2.73
CA ARG B 78 -5.77 -37.79 3.05
C ARG B 78 -6.15 -37.00 4.29
N LYS B 79 -5.41 -37.22 5.36
CA LYS B 79 -5.66 -36.55 6.64
C LYS B 79 -4.35 -35.95 7.17
N ILE B 80 -4.43 -34.72 7.66
CA ILE B 80 -3.28 -34.03 8.24
C ILE B 80 -3.69 -33.44 9.58
N TYR B 81 -3.04 -33.89 10.65
CA TYR B 81 -3.30 -33.38 11.98
C TYR B 81 -2.30 -32.27 12.29
N ALA B 82 -2.82 -31.08 12.57
CA ALA B 82 -1.99 -29.90 12.76
C ALA B 82 -2.07 -29.43 14.21
N VAL B 83 -1.00 -29.70 14.97
CA VAL B 83 -0.96 -29.38 16.39
C VAL B 83 -0.17 -28.10 16.61
N GLU B 84 -0.69 -27.22 17.47
CA GLU B 84 -0.08 -25.93 17.75
C GLU B 84 -0.53 -25.43 19.12
N ALA B 85 0.43 -25.10 19.97
CA ALA B 85 0.17 -24.75 21.37
C ALA B 85 -0.21 -23.27 21.54
N SER B 86 0.35 -22.40 20.72
CA SER B 86 0.08 -20.96 20.82
C SER B 86 -1.30 -20.61 20.29
N THR B 87 -1.68 -19.34 20.43
CA THR B 87 -2.94 -18.84 19.90
C THR B 87 -2.94 -18.76 18.37
N MET B 88 -1.79 -19.05 17.74
CA MET B 88 -1.71 -19.15 16.28
C MET B 88 -2.63 -20.23 15.72
N ALA B 89 -2.94 -21.23 16.53
CA ALA B 89 -3.87 -22.32 16.17
C ALA B 89 -5.21 -21.79 15.64
N GLN B 90 -5.73 -20.73 16.26
CA GLN B 90 -6.96 -20.08 15.80
C GLN B 90 -6.81 -19.57 14.36
N HIS B 91 -5.70 -18.89 14.08
CA HIS B 91 -5.43 -18.36 12.75
C HIS B 91 -5.20 -19.47 11.73
N ALA B 92 -4.58 -20.56 12.17
CA ALA B 92 -4.39 -21.73 11.32
C ALA B 92 -5.73 -22.32 10.89
N GLU B 93 -6.66 -22.43 11.82
CA GLU B 93 -8.01 -22.93 11.54
C GLU B 93 -8.73 -22.06 10.50
N VAL B 94 -8.60 -20.74 10.65
CA VAL B 94 -9.21 -19.80 9.70
C VAL B 94 -8.70 -20.04 8.28
N LEU B 95 -7.42 -20.36 8.15
CA LEU B 95 -6.82 -20.65 6.84
C LEU B 95 -7.26 -21.99 6.26
N VAL B 96 -7.53 -22.96 7.14
CA VAL B 96 -8.00 -24.26 6.69
C VAL B 96 -9.38 -24.13 6.04
N LYS B 97 -10.28 -23.41 6.71
CA LYS B 97 -11.62 -23.15 6.17
C LYS B 97 -11.57 -22.34 4.88
N SER B 98 -10.76 -21.29 4.87
CA SER B 98 -10.66 -20.40 3.71
C SER B 98 -10.01 -21.03 2.49
N ASN B 99 -9.22 -22.09 2.71
CA ASN B 99 -8.62 -22.86 1.62
C ASN B 99 -9.39 -24.13 1.29
N ASN B 100 -10.59 -24.26 1.86
CA ASN B 100 -11.49 -25.40 1.62
C ASN B 100 -10.81 -26.76 1.88
N LEU B 101 -10.29 -26.93 3.09
CA LEU B 101 -9.58 -28.14 3.48
C LEU B 101 -9.93 -28.61 4.89
N THR B 102 -11.13 -28.29 5.37
CA THR B 102 -11.58 -28.73 6.69
C THR B 102 -11.71 -30.26 6.75
N ASP B 103 -12.07 -30.86 5.62
CA ASP B 103 -12.16 -32.31 5.52
C ASP B 103 -10.81 -33.03 5.64
N ARG B 104 -9.73 -32.37 5.23
CA ARG B 104 -8.40 -32.98 5.18
C ARG B 104 -7.43 -32.50 6.27
N ILE B 105 -7.45 -31.21 6.60
CA ILE B 105 -6.60 -30.68 7.67
C ILE B 105 -7.42 -30.45 8.94
N VAL B 106 -6.99 -31.08 10.05
CA VAL B 106 -7.61 -30.87 11.35
C VAL B 106 -6.61 -30.14 12.24
N VAL B 107 -7.05 -29.03 12.83
CA VAL B 107 -6.21 -28.20 13.67
C VAL B 107 -6.55 -28.43 15.14
N ILE B 108 -5.54 -28.85 15.91
CA ILE B 108 -5.71 -29.20 17.33
C ILE B 108 -4.92 -28.20 18.19
N PRO B 109 -5.64 -27.30 18.88
CA PRO B 109 -4.94 -26.38 19.78
C PRO B 109 -4.47 -27.08 21.05
N GLY B 110 -3.18 -26.95 21.34
CA GLY B 110 -2.58 -27.57 22.52
C GLY B 110 -1.18 -28.07 22.23
N LYS B 111 -0.46 -28.41 23.30
CA LYS B 111 0.91 -28.89 23.18
C LYS B 111 0.86 -30.35 22.71
N VAL B 112 1.78 -30.72 21.82
CA VAL B 112 1.78 -32.06 21.21
C VAL B 112 1.82 -33.21 22.23
N GLU B 113 2.40 -32.95 23.40
CA GLU B 113 2.55 -33.96 24.45
C GLU B 113 1.43 -33.92 25.49
N GLU B 114 0.47 -33.00 25.32
CA GLU B 114 -0.70 -32.91 26.19
C GLU B 114 -2.02 -33.26 25.47
N VAL B 115 -2.10 -33.03 24.16
CA VAL B 115 -3.29 -33.35 23.38
C VAL B 115 -3.34 -34.84 22.98
N SER B 116 -4.52 -35.26 22.54
CA SER B 116 -4.73 -36.63 22.05
C SER B 116 -5.13 -36.63 20.58
N LEU B 117 -4.54 -37.53 19.80
CA LEU B 117 -4.91 -37.71 18.40
C LEU B 117 -5.96 -38.80 18.27
N PRO B 118 -6.94 -38.61 17.35
CA PRO B 118 -7.87 -39.72 17.06
C PRO B 118 -7.14 -41.01 16.67
N GLU B 119 -6.21 -40.91 15.71
CA GLU B 119 -5.54 -42.08 15.17
C GLU B 119 -4.03 -41.89 15.08
N GLN B 120 -3.33 -42.96 14.70
CA GLN B 120 -1.88 -42.93 14.49
C GLN B 120 -1.60 -42.38 13.09
N VAL B 121 -0.32 -42.12 12.78
CA VAL B 121 0.07 -41.45 11.53
C VAL B 121 1.20 -42.17 10.78
N ASP B 122 1.25 -41.98 9.46
CA ASP B 122 2.26 -42.57 8.61
C ASP B 122 3.57 -41.79 8.62
N ILE B 123 3.46 -40.47 8.74
CA ILE B 123 4.62 -39.59 8.66
C ILE B 123 4.40 -38.35 9.51
N ILE B 124 5.47 -37.86 10.14
CA ILE B 124 5.40 -36.63 10.93
C ILE B 124 6.26 -35.57 10.27
N ILE B 125 5.68 -34.38 10.11
CA ILE B 125 6.40 -33.22 9.60
C ILE B 125 6.51 -32.19 10.71
N SER B 126 7.63 -31.47 10.72
CA SER B 126 7.80 -30.36 11.64
C SER B 126 9.01 -29.52 11.25
N GLU B 127 8.98 -28.27 11.70
CA GLU B 127 10.16 -27.42 11.69
C GLU B 127 10.40 -26.98 13.13
N PRO B 128 11.13 -27.80 13.90
CA PRO B 128 11.46 -27.54 15.30
C PRO B 128 12.89 -27.06 15.55
N MET B 129 13.61 -26.67 14.50
CA MET B 129 15.03 -26.31 14.64
C MET B 129 15.19 -24.87 15.12
N GLY B 130 15.87 -24.69 16.25
CA GLY B 130 16.29 -23.36 16.71
C GLY B 130 17.69 -23.09 16.22
N TYR B 131 18.24 -21.93 16.59
CA TYR B 131 19.63 -21.60 16.23
C TYR B 131 20.57 -22.49 17.03
N MET B 132 21.70 -22.85 16.42
CA MET B 132 22.57 -23.91 16.93
C MET B 132 21.80 -25.23 17.03
N LEU B 133 20.77 -25.36 16.17
CA LEU B 133 19.87 -26.53 16.11
C LEU B 133 18.97 -26.72 17.34
N PHE B 134 19.57 -26.77 18.53
CA PHE B 134 18.87 -27.28 19.72
C PHE B 134 18.09 -26.24 20.53
N ASN B 135 18.37 -24.95 20.35
CA ASN B 135 17.69 -23.93 21.15
C ASN B 135 16.18 -24.02 21.01
N GLU B 136 15.49 -23.75 22.12
CA GLU B 136 14.03 -23.88 22.25
C GLU B 136 13.59 -25.25 22.76
N ARG B 137 14.46 -26.25 22.59
CA ARG B 137 14.16 -27.64 22.97
C ARG B 137 12.91 -28.22 22.28
N MET B 138 12.59 -27.74 21.08
CA MET B 138 11.44 -28.27 20.35
C MET B 138 11.73 -29.65 19.72
N LEU B 139 13.02 -29.97 19.52
CA LEU B 139 13.38 -31.30 19.03
C LEU B 139 12.81 -32.40 19.94
N GLU B 140 12.77 -32.14 21.24
CA GLU B 140 12.21 -33.11 22.18
C GLU B 140 10.71 -33.30 21.98
N SER B 141 9.99 -32.22 21.69
CA SER B 141 8.57 -32.31 21.33
C SER B 141 8.40 -33.10 20.03
N TYR B 142 9.32 -32.89 19.09
CA TYR B 142 9.33 -33.60 17.81
C TYR B 142 9.49 -35.10 18.03
N LEU B 143 10.53 -35.49 18.78
CA LEU B 143 10.78 -36.91 19.08
C LEU B 143 9.65 -37.54 19.89
N HIS B 144 9.11 -36.79 20.85
CA HIS B 144 7.98 -37.22 21.66
C HIS B 144 6.75 -37.60 20.83
N ALA B 145 6.58 -36.94 19.68
CA ALA B 145 5.44 -37.20 18.79
C ALA B 145 5.48 -38.57 18.08
N LYS B 146 6.59 -39.30 18.23
CA LYS B 146 6.68 -40.66 17.69
C LYS B 146 5.77 -41.68 18.41
N LYS B 147 5.20 -41.30 19.54
CA LYS B 147 4.16 -42.13 20.19
C LYS B 147 2.90 -42.25 19.31
N TYR B 148 2.70 -41.29 18.40
CA TYR B 148 1.62 -41.32 17.43
C TYR B 148 2.05 -41.89 16.07
N LEU B 149 3.34 -42.16 15.92
CA LEU B 149 3.88 -42.68 14.65
C LEU B 149 3.64 -44.18 14.52
N LYS B 150 3.13 -44.60 13.37
CA LYS B 150 3.00 -46.03 13.06
C LYS B 150 4.40 -46.63 12.91
N PRO B 151 4.54 -47.94 13.20
CA PRO B 151 5.82 -48.59 12.93
C PRO B 151 6.27 -48.41 11.48
N SER B 152 7.57 -48.29 11.26
CA SER B 152 8.15 -48.03 9.94
C SER B 152 7.73 -46.67 9.33
N GLY B 153 7.11 -45.80 10.14
CA GLY B 153 6.73 -44.47 9.69
C GLY B 153 7.93 -43.56 9.56
N ASN B 154 7.76 -42.43 8.86
CA ASN B 154 8.88 -41.55 8.55
C ASN B 154 8.83 -40.23 9.31
N MET B 155 9.99 -39.56 9.38
CA MET B 155 10.13 -38.26 10.00
C MET B 155 10.66 -37.29 8.95
N PHE B 156 9.99 -36.15 8.82
CA PHE B 156 10.40 -35.08 7.89
C PHE B 156 10.60 -33.79 8.68
N PRO B 157 11.84 -33.34 8.90
CA PRO B 157 13.07 -34.00 8.43
C PRO B 157 13.43 -35.25 9.23
N THR B 158 14.32 -36.07 8.67
CA THR B 158 14.63 -37.38 9.21
C THR B 158 15.88 -37.40 10.10
N ILE B 159 16.87 -36.57 9.76
CA ILE B 159 18.06 -36.40 10.60
C ILE B 159 18.44 -34.92 10.70
N GLY B 160 19.29 -34.62 11.68
CA GLY B 160 19.86 -33.28 11.83
C GLY B 160 21.34 -33.35 12.18
N ASP B 161 22.15 -32.65 11.40
CA ASP B 161 23.59 -32.53 11.66
C ASP B 161 23.92 -31.15 12.22
N VAL B 162 24.47 -31.08 13.43
CA VAL B 162 25.04 -29.83 13.93
C VAL B 162 26.53 -29.81 13.60
N HIS B 163 27.01 -28.70 13.06
CA HIS B 163 28.41 -28.55 12.65
C HIS B 163 29.13 -27.59 13.58
N LEU B 164 30.36 -27.95 13.95
CA LEU B 164 31.22 -27.13 14.80
C LEU B 164 32.56 -26.94 14.10
N ALA B 165 33.12 -25.75 14.16
CA ALA B 165 34.43 -25.48 13.58
C ALA B 165 35.09 -24.30 14.28
N PRO B 166 36.42 -24.34 14.42
CA PRO B 166 37.12 -23.25 15.08
C PRO B 166 37.26 -22.04 14.15
N PHE B 167 37.21 -20.84 14.71
CA PHE B 167 37.35 -19.62 13.91
C PHE B 167 38.38 -18.66 14.51
N THR B 168 38.92 -17.80 13.65
CA THR B 168 39.71 -16.64 14.09
C THR B 168 38.94 -15.38 13.72
N ASP B 169 38.56 -14.60 14.72
CA ASP B 169 37.99 -13.28 14.51
C ASP B 169 38.53 -12.36 15.59
N GLU B 170 39.70 -11.80 15.30
CA GLU B 170 40.41 -10.96 16.26
C GLU B 170 39.58 -9.73 16.67
N GLN B 171 38.85 -9.17 15.73
CA GLN B 171 38.04 -7.98 15.99
C GLN B 171 36.81 -8.27 16.86
N LEU B 172 36.15 -9.41 16.61
CA LEU B 172 35.03 -9.83 17.45
C LEU B 172 35.50 -9.98 18.89
N TYR B 173 36.63 -10.65 19.08
CA TYR B 173 37.19 -10.88 20.40
C TYR B 173 37.52 -9.58 21.13
N MET B 174 38.18 -8.65 20.43
CA MET B 174 38.62 -7.41 21.05
C MET B 174 37.45 -6.48 21.37
N GLU B 175 36.41 -6.53 20.53
CA GLU B 175 35.17 -5.77 20.74
C GLU B 175 34.54 -6.00 22.13
N GLN B 176 34.73 -7.19 22.69
CA GLN B 176 34.17 -7.53 23.98
C GLN B 176 34.79 -6.66 25.08
N PHE B 177 36.11 -6.44 24.99
CA PHE B 177 36.82 -5.61 25.97
C PHE B 177 36.64 -4.12 25.69
N THR B 178 36.45 -3.75 24.44
CA THR B 178 36.10 -2.38 24.08
C THR B 178 34.79 -1.97 24.75
N LYS B 179 33.79 -2.83 24.64
CA LYS B 179 32.48 -2.57 25.25
C LYS B 179 32.57 -2.54 26.78
N ALA B 180 33.28 -3.51 27.35
CA ALA B 180 33.43 -3.61 28.80
C ALA B 180 34.26 -2.47 29.40
N ASN B 181 35.15 -1.90 28.60
CA ASN B 181 36.00 -0.79 29.07
C ASN B 181 35.26 0.53 29.30
N PHE B 182 33.97 0.57 28.96
CA PHE B 182 33.13 1.68 29.41
C PHE B 182 33.24 1.85 30.93
N TRP B 183 33.26 0.72 31.64
CA TRP B 183 33.33 0.72 33.10
C TRP B 183 34.70 1.08 33.66
N TYR B 184 35.74 0.99 32.84
CA TYR B 184 37.10 1.30 33.30
C TYR B 184 37.41 2.79 33.14
N GLN B 185 36.82 3.59 34.02
CA GLN B 185 37.19 5.00 34.11
C GLN B 185 36.99 5.53 35.52
N PRO B 186 37.94 6.35 35.99
CA PRO B 186 37.98 6.75 37.38
C PRO B 186 36.99 7.85 37.75
N SER B 187 36.38 8.51 36.78
CA SER B 187 35.44 9.59 37.05
C SER B 187 34.40 9.72 35.95
N PHE B 188 33.44 8.80 35.97
CA PHE B 188 32.22 8.91 35.18
C PHE B 188 31.27 9.78 35.98
N HIS B 189 31.12 11.04 35.57
CA HIS B 189 30.34 12.03 36.33
C HIS B 189 30.74 12.00 37.82
N GLY B 190 32.05 11.90 38.08
CA GLY B 190 32.58 11.88 39.43
C GLY B 190 32.72 10.50 40.08
N VAL B 191 32.22 9.47 39.41
CA VAL B 191 32.19 8.11 39.98
C VAL B 191 33.23 7.19 39.33
N ASP B 192 34.00 6.49 40.17
CA ASP B 192 34.94 5.48 39.72
C ASP B 192 34.19 4.18 39.46
N LEU B 193 34.09 3.80 38.18
CA LEU B 193 33.32 2.63 37.77
C LEU B 193 34.16 1.36 37.60
N SER B 194 35.48 1.47 37.76
CA SER B 194 36.40 0.43 37.32
C SER B 194 36.28 -0.92 38.03
N ALA B 195 35.72 -0.92 39.23
CA ALA B 195 35.53 -2.16 40.00
C ALA B 195 34.57 -3.14 39.33
N LEU B 196 33.72 -2.65 38.42
CA LEU B 196 32.76 -3.50 37.71
C LEU B 196 33.22 -3.96 36.32
N ARG B 197 34.41 -3.55 35.90
CA ARG B 197 34.87 -3.84 34.54
C ARG B 197 35.00 -5.33 34.30
N GLY B 198 35.60 -6.04 35.27
CA GLY B 198 35.72 -7.49 35.21
C GLY B 198 34.38 -8.20 35.09
N ALA B 199 33.38 -7.68 35.81
CA ALA B 199 32.03 -8.25 35.77
C ALA B 199 31.35 -7.99 34.43
N ALA B 200 31.65 -6.84 33.82
CA ALA B 200 31.12 -6.54 32.49
C ALA B 200 31.72 -7.48 31.43
N VAL B 201 33.01 -7.75 31.53
CA VAL B 201 33.67 -8.68 30.61
C VAL B 201 33.02 -10.07 30.68
N ASP B 202 32.78 -10.56 31.90
CA ASP B 202 32.18 -11.88 32.08
C ASP B 202 30.80 -11.98 31.45
N GLU B 203 30.04 -10.90 31.58
CA GLU B 203 28.69 -10.82 31.03
C GLU B 203 28.69 -10.98 29.50
N TYR B 204 29.56 -10.25 28.81
CA TYR B 204 29.61 -10.30 27.34
C TYR B 204 30.06 -11.66 26.81
N PHE B 205 31.03 -12.27 27.46
CA PHE B 205 31.51 -13.60 27.09
C PHE B 205 30.49 -14.72 27.30
N ARG B 206 29.52 -14.51 28.20
CA ARG B 206 28.45 -15.49 28.39
C ARG B 206 27.46 -15.56 27.23
N GLN B 207 27.53 -14.60 26.30
CA GLN B 207 26.58 -14.53 25.18
C GLN B 207 27.13 -15.14 23.90
N PRO B 208 26.46 -16.17 23.37
CA PRO B 208 26.80 -16.59 22.01
C PRO B 208 26.40 -15.50 21.02
N VAL B 209 27.22 -15.32 19.97
CA VAL B 209 26.97 -14.30 18.98
C VAL B 209 26.23 -14.90 17.79
N VAL B 210 25.00 -14.45 17.58
CA VAL B 210 24.23 -14.84 16.41
C VAL B 210 24.42 -13.81 15.30
N ASP B 211 25.23 -14.17 14.31
CA ASP B 211 25.29 -13.47 13.04
C ASP B 211 25.95 -14.35 11.99
N THR B 212 26.11 -13.84 10.78
CA THR B 212 26.83 -14.54 9.73
C THR B 212 28.25 -13.99 9.62
N PHE B 213 29.05 -14.63 8.79
CA PHE B 213 30.46 -14.24 8.62
C PHE B 213 31.02 -14.83 7.34
N ASP B 214 32.14 -14.25 6.89
CA ASP B 214 32.89 -14.76 5.77
C ASP B 214 33.53 -16.08 6.17
N ILE B 215 33.42 -17.10 5.32
CA ILE B 215 33.96 -18.43 5.63
C ILE B 215 35.48 -18.46 5.81
N ARG B 216 36.18 -17.41 5.38
CA ARG B 216 37.64 -17.33 5.53
C ARG B 216 38.11 -17.34 7.00
N ILE B 217 37.22 -17.00 7.94
CA ILE B 217 37.56 -17.05 9.36
C ILE B 217 37.69 -18.49 9.88
N LEU B 218 37.12 -19.45 9.16
CA LEU B 218 37.14 -20.86 9.60
C LEU B 218 38.53 -21.47 9.41
N MET B 219 39.03 -22.12 10.47
CA MET B 219 40.40 -22.62 10.50
CA MET B 219 40.40 -22.62 10.53
C MET B 219 40.50 -24.14 10.33
N ALA B 220 39.36 -24.81 10.22
CA ALA B 220 39.35 -26.26 10.03
C ALA B 220 37.99 -26.73 9.53
N LYS B 221 38.00 -27.91 8.90
CA LYS B 221 36.76 -28.55 8.48
C LYS B 221 35.90 -28.81 9.72
N SER B 222 34.60 -28.63 9.57
CA SER B 222 33.68 -28.82 10.68
C SER B 222 33.64 -30.26 11.13
N VAL B 223 33.31 -30.45 12.40
CA VAL B 223 33.00 -31.76 12.95
C VAL B 223 31.50 -31.75 13.15
N LYS B 224 30.84 -32.85 12.81
CA LYS B 224 29.39 -32.91 12.97
C LYS B 224 28.95 -33.91 14.03
N TYR B 225 27.87 -33.55 14.70
CA TYR B 225 27.20 -34.42 15.66
C TYR B 225 25.81 -34.67 15.09
N THR B 226 25.47 -35.94 14.89
CA THR B 226 24.25 -36.30 14.18
C THR B 226 23.18 -36.81 15.12
N VAL B 227 21.95 -36.35 14.88
CA VAL B 227 20.78 -36.86 15.55
C VAL B 227 19.86 -37.48 14.51
N ASN B 228 19.67 -38.80 14.59
CA ASN B 228 18.69 -39.48 13.78
C ASN B 228 17.34 -39.39 14.47
N PHE B 229 16.37 -38.72 13.84
CA PHE B 229 15.09 -38.48 14.49
C PHE B 229 14.22 -39.74 14.56
N LEU B 230 14.47 -40.71 13.69
CA LEU B 230 13.78 -42.01 13.72
C LEU B 230 14.19 -42.85 14.93
N GLU B 231 15.46 -42.76 15.31
CA GLU B 231 16.05 -43.61 16.35
C GLU B 231 16.10 -42.95 17.73
N ALA B 232 16.41 -41.65 17.76
CA ALA B 232 16.67 -40.93 19.02
C ALA B 232 15.44 -40.84 19.94
N LYS B 233 15.71 -40.71 21.23
CA LYS B 233 14.67 -40.51 22.24
C LYS B 233 14.82 -39.12 22.83
N GLU B 234 13.78 -38.63 23.50
CA GLU B 234 13.83 -37.32 24.16
C GLU B 234 15.08 -37.19 25.03
N GLY B 235 15.34 -38.20 25.85
CA GLY B 235 16.45 -38.21 26.80
C GLY B 235 17.84 -38.02 26.20
N ASP B 236 18.00 -38.37 24.92
CA ASP B 236 19.27 -38.16 24.23
C ASP B 236 19.67 -36.67 24.16
N LEU B 237 18.69 -35.78 24.30
CA LEU B 237 18.93 -34.34 24.14
C LEU B 237 18.95 -33.56 25.46
N HIS B 238 18.81 -34.25 26.60
CA HIS B 238 18.96 -33.61 27.91
C HIS B 238 20.42 -33.22 28.18
N ARG B 239 21.35 -34.06 27.71
CA ARG B 239 22.78 -33.80 27.85
C ARG B 239 23.45 -34.20 26.55
N ILE B 240 23.92 -33.23 25.81
CA ILE B 240 24.48 -33.47 24.48
C ILE B 240 25.99 -33.23 24.54
N GLU B 241 26.76 -34.33 24.57
CA GLU B 241 28.21 -34.25 24.55
C GLU B 241 28.69 -34.33 23.12
N ILE B 242 29.32 -33.26 22.64
CA ILE B 242 29.86 -33.20 21.29
C ILE B 242 31.37 -33.12 21.40
N PRO B 243 32.05 -34.27 21.25
CA PRO B 243 33.51 -34.25 21.27
C PRO B 243 34.02 -33.79 19.92
N PHE B 244 35.19 -33.17 19.90
CA PHE B 244 35.78 -32.73 18.65
C PHE B 244 37.29 -32.86 18.65
N LYS B 245 37.83 -33.10 17.47
CA LYS B 245 39.27 -33.06 17.22
C LYS B 245 39.45 -32.45 15.84
N PHE B 246 39.85 -31.18 15.80
CA PHE B 246 39.99 -30.46 14.53
C PHE B 246 41.38 -30.63 13.97
N HIS B 247 41.46 -31.10 12.73
CA HIS B 247 42.71 -31.12 11.99
C HIS B 247 42.87 -29.75 11.35
N MET B 248 43.76 -28.94 11.92
CA MET B 248 43.84 -27.52 11.59
C MET B 248 44.38 -27.32 10.17
N LEU B 249 43.60 -26.61 9.36
CA LEU B 249 43.97 -26.31 7.98
C LEU B 249 44.73 -24.98 7.83
N HIS B 250 44.63 -24.10 8.83
CA HIS B 250 45.32 -22.81 8.83
C HIS B 250 45.93 -22.50 10.19
N SER B 251 46.95 -21.64 10.19
CA SER B 251 47.64 -21.24 11.42
C SER B 251 47.14 -19.87 11.89
N GLY B 252 46.99 -19.71 13.20
CA GLY B 252 46.56 -18.44 13.78
C GLY B 252 46.02 -18.57 15.20
N LEU B 253 45.50 -17.47 15.73
CA LEU B 253 44.82 -17.47 17.03
C LEU B 253 43.36 -17.91 16.86
N VAL B 254 42.99 -19.00 17.52
CA VAL B 254 41.62 -19.50 17.51
C VAL B 254 40.86 -18.80 18.63
N HIS B 255 39.81 -18.07 18.27
CA HIS B 255 39.05 -17.27 19.24
C HIS B 255 37.75 -17.93 19.72
N GLY B 256 37.31 -18.96 19.02
CA GLY B 256 36.11 -19.68 19.45
C GLY B 256 35.66 -20.75 18.48
N LEU B 257 34.43 -21.20 18.68
CA LEU B 257 33.81 -22.23 17.85
C LEU B 257 32.60 -21.65 17.14
N ALA B 258 32.53 -21.89 15.84
CA ALA B 258 31.39 -21.48 15.03
C ALA B 258 30.45 -22.67 14.84
N PHE B 259 29.15 -22.41 14.93
CA PHE B 259 28.13 -23.44 14.85
C PHE B 259 27.19 -23.16 13.70
N TRP B 260 26.74 -24.24 13.05
CA TRP B 260 25.58 -24.18 12.15
C TRP B 260 24.91 -25.55 12.13
N PHE B 261 23.88 -25.71 11.31
CA PHE B 261 23.25 -27.03 11.17
C PHE B 261 22.60 -27.26 9.81
N ASP B 262 22.51 -28.54 9.45
CA ASP B 262 21.75 -28.98 8.28
C ASP B 262 20.73 -30.01 8.76
N VAL B 263 19.66 -30.20 8.00
CA VAL B 263 18.72 -31.30 8.21
C VAL B 263 18.43 -31.96 6.88
N ALA B 264 18.10 -33.25 6.90
CA ALA B 264 17.77 -33.99 5.68
C ALA B 264 16.39 -34.61 5.76
N PHE B 265 15.66 -34.50 4.66
CA PHE B 265 14.35 -35.12 4.50
C PHE B 265 14.58 -36.36 3.64
N ILE B 266 14.74 -37.51 4.29
CA ILE B 266 15.04 -38.75 3.58
C ILE B 266 13.74 -39.41 3.15
N GLY B 267 13.31 -39.09 1.94
CA GLY B 267 12.06 -39.62 1.38
C GLY B 267 12.27 -40.85 0.51
N SER B 268 11.16 -41.38 0.00
CA SER B 268 11.19 -42.57 -0.86
C SER B 268 11.79 -42.25 -2.23
N ILE B 269 11.43 -41.09 -2.77
CA ILE B 269 11.85 -40.70 -4.12
C ILE B 269 13.26 -40.10 -4.08
N MET B 270 13.48 -39.14 -3.18
CA MET B 270 14.80 -38.51 -3.05
C MET B 270 15.07 -37.91 -1.67
N THR B 271 16.32 -37.52 -1.45
CA THR B 271 16.78 -36.91 -0.21
C THR B 271 17.08 -35.42 -0.44
N VAL B 272 16.37 -34.57 0.31
CA VAL B 272 16.49 -33.12 0.19
C VAL B 272 17.15 -32.55 1.44
N TRP B 273 18.08 -31.61 1.22
CA TRP B 273 18.84 -30.98 2.30
C TRP B 273 18.45 -29.52 2.51
N LEU B 274 18.27 -29.14 3.77
CA LEU B 274 18.14 -27.74 4.17
C LEU B 274 19.33 -27.38 5.02
N SER B 275 20.24 -26.57 4.48
CA SER B 275 21.47 -26.20 5.18
C SER B 275 21.46 -24.76 5.64
N THR B 276 21.98 -24.51 6.84
CA THR B 276 22.15 -23.14 7.35
C THR B 276 23.64 -22.81 7.46
N ALA B 277 24.46 -23.45 6.62
CA ALA B 277 25.91 -23.27 6.67
C ALA B 277 26.32 -21.92 6.11
N PRO B 278 27.48 -21.39 6.54
CA PRO B 278 27.95 -20.10 6.04
C PRO B 278 28.41 -20.12 4.57
N THR B 279 28.52 -21.30 3.97
CA THR B 279 28.76 -21.44 2.52
C THR B 279 27.48 -21.28 1.69
N GLU B 280 26.32 -21.43 2.34
CA GLU B 280 25.03 -21.36 1.69
C GLU B 280 24.39 -19.98 1.89
N PRO B 281 23.34 -19.66 1.13
CA PRO B 281 22.68 -18.37 1.32
C PRO B 281 22.09 -18.21 2.73
N LEU B 282 22.07 -16.98 3.22
CA LEU B 282 21.68 -16.69 4.60
C LEU B 282 20.24 -17.13 4.91
N THR B 283 20.05 -17.76 6.07
CA THR B 283 18.73 -18.06 6.59
C THR B 283 18.49 -17.20 7.81
N HIS B 284 17.28 -17.26 8.35
CA HIS B 284 16.95 -16.50 9.56
C HIS B 284 17.62 -17.10 10.81
N TRP B 285 18.19 -18.30 10.68
CA TRP B 285 19.00 -18.89 11.75
C TRP B 285 20.41 -18.31 11.81
N TYR B 286 20.84 -17.64 10.75
CA TYR B 286 22.20 -17.09 10.65
C TYR B 286 23.22 -18.19 10.98
N GLN B 287 24.24 -17.87 11.77
CA GLN B 287 25.07 -18.87 12.41
C GLN B 287 25.32 -18.43 13.85
N VAL B 288 25.97 -19.28 14.64
CA VAL B 288 26.25 -18.96 16.03
C VAL B 288 27.74 -19.13 16.32
N ARG B 289 28.30 -18.19 17.08
CA ARG B 289 29.67 -18.29 17.53
C ARG B 289 29.78 -18.13 19.03
N CYS B 290 30.55 -19.04 19.65
CA CYS B 290 30.86 -18.97 21.07
C CYS B 290 32.35 -18.74 21.23
N LEU B 291 32.71 -17.61 21.85
CA LEU B 291 34.11 -17.28 22.08
C LEU B 291 34.71 -18.10 23.21
N PHE B 292 36.01 -18.39 23.11
CA PHE B 292 36.80 -18.83 24.25
C PHE B 292 37.12 -17.61 25.07
N GLN B 293 37.34 -17.81 26.38
CA GLN B 293 37.81 -16.73 27.25
C GLN B 293 39.21 -16.26 26.84
N SER B 294 40.05 -17.20 26.46
CA SER B 294 41.42 -16.91 26.02
C SER B 294 41.66 -17.60 24.68
N PRO B 295 42.28 -16.88 23.72
CA PRO B 295 42.58 -17.51 22.44
C PRO B 295 43.71 -18.53 22.52
N LEU B 296 43.74 -19.45 21.56
CA LEU B 296 44.77 -20.49 21.50
C LEU B 296 45.51 -20.39 20.17
N PHE B 297 46.84 -20.36 20.22
CA PHE B 297 47.62 -20.42 18.99
C PHE B 297 47.65 -21.86 18.49
N ALA B 298 47.37 -22.01 17.19
CA ALA B 298 47.42 -23.32 16.53
C ALA B 298 48.14 -23.18 15.19
N LYS B 299 48.92 -24.21 14.85
CA LYS B 299 49.58 -24.29 13.56
C LYS B 299 48.75 -25.19 12.65
N ALA B 300 48.83 -24.95 11.35
CA ALA B 300 48.26 -25.89 10.39
C ALA B 300 48.93 -27.24 10.63
N GLY B 301 48.12 -28.30 10.67
CA GLY B 301 48.61 -29.64 10.99
C GLY B 301 48.33 -30.09 12.41
N ASP B 302 48.26 -29.14 13.34
CA ASP B 302 47.94 -29.43 14.74
C ASP B 302 46.53 -29.99 14.88
N THR B 303 46.24 -30.52 16.07
CA THR B 303 44.92 -31.01 16.41
C THR B 303 44.40 -30.22 17.61
N LEU B 304 43.27 -29.55 17.42
CA LEU B 304 42.60 -28.82 18.49
C LEU B 304 41.46 -29.70 18.95
N SER B 305 41.57 -30.24 20.15
CA SER B 305 40.59 -31.20 20.66
C SER B 305 39.87 -30.66 21.88
N GLY B 306 38.73 -31.26 22.19
CA GLY B 306 37.95 -30.87 23.35
C GLY B 306 36.52 -31.34 23.27
N THR B 307 35.67 -30.71 24.08
CA THR B 307 34.26 -31.09 24.15
C THR B 307 33.38 -29.85 24.16
N CYS B 308 32.28 -29.90 23.41
CA CYS B 308 31.19 -28.96 23.58
C CYS B 308 30.05 -29.69 24.28
N LEU B 309 29.81 -29.33 25.54
CA LEU B 309 28.78 -29.99 26.33
C LEU B 309 27.58 -29.07 26.47
N LEU B 310 26.43 -29.51 25.93
CA LEU B 310 25.20 -28.75 26.02
C LEU B 310 24.31 -29.36 27.09
N ILE B 311 24.06 -28.62 28.17
CA ILE B 311 23.23 -29.10 29.27
C ILE B 311 21.89 -28.38 29.24
N ALA B 312 20.82 -29.15 29.07
CA ALA B 312 19.48 -28.59 28.94
C ALA B 312 19.04 -27.95 30.24
N ASN B 313 18.32 -26.84 30.13
CA ASN B 313 17.75 -26.15 31.29
C ASN B 313 16.24 -26.02 31.13
N LYS B 314 15.57 -25.55 32.18
CA LYS B 314 14.10 -25.47 32.18
C LYS B 314 13.57 -24.15 31.59
N ARG B 315 14.45 -23.37 30.97
CA ARG B 315 14.06 -22.19 30.20
C ARG B 315 14.11 -22.50 28.70
N GLN B 316 13.86 -23.76 28.35
CA GLN B 316 13.81 -24.20 26.94
C GLN B 316 15.08 -23.87 26.18
N SER B 317 16.23 -24.11 26.81
CA SER B 317 17.50 -23.86 26.17
C SER B 317 18.61 -24.66 26.86
N TYR B 318 19.86 -24.25 26.63
CA TYR B 318 21.02 -24.99 27.09
C TYR B 318 22.07 -24.08 27.71
N ASP B 319 22.77 -24.61 28.71
CA ASP B 319 24.01 -24.04 29.20
C ASP B 319 25.13 -24.71 28.42
N ILE B 320 25.92 -23.88 27.74
CA ILE B 320 26.97 -24.37 26.86
C ILE B 320 28.29 -24.37 27.62
N SER B 321 28.91 -25.54 27.72
CA SER B 321 30.25 -25.65 28.28
C SER B 321 31.21 -26.11 27.19
N ILE B 322 32.18 -25.26 26.88
CA ILE B 322 33.15 -25.56 25.85
C ILE B 322 34.56 -25.61 26.45
N VAL B 323 35.22 -26.75 26.26
CA VAL B 323 36.62 -26.92 26.66
C VAL B 323 37.40 -27.34 25.41
N ALA B 324 38.55 -26.71 25.21
CA ALA B 324 39.38 -26.99 24.02
C ALA B 324 40.86 -26.85 24.35
N GLN B 325 41.68 -27.71 23.73
CA GLN B 325 43.13 -27.62 23.86
C GLN B 325 43.84 -27.96 22.56
N VAL B 326 44.98 -27.33 22.35
CA VAL B 326 45.88 -27.68 21.26
C VAL B 326 46.78 -28.80 21.78
N ASP B 327 46.65 -29.99 21.19
CA ASP B 327 47.29 -31.19 21.71
C ASP B 327 48.82 -31.13 21.71
N GLN B 328 49.38 -30.45 20.72
CA GLN B 328 50.83 -30.42 20.52
C GLN B 328 51.54 -29.47 21.48
N THR B 329 50.81 -28.48 22.01
CA THR B 329 51.39 -27.46 22.89
C THR B 329 50.91 -27.54 24.35
N GLY B 330 49.74 -28.15 24.57
CA GLY B 330 49.12 -28.19 25.90
C GLY B 330 48.27 -26.97 26.23
N SER B 331 48.35 -25.94 25.40
CA SER B 331 47.63 -24.68 25.62
C SER B 331 46.12 -24.93 25.51
N LYS B 332 45.37 -24.43 26.49
CA LYS B 332 43.95 -24.75 26.59
C LYS B 332 43.10 -23.57 27.06
N SER B 333 41.82 -23.63 26.75
CA SER B 333 40.86 -22.64 27.19
C SER B 333 39.45 -23.21 27.28
N SER B 334 38.54 -22.39 27.78
CA SER B 334 37.16 -22.79 27.95
C SER B 334 36.22 -21.59 27.98
N ASN B 335 34.92 -21.87 28.02
CA ASN B 335 33.93 -20.86 28.36
C ASN B 335 32.60 -21.50 28.74
N LEU B 336 31.82 -20.76 29.52
CA LEU B 336 30.45 -21.10 29.85
C LEU B 336 29.54 -20.08 29.18
N LEU B 337 28.62 -20.53 28.35
CA LEU B 337 27.72 -19.61 27.67
C LEU B 337 26.26 -19.95 27.91
N ASP B 338 25.44 -18.91 27.79
CA ASP B 338 24.00 -18.99 27.97
CA ASP B 338 23.99 -19.00 27.96
C ASP B 338 23.33 -18.94 26.60
N LEU B 339 22.87 -20.08 26.10
CA LEU B 339 22.30 -20.15 24.76
C LEU B 339 21.03 -19.30 24.60
N LYS B 340 20.20 -19.24 25.64
CA LYS B 340 18.95 -18.46 25.60
C LYS B 340 19.14 -16.94 25.54
N ASN B 341 20.33 -16.46 25.91
CA ASN B 341 20.61 -15.02 25.89
C ASN B 341 21.75 -14.67 24.95
N PRO B 342 21.51 -14.82 23.63
CA PRO B 342 22.57 -14.53 22.67
C PRO B 342 22.61 -13.06 22.29
N PHE B 343 23.78 -12.60 21.86
CA PHE B 343 23.92 -11.27 21.31
C PHE B 343 23.61 -11.32 19.82
N PHE B 344 22.55 -10.63 19.40
CA PHE B 344 22.20 -10.57 17.99
C PHE B 344 22.99 -9.44 17.31
N ARG B 345 24.01 -9.83 16.54
CA ARG B 345 25.04 -8.91 16.04
C ARG B 345 24.82 -8.43 14.59
N TYR B 346 24.10 -9.21 13.79
CA TYR B 346 23.77 -8.82 12.40
C TYR B 346 22.56 -7.88 12.34
N THR B 347 22.25 -7.19 13.43
CA THR B 347 20.97 -6.53 13.61
C THR B 347 20.77 -5.35 12.63
N VAL C 6 -21.57 -8.96 -41.55
CA VAL C 6 -20.53 -9.45 -40.59
C VAL C 6 -20.26 -8.46 -39.46
N PHE C 7 -20.09 -7.18 -39.80
CA PHE C 7 -19.73 -6.15 -38.83
C PHE C 7 -20.80 -5.94 -37.77
N SER C 8 -22.04 -5.71 -38.20
CA SER C 8 -23.15 -5.43 -37.28
C SER C 8 -23.48 -6.62 -36.38
N GLU C 9 -23.27 -7.83 -36.90
CA GLU C 9 -23.47 -9.06 -36.12
C GLU C 9 -22.50 -9.17 -34.94
N ARG C 10 -21.25 -8.75 -35.16
CA ARG C 10 -20.21 -8.87 -34.12
C ARG C 10 -19.94 -7.56 -33.36
N THR C 11 -20.76 -6.54 -33.59
CA THR C 11 -20.54 -5.23 -32.99
C THR C 11 -21.83 -4.64 -32.41
N GLU C 12 -21.76 -4.15 -31.18
CA GLU C 12 -22.89 -3.45 -30.55
C GLU C 12 -23.13 -2.07 -31.16
N GLU C 13 -24.24 -1.45 -30.78
CA GLU C 13 -24.61 -0.12 -31.27
C GLU C 13 -23.76 0.96 -30.59
N SER C 14 -23.84 1.01 -29.26
CA SER C 14 -23.15 2.03 -28.45
C SER C 14 -21.64 2.10 -28.73
N SER C 15 -21.03 0.95 -29.02
CA SER C 15 -19.61 0.87 -29.32
C SER C 15 -19.29 1.44 -30.72
N ALA C 16 -20.03 1.00 -31.72
CA ALA C 16 -19.77 1.39 -33.12
C ALA C 16 -20.03 2.86 -33.40
N VAL C 17 -21.02 3.44 -32.72
CA VAL C 17 -21.30 4.88 -32.82
C VAL C 17 -20.12 5.66 -32.23
N GLN C 18 -19.77 5.31 -31.00
CA GLN C 18 -18.64 5.91 -30.29
C GLN C 18 -17.34 5.79 -31.10
N TYR C 19 -17.16 4.64 -31.74
CA TYR C 19 -15.93 4.31 -32.47
C TYR C 19 -15.71 5.21 -33.69
N PHE C 20 -16.65 5.19 -34.62
CA PHE C 20 -16.49 5.94 -35.88
C PHE C 20 -16.68 7.44 -35.70
N GLN C 21 -17.31 7.85 -34.60
CA GLN C 21 -17.35 9.24 -34.21
C GLN C 21 -15.92 9.71 -33.90
N PHE C 22 -15.22 8.94 -33.07
CA PHE C 22 -13.82 9.19 -32.69
C PHE C 22 -12.92 9.43 -33.91
N TYR C 23 -13.01 8.55 -34.91
CA TYR C 23 -12.16 8.65 -36.10
C TYR C 23 -12.66 9.68 -37.13
N GLY C 24 -13.83 10.26 -36.89
CA GLY C 24 -14.33 11.36 -37.70
C GLY C 24 -13.68 12.71 -37.40
N TYR C 25 -12.91 12.78 -36.32
CA TYR C 25 -12.27 14.02 -35.90
C TYR C 25 -10.89 14.17 -36.53
N LEU C 26 -10.63 15.36 -37.06
CA LEU C 26 -9.34 15.70 -37.67
C LEU C 26 -8.20 15.69 -36.64
N SER C 27 -8.50 16.11 -35.42
CA SER C 27 -7.53 16.06 -34.33
C SER C 27 -6.92 14.66 -34.16
N GLN C 28 -7.76 13.63 -34.31
CA GLN C 28 -7.30 12.25 -34.17
C GLN C 28 -6.47 11.77 -35.34
N GLN C 29 -6.85 12.15 -36.56
CA GLN C 29 -6.05 11.84 -37.74
C GLN C 29 -4.68 12.50 -37.59
N GLN C 30 -4.69 13.78 -37.21
CA GLN C 30 -3.46 14.52 -36.96
C GLN C 30 -2.55 13.77 -35.98
N ASN C 31 -3.13 13.27 -34.89
CA ASN C 31 -2.38 12.56 -33.86
C ASN C 31 -1.64 11.35 -34.41
N MET C 32 -2.34 10.53 -35.18
CA MET C 32 -1.74 9.37 -35.83
C MET C 32 -0.72 9.80 -36.87
N MET C 33 -1.09 10.79 -37.67
CA MET C 33 -0.26 11.25 -38.78
C MET C 33 1.09 11.77 -38.32
N GLN C 34 1.09 12.56 -37.24
CA GLN C 34 2.34 13.14 -36.73
C GLN C 34 3.11 12.24 -35.76
N ASP C 35 2.70 10.97 -35.68
CA ASP C 35 3.58 9.91 -35.17
C ASP C 35 4.53 9.58 -36.32
N TYR C 36 5.73 10.16 -36.30
CA TYR C 36 6.64 10.05 -37.44
C TYR C 36 7.19 8.63 -37.66
N VAL C 37 7.36 7.88 -36.58
CA VAL C 37 7.83 6.49 -36.69
C VAL C 37 6.80 5.68 -37.49
N ARG C 38 5.52 5.87 -37.17
CA ARG C 38 4.44 5.18 -37.84
C ARG C 38 4.33 5.59 -39.31
N THR C 39 4.05 6.88 -39.53
CA THR C 39 3.80 7.39 -40.87
C THR C 39 5.04 7.26 -41.77
N GLY C 40 6.21 7.48 -41.18
CA GLY C 40 7.47 7.41 -41.91
C GLY C 40 7.84 6.02 -42.31
N THR C 41 7.58 5.05 -41.43
CA THR C 41 7.86 3.65 -41.75
C THR C 41 6.89 3.13 -42.80
N TYR C 42 5.62 3.50 -42.69
CA TYR C 42 4.63 3.15 -43.71
C TYR C 42 5.03 3.67 -45.08
N GLN C 43 5.45 4.93 -45.15
CA GLN C 43 5.89 5.51 -46.42
C GLN C 43 7.11 4.78 -46.97
N ARG C 44 8.08 4.53 -46.09
CA ARG C 44 9.30 3.85 -46.47
C ARG C 44 9.01 2.43 -46.97
N ALA C 45 8.15 1.71 -46.25
CA ALA C 45 7.75 0.36 -46.66
C ALA C 45 7.07 0.31 -48.04
N ILE C 46 6.25 1.33 -48.33
CA ILE C 46 5.52 1.39 -49.60
C ILE C 46 6.42 1.84 -50.75
N LEU C 47 7.20 2.91 -50.55
CA LEU C 47 8.05 3.46 -51.60
C LEU C 47 9.25 2.59 -51.92
N GLN C 48 9.83 1.95 -50.90
CA GLN C 48 10.96 1.04 -51.11
C GLN C 48 10.53 -0.22 -51.85
N ASN C 49 9.24 -0.56 -51.76
CA ASN C 49 8.66 -1.66 -52.53
C ASN C 49 7.76 -1.14 -53.65
N HIS C 50 8.32 -0.25 -54.47
CA HIS C 50 7.55 0.38 -55.55
C HIS C 50 6.98 -0.62 -56.56
N THR C 51 7.68 -1.74 -56.77
CA THR C 51 7.23 -2.76 -57.71
C THR C 51 5.92 -3.44 -57.28
N ASP C 52 5.67 -3.47 -55.98
CA ASP C 52 4.41 -4.01 -55.45
C ASP C 52 3.21 -3.11 -55.71
N PHE C 53 3.47 -1.84 -55.99
CA PHE C 53 2.41 -0.86 -56.25
C PHE C 53 2.37 -0.37 -57.70
N LYS C 54 3.50 -0.42 -58.40
CA LYS C 54 3.60 0.08 -59.77
C LYS C 54 2.56 -0.56 -60.70
N ASP C 55 1.67 0.26 -61.24
CA ASP C 55 0.60 -0.16 -62.16
C ASP C 55 -0.33 -1.24 -61.58
N LYS C 56 -0.43 -1.31 -60.25
CA LYS C 56 -1.29 -2.29 -59.59
C LYS C 56 -2.55 -1.63 -59.07
N ILE C 57 -3.53 -2.47 -58.73
CA ILE C 57 -4.75 -2.02 -58.09
C ILE C 57 -4.56 -2.23 -56.58
N VAL C 58 -5.03 -1.28 -55.79
CA VAL C 58 -4.79 -1.27 -54.34
C VAL C 58 -6.10 -1.07 -53.59
N LEU C 59 -6.20 -1.70 -52.42
CA LEU C 59 -7.28 -1.42 -51.47
C LEU C 59 -6.70 -0.85 -50.17
N ASP C 60 -7.22 0.30 -49.75
CA ASP C 60 -6.84 0.92 -48.48
C ASP C 60 -7.98 0.75 -47.48
N VAL C 61 -7.82 -0.15 -46.52
CA VAL C 61 -8.87 -0.47 -45.57
C VAL C 61 -8.83 0.51 -44.41
N GLY C 62 -9.87 1.35 -44.30
CA GLY C 62 -9.91 2.37 -43.27
C GLY C 62 -8.89 3.45 -43.55
N CYS C 63 -9.10 4.17 -44.64
CA CYS C 63 -8.10 5.10 -45.16
C CYS C 63 -7.94 6.40 -44.38
N GLY C 64 -8.88 6.71 -43.49
CA GLY C 64 -8.87 7.95 -42.73
C GLY C 64 -8.75 9.17 -43.64
N SER C 65 -7.68 9.94 -43.44
CA SER C 65 -7.38 11.11 -44.27
C SER C 65 -6.94 10.72 -45.68
N GLY C 66 -6.46 9.48 -45.82
CA GLY C 66 -6.04 8.94 -47.12
C GLY C 66 -4.54 8.86 -47.28
N ILE C 67 -3.79 9.04 -46.19
CA ILE C 67 -2.34 9.16 -46.27
C ILE C 67 -1.66 7.93 -46.89
N LEU C 68 -2.13 6.74 -46.56
CA LEU C 68 -1.53 5.51 -47.08
C LEU C 68 -1.85 5.34 -48.57
N SER C 69 -3.00 5.84 -49.00
CA SER C 69 -3.37 5.80 -50.40
C SER C 69 -2.50 6.75 -51.23
N PHE C 70 -2.15 7.90 -50.66
CA PHE C 70 -1.23 8.83 -51.32
C PHE C 70 0.16 8.21 -51.47
N PHE C 71 0.61 7.48 -50.45
CA PHE C 71 1.89 6.78 -50.54
C PHE C 71 1.85 5.77 -51.68
N ALA C 72 0.76 5.01 -51.75
CA ALA C 72 0.55 4.04 -52.82
C ALA C 72 0.53 4.72 -54.18
N ALA C 73 -0.08 5.89 -54.25
CA ALA C 73 -0.08 6.70 -55.48
C ALA C 73 1.34 7.17 -55.84
N GLN C 74 2.11 7.59 -54.84
CA GLN C 74 3.49 8.01 -55.06
C GLN C 74 4.36 6.88 -55.61
N ALA C 75 4.04 5.64 -55.23
CA ALA C 75 4.75 4.47 -55.73
C ALA C 75 4.28 4.02 -57.13
N GLY C 76 3.31 4.73 -57.71
CA GLY C 76 2.94 4.54 -59.11
C GLY C 76 1.79 3.58 -59.36
N ALA C 77 0.81 3.55 -58.46
CA ALA C 77 -0.34 2.67 -58.60
C ALA C 77 -1.32 3.17 -59.64
N ARG C 78 -1.99 2.24 -60.33
CA ARG C 78 -3.01 2.58 -61.33
C ARG C 78 -4.30 3.07 -60.68
N LYS C 79 -4.78 2.33 -59.68
CA LYS C 79 -6.03 2.65 -59.01
C LYS C 79 -5.97 2.23 -57.54
N ILE C 80 -6.54 3.06 -56.66
CA ILE C 80 -6.53 2.82 -55.22
C ILE C 80 -7.93 3.05 -54.65
N TYR C 81 -8.55 1.99 -54.14
CA TYR C 81 -9.87 2.11 -53.55
C TYR C 81 -9.73 2.36 -52.06
N ALA C 82 -10.06 3.59 -51.64
CA ALA C 82 -9.84 4.04 -50.28
C ALA C 82 -11.13 3.96 -49.47
N VAL C 83 -11.26 2.88 -48.69
CA VAL C 83 -12.49 2.63 -47.94
C VAL C 83 -12.42 3.24 -46.54
N GLU C 84 -13.41 4.06 -46.20
CA GLU C 84 -13.47 4.68 -44.88
C GLU C 84 -14.93 4.80 -44.41
N ALA C 85 -15.19 4.39 -43.17
CA ALA C 85 -16.55 4.29 -42.65
C ALA C 85 -16.99 5.53 -41.86
N SER C 86 -16.03 6.27 -41.31
CA SER C 86 -16.32 7.51 -40.59
C SER C 86 -16.58 8.65 -41.58
N THR C 87 -16.94 9.80 -41.02
CA THR C 87 -17.12 11.03 -41.82
C THR C 87 -15.80 11.62 -42.32
N MET C 88 -14.68 10.99 -41.96
CA MET C 88 -13.36 11.38 -42.49
C MET C 88 -13.24 11.10 -43.99
N ALA C 89 -14.09 10.23 -44.52
CA ALA C 89 -14.13 9.96 -45.97
C ALA C 89 -14.34 11.22 -46.81
N GLN C 90 -15.18 12.13 -46.32
CA GLN C 90 -15.43 13.40 -47.01
C GLN C 90 -14.16 14.26 -47.08
N HIS C 91 -13.44 14.30 -45.97
CA HIS C 91 -12.19 15.06 -45.89
C HIS C 91 -11.13 14.44 -46.79
N ALA C 92 -11.06 13.11 -46.80
CA ALA C 92 -10.15 12.40 -47.70
C ALA C 92 -10.43 12.76 -49.17
N GLU C 93 -11.70 12.89 -49.54
CA GLU C 93 -12.06 13.25 -50.90
C GLU C 93 -11.60 14.65 -51.28
N VAL C 94 -11.66 15.58 -50.32
CA VAL C 94 -11.16 16.93 -50.52
C VAL C 94 -9.67 16.91 -50.84
N LEU C 95 -8.91 16.11 -50.08
CA LEU C 95 -7.48 15.98 -50.30
C LEU C 95 -7.15 15.36 -51.65
N VAL C 96 -7.94 14.38 -52.07
CA VAL C 96 -7.74 13.74 -53.37
C VAL C 96 -7.94 14.75 -54.50
N LYS C 97 -8.95 15.62 -54.37
CA LYS C 97 -9.19 16.67 -55.35
C LYS C 97 -8.05 17.69 -55.34
N SER C 98 -7.75 18.24 -54.16
CA SER C 98 -6.73 19.29 -54.03
C SER C 98 -5.33 18.81 -54.41
N ASN C 99 -5.07 17.50 -54.30
CA ASN C 99 -3.80 16.91 -54.76
C ASN C 99 -3.83 16.37 -56.19
N ASN C 100 -4.92 16.61 -56.91
CA ASN C 100 -5.05 16.22 -58.33
C ASN C 100 -4.79 14.74 -58.58
N LEU C 101 -5.38 13.88 -57.74
CA LEU C 101 -5.28 12.43 -57.91
C LEU C 101 -6.68 11.81 -57.96
N THR C 102 -7.63 12.53 -58.57
CA THR C 102 -9.00 12.03 -58.74
C THR C 102 -9.03 10.83 -59.69
N ASP C 103 -8.09 10.82 -60.64
CA ASP C 103 -7.97 9.74 -61.61
C ASP C 103 -7.34 8.45 -61.07
N ARG C 104 -6.85 8.46 -59.83
CA ARG C 104 -6.14 7.30 -59.27
C ARG C 104 -6.63 6.84 -57.89
N ILE C 105 -7.06 7.78 -57.04
CA ILE C 105 -7.57 7.43 -55.72
C ILE C 105 -9.08 7.63 -55.68
N VAL C 106 -9.81 6.54 -55.42
CA VAL C 106 -11.27 6.58 -55.33
C VAL C 106 -11.73 6.32 -53.90
N VAL C 107 -12.22 7.37 -53.24
CA VAL C 107 -12.75 7.23 -51.89
C VAL C 107 -14.13 6.56 -51.96
N ILE C 108 -14.33 5.58 -51.10
CA ILE C 108 -15.58 4.81 -51.06
C ILE C 108 -16.05 4.76 -49.61
N PRO C 109 -17.01 5.63 -49.25
CA PRO C 109 -17.45 5.70 -47.86
C PRO C 109 -18.27 4.49 -47.42
N GLY C 110 -18.15 4.14 -46.14
CA GLY C 110 -18.82 2.98 -45.58
C GLY C 110 -17.86 1.97 -44.99
N LYS C 111 -18.42 0.91 -44.40
CA LYS C 111 -17.63 -0.15 -43.78
C LYS C 111 -17.18 -1.14 -44.84
N VAL C 112 -15.93 -1.62 -44.74
CA VAL C 112 -15.36 -2.55 -45.71
C VAL C 112 -16.14 -3.88 -45.79
N GLU C 113 -16.80 -4.23 -44.69
CA GLU C 113 -17.70 -5.40 -44.67
C GLU C 113 -18.90 -5.18 -45.59
N GLU C 114 -19.44 -3.96 -45.57
CA GLU C 114 -20.73 -3.64 -46.17
C GLU C 114 -20.70 -3.05 -47.58
N VAL C 115 -19.53 -2.60 -48.05
CA VAL C 115 -19.44 -1.91 -49.36
C VAL C 115 -19.10 -2.86 -50.50
N SER C 116 -19.14 -2.34 -51.73
CA SER C 116 -18.78 -3.08 -52.94
C SER C 116 -17.63 -2.38 -53.67
N LEU C 117 -16.72 -3.18 -54.21
CA LEU C 117 -15.60 -2.64 -55.00
C LEU C 117 -15.68 -3.12 -56.45
N PRO C 118 -15.50 -2.18 -57.41
CA PRO C 118 -15.56 -2.46 -58.86
C PRO C 118 -14.78 -3.69 -59.34
N GLU C 119 -13.66 -3.99 -58.69
CA GLU C 119 -12.75 -5.04 -59.15
C GLU C 119 -11.94 -5.63 -57.99
N GLN C 120 -11.24 -6.73 -58.28
CA GLN C 120 -10.33 -7.34 -57.32
C GLN C 120 -9.02 -6.57 -57.32
N VAL C 121 -8.28 -6.69 -56.22
CA VAL C 121 -7.07 -5.88 -56.00
C VAL C 121 -5.81 -6.75 -55.84
N ASP C 122 -4.67 -6.18 -56.21
CA ASP C 122 -3.39 -6.88 -56.14
C ASP C 122 -2.81 -6.87 -54.73
N ILE C 123 -3.11 -5.81 -53.98
CA ILE C 123 -2.52 -5.62 -52.67
C ILE C 123 -3.47 -4.84 -51.77
N ILE C 124 -3.59 -5.27 -50.51
CA ILE C 124 -4.35 -4.53 -49.53
C ILE C 124 -3.37 -3.88 -48.57
N ILE C 125 -3.52 -2.57 -48.38
CA ILE C 125 -2.78 -1.84 -47.36
C ILE C 125 -3.75 -1.37 -46.30
N SER C 126 -3.29 -1.37 -45.06
CA SER C 126 -4.11 -0.87 -43.97
C SER C 126 -3.25 -0.53 -42.78
N GLU C 127 -3.86 0.18 -41.83
CA GLU C 127 -3.27 0.40 -40.54
C GLU C 127 -4.32 0.00 -39.50
N PRO C 128 -4.48 -1.32 -39.28
CA PRO C 128 -5.51 -1.84 -38.38
C PRO C 128 -5.03 -2.18 -36.96
N MET C 129 -3.83 -1.76 -36.60
CA MET C 129 -3.29 -2.10 -35.28
C MET C 129 -3.83 -1.16 -34.21
N GLY C 130 -4.30 -1.74 -33.12
CA GLY C 130 -4.70 -0.98 -31.95
C GLY C 130 -3.75 -1.28 -30.80
N TYR C 131 -4.08 -0.79 -29.61
CA TYR C 131 -3.27 -1.04 -28.43
C TYR C 131 -3.15 -2.54 -28.21
N MET C 132 -1.94 -2.99 -27.93
CA MET C 132 -1.67 -4.42 -27.75
C MET C 132 -1.95 -5.20 -29.05
N LEU C 133 -1.85 -4.51 -30.18
CA LEU C 133 -2.16 -5.03 -31.53
C LEU C 133 -3.65 -5.24 -31.84
N PHE C 134 -4.36 -5.96 -30.96
CA PHE C 134 -5.70 -6.46 -31.28
C PHE C 134 -6.87 -5.53 -30.96
N ASN C 135 -6.66 -4.53 -30.10
CA ASN C 135 -7.78 -3.66 -29.72
C ASN C 135 -8.41 -2.99 -30.94
N GLU C 136 -9.71 -2.74 -30.86
CA GLU C 136 -10.54 -2.19 -31.95
C GLU C 136 -11.13 -3.30 -32.84
N ARG C 137 -10.50 -4.47 -32.86
CA ARG C 137 -10.88 -5.58 -33.73
C ARG C 137 -10.86 -5.23 -35.22
N MET C 138 -10.06 -4.23 -35.60
CA MET C 138 -9.98 -3.83 -37.01
C MET C 138 -9.19 -4.84 -37.83
N LEU C 139 -8.40 -5.68 -37.17
CA LEU C 139 -7.70 -6.76 -37.87
C LEU C 139 -8.68 -7.71 -38.56
N GLU C 140 -9.81 -7.95 -37.93
CA GLU C 140 -10.85 -8.80 -38.51
C GLU C 140 -11.45 -8.16 -39.76
N SER C 141 -11.58 -6.84 -39.77
CA SER C 141 -11.99 -6.10 -40.98
C SER C 141 -10.90 -6.19 -42.06
N TYR C 142 -9.65 -6.10 -41.63
CA TYR C 142 -8.49 -6.20 -42.53
C TYR C 142 -8.42 -7.58 -43.19
N LEU C 143 -8.67 -8.62 -42.41
CA LEU C 143 -8.69 -10.00 -42.93
C LEU C 143 -9.95 -10.26 -43.77
N HIS C 144 -11.07 -9.68 -43.34
CA HIS C 144 -12.32 -9.75 -44.11
C HIS C 144 -12.14 -9.24 -45.54
N ALA C 145 -11.32 -8.19 -45.70
CA ALA C 145 -11.09 -7.57 -47.00
C ALA C 145 -10.37 -8.47 -48.03
N LYS C 146 -9.87 -9.63 -47.59
CA LYS C 146 -9.20 -10.57 -48.49
C LYS C 146 -10.14 -11.22 -49.51
N LYS C 147 -11.44 -11.04 -49.36
CA LYS C 147 -12.41 -11.43 -50.39
C LYS C 147 -12.20 -10.63 -51.68
N TYR C 148 -11.69 -9.40 -51.55
CA TYR C 148 -11.36 -8.57 -52.71
C TYR C 148 -9.95 -8.79 -53.25
N LEU C 149 -9.17 -9.65 -52.59
CA LEU C 149 -7.77 -9.86 -52.93
C LEU C 149 -7.61 -10.92 -54.02
N LYS C 150 -6.88 -10.58 -55.08
CA LYS C 150 -6.56 -11.53 -56.15
C LYS C 150 -5.65 -12.64 -55.62
N PRO C 151 -5.66 -13.81 -56.30
CA PRO C 151 -4.71 -14.88 -55.98
C PRO C 151 -3.26 -14.40 -55.99
N SER C 152 -2.49 -14.86 -55.00
CA SER C 152 -1.10 -14.42 -54.79
C SER C 152 -0.97 -12.91 -54.58
N GLY C 153 -2.03 -12.29 -54.04
CA GLY C 153 -2.02 -10.87 -53.71
C GLY C 153 -1.34 -10.68 -52.37
N ASN C 154 -0.87 -9.46 -52.11
CA ASN C 154 -0.09 -9.16 -50.91
C ASN C 154 -0.87 -8.33 -49.87
N MET C 155 -0.39 -8.39 -48.63
CA MET C 155 -0.99 -7.66 -47.52
C MET C 155 0.10 -6.78 -46.88
N PHE C 156 -0.25 -5.53 -46.59
CA PHE C 156 0.67 -4.55 -46.00
C PHE C 156 -0.02 -3.88 -44.81
N PRO C 157 0.27 -4.29 -43.57
CA PRO C 157 1.32 -5.26 -43.22
C PRO C 157 1.02 -6.71 -43.55
N THR C 158 2.06 -7.52 -43.67
CA THR C 158 1.95 -8.94 -44.01
C THR C 158 1.71 -9.81 -42.77
N ILE C 159 2.52 -9.59 -41.73
CA ILE C 159 2.40 -10.35 -40.48
C ILE C 159 2.48 -9.44 -39.26
N GLY C 160 2.05 -9.96 -38.12
CA GLY C 160 2.09 -9.22 -36.86
C GLY C 160 2.58 -10.08 -35.71
N ASP C 161 3.59 -9.58 -35.00
CA ASP C 161 4.14 -10.27 -33.83
C ASP C 161 3.70 -9.58 -32.55
N VAL C 162 3.09 -10.33 -31.64
CA VAL C 162 2.78 -9.84 -30.30
C VAL C 162 3.79 -10.41 -29.32
N HIS C 163 4.50 -9.53 -28.62
CA HIS C 163 5.49 -9.93 -27.63
C HIS C 163 4.93 -9.81 -26.21
N LEU C 164 5.23 -10.80 -25.37
CA LEU C 164 4.90 -10.80 -23.94
C LEU C 164 6.17 -10.89 -23.12
N ALA C 165 6.19 -10.27 -21.95
CA ALA C 165 7.31 -10.43 -21.02
C ALA C 165 6.91 -10.00 -19.61
N PRO C 166 7.32 -10.75 -18.59
CA PRO C 166 7.03 -10.38 -17.20
C PRO C 166 7.85 -9.18 -16.76
N PHE C 167 7.23 -8.30 -15.98
CA PHE C 167 7.92 -7.08 -15.52
C PHE C 167 7.82 -6.90 -14.02
N THR C 168 8.72 -6.09 -13.48
CA THR C 168 8.69 -5.64 -12.09
C THR C 168 8.62 -4.11 -12.07
N ASP C 169 7.57 -3.57 -11.47
CA ASP C 169 7.41 -2.12 -11.31
C ASP C 169 6.53 -1.82 -10.10
N GLU C 170 7.15 -1.80 -8.93
CA GLU C 170 6.41 -1.66 -7.68
C GLU C 170 5.79 -0.28 -7.48
N GLN C 171 6.37 0.73 -8.14
CA GLN C 171 5.79 2.08 -8.15
C GLN C 171 4.45 2.10 -8.89
N LEU C 172 4.39 1.43 -10.05
CA LEU C 172 3.14 1.31 -10.81
C LEU C 172 2.10 0.51 -10.02
N TYR C 173 2.52 -0.60 -9.44
CA TYR C 173 1.60 -1.43 -8.68
C TYR C 173 0.96 -0.66 -7.53
N MET C 174 1.78 0.06 -6.75
CA MET C 174 1.30 0.80 -5.59
C MET C 174 0.43 1.99 -5.98
N GLU C 175 0.71 2.60 -7.13
CA GLU C 175 -0.10 3.69 -7.64
C GLU C 175 -1.53 3.22 -7.88
N GLN C 176 -1.69 2.06 -8.50
CA GLN C 176 -3.02 1.48 -8.72
C GLN C 176 -3.63 0.93 -7.43
N PHE C 177 -2.78 0.35 -6.59
CA PHE C 177 -3.23 -0.23 -5.33
C PHE C 177 -3.77 0.87 -4.40
N THR C 178 -3.07 2.01 -4.37
CA THR C 178 -3.46 3.14 -3.54
C THR C 178 -4.81 3.75 -3.98
N LYS C 179 -5.04 3.79 -5.29
CA LYS C 179 -6.33 4.26 -5.82
C LYS C 179 -7.48 3.37 -5.36
N ALA C 180 -7.27 2.06 -5.49
CA ALA C 180 -8.26 1.08 -5.05
C ALA C 180 -8.52 1.14 -3.54
N ASN C 181 -7.48 1.45 -2.77
CA ASN C 181 -7.59 1.51 -1.30
C ASN C 181 -8.32 2.74 -0.77
N PHE C 182 -8.74 3.64 -1.65
CA PHE C 182 -9.75 4.61 -1.29
C PHE C 182 -10.96 3.87 -0.70
N TRP C 183 -11.32 2.76 -1.34
CA TRP C 183 -12.47 1.95 -0.93
C TRP C 183 -12.17 0.98 0.23
N TYR C 184 -11.08 1.22 0.95
CA TYR C 184 -10.72 0.48 2.15
C TYR C 184 -10.97 1.33 3.41
N GLN C 185 -11.34 2.60 3.21
CA GLN C 185 -11.60 3.53 4.31
C GLN C 185 -12.79 3.07 5.15
N PRO C 186 -12.61 2.98 6.48
CA PRO C 186 -13.74 2.62 7.34
C PRO C 186 -14.63 3.81 7.73
N SER C 187 -14.23 5.03 7.39
CA SER C 187 -14.95 6.21 7.87
C SER C 187 -14.75 7.45 6.97
N PHE C 188 -15.00 7.28 5.67
CA PHE C 188 -14.99 8.39 4.72
C PHE C 188 -16.20 9.29 5.00
N HIS C 189 -15.94 10.51 5.45
CA HIS C 189 -17.00 11.39 5.95
C HIS C 189 -17.97 10.63 6.89
N GLY C 190 -17.40 9.73 7.70
CA GLY C 190 -18.18 8.89 8.62
C GLY C 190 -18.88 7.69 8.01
N VAL C 191 -18.43 7.26 6.82
CA VAL C 191 -19.06 6.14 6.09
C VAL C 191 -18.04 5.05 5.80
N ASP C 192 -18.39 3.81 6.15
CA ASP C 192 -17.51 2.66 5.94
C ASP C 192 -17.64 2.14 4.51
N LEU C 193 -16.55 2.28 3.76
CA LEU C 193 -16.50 1.83 2.36
C LEU C 193 -15.81 0.47 2.21
N SER C 194 -15.23 -0.04 3.30
CA SER C 194 -14.32 -1.19 3.26
C SER C 194 -14.88 -2.46 2.61
N ALA C 195 -16.20 -2.64 2.64
CA ALA C 195 -16.84 -3.79 2.00
C ALA C 195 -16.70 -3.79 0.47
N LEU C 196 -16.41 -2.62 -0.12
CA LEU C 196 -16.20 -2.53 -1.57
C LEU C 196 -14.74 -2.64 -2.01
N ARG C 197 -13.82 -2.75 -1.05
CA ARG C 197 -12.38 -2.78 -1.37
C ARG C 197 -12.01 -3.84 -2.40
N GLY C 198 -12.59 -5.03 -2.26
CA GLY C 198 -12.38 -6.12 -3.21
C GLY C 198 -12.91 -5.80 -4.59
N ALA C 199 -14.07 -5.15 -4.64
CA ALA C 199 -14.65 -4.71 -5.91
C ALA C 199 -13.81 -3.61 -6.56
N ALA C 200 -13.26 -2.71 -5.73
CA ALA C 200 -12.39 -1.64 -6.22
C ALA C 200 -11.10 -2.19 -6.86
N VAL C 201 -10.44 -3.10 -6.16
CA VAL C 201 -9.21 -3.73 -6.66
C VAL C 201 -9.49 -4.44 -7.98
N ASP C 202 -10.57 -5.21 -8.03
CA ASP C 202 -10.98 -5.86 -9.28
C ASP C 202 -11.03 -4.85 -10.42
N GLU C 203 -11.75 -3.75 -10.19
CA GLU C 203 -12.00 -2.75 -11.24
C GLU C 203 -10.73 -2.07 -11.72
N TYR C 204 -9.88 -1.65 -10.79
CA TYR C 204 -8.66 -0.94 -11.15
C TYR C 204 -7.68 -1.82 -11.92
N PHE C 205 -7.50 -3.05 -11.43
CA PHE C 205 -6.54 -3.96 -12.06
C PHE C 205 -7.10 -4.60 -13.34
N ARG C 206 -8.38 -4.37 -13.62
CA ARG C 206 -8.97 -4.70 -14.92
C ARG C 206 -8.41 -3.83 -16.07
N GLN C 207 -8.00 -2.61 -15.75
CA GLN C 207 -7.50 -1.66 -16.76
C GLN C 207 -6.05 -1.94 -17.14
N PRO C 208 -5.77 -2.26 -18.42
CA PRO C 208 -4.37 -2.32 -18.81
C PRO C 208 -3.73 -0.93 -18.80
N VAL C 209 -2.46 -0.85 -18.45
CA VAL C 209 -1.76 0.43 -18.35
C VAL C 209 -1.02 0.73 -19.65
N VAL C 210 -1.46 1.78 -20.34
CA VAL C 210 -0.81 2.23 -21.56
C VAL C 210 0.17 3.34 -21.22
N ASP C 211 1.47 3.05 -21.38
CA ASP C 211 2.54 4.04 -21.30
C ASP C 211 3.85 3.34 -21.66
N THR C 212 4.98 4.05 -21.53
CA THR C 212 6.28 3.44 -21.80
C THR C 212 7.06 3.24 -20.52
N PHE C 213 8.17 2.50 -20.63
CA PHE C 213 8.99 2.14 -19.47
C PHE C 213 10.39 1.74 -19.90
N ASP C 214 11.30 1.74 -18.94
CA ASP C 214 12.67 1.29 -19.19
C ASP C 214 12.72 -0.23 -19.27
N ILE C 215 13.49 -0.74 -20.22
CA ILE C 215 13.59 -2.19 -20.44
C ILE C 215 14.18 -2.98 -19.27
N ARG C 216 14.82 -2.30 -18.33
CA ARG C 216 15.39 -2.96 -17.15
C ARG C 216 14.33 -3.59 -16.24
N ILE C 217 13.07 -3.14 -16.38
CA ILE C 217 11.97 -3.72 -15.59
C ILE C 217 11.56 -5.11 -16.08
N LEU C 218 12.00 -5.49 -17.29
CA LEU C 218 11.67 -6.81 -17.84
C LEU C 218 12.53 -7.89 -17.18
N MET C 219 11.90 -8.98 -16.78
CA MET C 219 12.55 -10.02 -15.99
C MET C 219 12.87 -11.31 -16.75
N ALA C 220 12.48 -11.37 -18.02
CA ALA C 220 12.75 -12.55 -18.84
C ALA C 220 12.60 -12.22 -20.31
N LYS C 221 13.25 -13.01 -21.17
CA LYS C 221 13.13 -12.85 -22.60
C LYS C 221 11.68 -13.01 -23.03
N SER C 222 11.27 -12.19 -24.01
CA SER C 222 9.87 -12.12 -24.40
C SER C 222 9.39 -13.37 -25.14
N VAL C 223 8.11 -13.68 -24.98
CA VAL C 223 7.45 -14.76 -25.73
C VAL C 223 6.75 -14.13 -26.92
N LYS C 224 6.78 -14.81 -28.06
CA LYS C 224 6.25 -14.28 -29.29
C LYS C 224 5.02 -15.06 -29.75
N TYR C 225 4.00 -14.32 -30.18
CA TYR C 225 2.84 -14.89 -30.84
C TYR C 225 2.66 -14.18 -32.17
N THR C 226 2.56 -14.95 -33.25
CA THR C 226 2.52 -14.40 -34.60
C THR C 226 1.16 -14.66 -35.26
N VAL C 227 0.70 -13.67 -36.01
CA VAL C 227 -0.46 -13.79 -36.88
C VAL C 227 0.00 -13.48 -38.29
N ASN C 228 -0.19 -14.42 -39.21
CA ASN C 228 0.07 -14.18 -40.61
C ASN C 228 -1.20 -13.69 -41.29
N PHE C 229 -1.24 -12.40 -41.63
CA PHE C 229 -2.45 -11.80 -42.19
C PHE C 229 -2.73 -12.32 -43.60
N LEU C 230 -1.68 -12.75 -44.29
CA LEU C 230 -1.80 -13.36 -45.61
C LEU C 230 -2.59 -14.68 -45.54
N GLU C 231 -2.45 -15.42 -44.43
CA GLU C 231 -3.05 -16.75 -44.27
C GLU C 231 -4.29 -16.78 -43.38
N ALA C 232 -4.26 -16.02 -42.28
CA ALA C 232 -5.27 -16.12 -41.23
C ALA C 232 -6.68 -15.73 -41.67
N LYS C 233 -7.68 -16.41 -41.11
CA LYS C 233 -9.09 -16.06 -41.33
C LYS C 233 -9.59 -15.24 -40.15
N GLU C 234 -10.55 -14.35 -40.40
CA GLU C 234 -11.01 -13.44 -39.35
C GLU C 234 -11.57 -14.15 -38.11
N GLY C 235 -12.06 -15.38 -38.30
CA GLY C 235 -12.52 -16.22 -37.19
C GLY C 235 -11.40 -16.63 -36.23
N ASP C 236 -10.17 -16.69 -36.73
CA ASP C 236 -9.01 -17.02 -35.90
C ASP C 236 -8.80 -16.03 -34.74
N LEU C 237 -9.27 -14.80 -34.91
CA LEU C 237 -9.05 -13.76 -33.91
C LEU C 237 -10.15 -13.63 -32.86
N HIS C 238 -11.19 -14.46 -32.93
CA HIS C 238 -12.23 -14.47 -31.91
C HIS C 238 -11.68 -14.97 -30.58
N ARG C 239 -10.89 -16.05 -30.66
CA ARG C 239 -10.25 -16.64 -29.48
C ARG C 239 -8.75 -16.77 -29.75
N ILE C 240 -7.95 -15.96 -29.05
CA ILE C 240 -6.49 -15.96 -29.22
C ILE C 240 -5.84 -16.55 -27.96
N GLU C 241 -5.18 -17.69 -28.13
CA GLU C 241 -4.55 -18.39 -27.02
C GLU C 241 -3.03 -18.31 -27.12
N ILE C 242 -2.42 -17.64 -26.15
CA ILE C 242 -0.97 -17.44 -26.09
C ILE C 242 -0.42 -18.09 -24.82
N PRO C 243 0.02 -19.35 -24.90
CA PRO C 243 0.64 -19.96 -23.74
C PRO C 243 2.05 -19.42 -23.57
N PHE C 244 2.55 -19.40 -22.35
CA PHE C 244 3.89 -18.88 -22.10
C PHE C 244 4.67 -19.69 -21.06
N LYS C 245 5.99 -19.63 -21.18
CA LYS C 245 6.91 -20.29 -20.27
C LYS C 245 8.17 -19.42 -20.21
N PHE C 246 8.21 -18.52 -19.24
CA PHE C 246 9.33 -17.59 -19.09
C PHE C 246 10.40 -18.16 -18.17
N HIS C 247 11.65 -18.17 -18.66
CA HIS C 247 12.79 -18.51 -17.82
C HIS C 247 13.29 -17.21 -17.18
N MET C 248 13.07 -17.07 -15.87
CA MET C 248 13.32 -15.82 -15.18
C MET C 248 14.81 -15.56 -15.08
N LEU C 249 15.22 -14.36 -15.50
CA LEU C 249 16.64 -13.98 -15.52
C LEU C 249 17.05 -13.22 -14.25
N HIS C 250 16.08 -12.58 -13.59
CA HIS C 250 16.33 -11.87 -12.34
C HIS C 250 15.33 -12.31 -11.30
N SER C 251 15.74 -12.21 -10.03
CA SER C 251 14.85 -12.49 -8.91
C SER C 251 14.06 -11.23 -8.58
N GLY C 252 12.86 -11.41 -8.04
CA GLY C 252 12.04 -10.28 -7.61
C GLY C 252 10.55 -10.53 -7.76
N LEU C 253 9.78 -9.49 -7.43
CA LEU C 253 8.33 -9.54 -7.56
C LEU C 253 7.93 -9.31 -8.99
N VAL C 254 7.17 -10.25 -9.56
CA VAL C 254 6.58 -10.09 -10.89
C VAL C 254 5.24 -9.38 -10.72
N HIS C 255 5.16 -8.16 -11.21
CA HIS C 255 3.96 -7.33 -11.07
C HIS C 255 2.99 -7.43 -12.25
N GLY C 256 3.37 -8.11 -13.31
CA GLY C 256 2.47 -8.33 -14.45
C GLY C 256 3.20 -8.71 -15.73
N LEU C 257 2.47 -8.66 -16.84
CA LEU C 257 3.05 -8.91 -18.16
C LEU C 257 3.00 -7.64 -19.01
N ALA C 258 4.13 -7.27 -19.59
CA ALA C 258 4.18 -6.17 -20.54
C ALA C 258 3.98 -6.68 -21.95
N PHE C 259 3.31 -5.87 -22.78
CA PHE C 259 2.99 -6.24 -24.15
C PHE C 259 3.41 -5.16 -25.11
N TRP C 260 3.87 -5.59 -26.28
CA TRP C 260 4.07 -4.68 -27.40
C TRP C 260 3.93 -5.49 -28.67
N PHE C 261 4.03 -4.84 -29.83
CA PHE C 261 3.91 -5.56 -31.10
C PHE C 261 4.80 -5.00 -32.20
N ASP C 262 5.14 -5.87 -33.14
CA ASP C 262 5.83 -5.50 -34.37
C ASP C 262 4.99 -5.97 -35.54
N VAL C 263 5.05 -5.24 -36.65
CA VAL C 263 4.46 -5.70 -37.91
C VAL C 263 5.51 -5.63 -39.02
N ALA C 264 5.44 -6.58 -39.95
CA ALA C 264 6.40 -6.65 -41.04
C ALA C 264 5.69 -6.43 -42.38
N PHE C 265 6.25 -5.55 -43.19
CA PHE C 265 5.81 -5.38 -44.57
C PHE C 265 6.73 -6.19 -45.46
N ILE C 266 6.34 -7.44 -45.72
CA ILE C 266 7.15 -8.36 -46.51
C ILE C 266 6.94 -8.07 -47.99
N GLY C 267 7.70 -7.09 -48.48
CA GLY C 267 7.59 -6.66 -49.86
C GLY C 267 8.39 -7.53 -50.81
N SER C 268 8.27 -7.23 -52.09
CA SER C 268 9.01 -7.94 -53.14
C SER C 268 10.50 -7.64 -53.04
N ILE C 269 10.83 -6.35 -52.87
CA ILE C 269 12.22 -5.89 -52.85
C ILE C 269 12.86 -6.08 -51.47
N MET C 270 12.17 -5.65 -50.41
CA MET C 270 12.68 -5.78 -49.04
C MET C 270 11.57 -5.91 -48.01
N THR C 271 11.94 -6.38 -46.83
CA THR C 271 11.06 -6.38 -45.68
C THR C 271 11.37 -5.16 -44.81
N VAL C 272 10.33 -4.39 -44.50
CA VAL C 272 10.44 -3.27 -43.56
C VAL C 272 9.62 -3.59 -42.31
N TRP C 273 10.22 -3.38 -41.14
CA TRP C 273 9.53 -3.64 -39.87
C TRP C 273 9.09 -2.33 -39.21
N LEU C 274 7.88 -2.34 -38.65
CA LEU C 274 7.41 -1.28 -37.76
C LEU C 274 7.23 -1.85 -36.37
N SER C 275 8.08 -1.42 -35.43
CA SER C 275 8.11 -1.96 -34.08
C SER C 275 7.59 -0.96 -33.05
N THR C 276 6.82 -1.45 -32.09
CA THR C 276 6.42 -0.65 -30.93
C THR C 276 7.13 -1.14 -29.67
N ALA C 277 8.27 -1.80 -29.84
CA ALA C 277 9.01 -2.36 -28.71
C ALA C 277 9.58 -1.26 -27.80
N PRO C 278 9.73 -1.57 -26.50
CA PRO C 278 10.31 -0.57 -25.58
C PRO C 278 11.79 -0.28 -25.86
N THR C 279 12.46 -1.19 -26.58
CA THR C 279 13.83 -0.96 -27.07
C THR C 279 13.88 -0.07 -28.31
N GLU C 280 12.73 0.40 -28.78
CA GLU C 280 12.64 1.21 -30.00
C GLU C 280 12.02 2.57 -29.68
N PRO C 281 12.21 3.55 -30.58
CA PRO C 281 11.62 4.88 -30.39
C PRO C 281 10.11 4.84 -30.15
N LEU C 282 9.62 5.80 -29.38
CA LEU C 282 8.23 5.78 -28.92
C LEU C 282 7.24 6.05 -30.06
N THR C 283 6.16 5.26 -30.08
CA THR C 283 5.06 5.48 -31.00
C THR C 283 3.81 5.89 -30.20
N HIS C 284 2.73 6.20 -30.92
CA HIS C 284 1.46 6.54 -30.27
C HIS C 284 0.77 5.31 -29.66
N TRP C 285 1.26 4.11 -29.96
CA TRP C 285 0.78 2.88 -29.32
C TRP C 285 1.44 2.63 -27.95
N TYR C 286 2.59 3.26 -27.71
CA TYR C 286 3.35 3.07 -26.48
C TYR C 286 3.57 1.56 -26.24
N GLN C 287 3.46 1.11 -24.99
CA GLN C 287 3.41 -0.30 -24.67
C GLN C 287 2.23 -0.51 -23.74
N VAL C 288 1.87 -1.76 -23.48
CA VAL C 288 0.73 -2.07 -22.62
C VAL C 288 1.11 -3.07 -21.53
N ARG C 289 0.75 -2.75 -20.29
CA ARG C 289 1.02 -3.63 -19.16
C ARG C 289 -0.27 -4.08 -18.48
N CYS C 290 -0.36 -5.37 -18.18
CA CYS C 290 -1.47 -5.95 -17.45
C CYS C 290 -0.99 -6.33 -16.06
N LEU C 291 -1.45 -5.61 -15.05
CA LEU C 291 -1.02 -5.85 -13.67
C LEU C 291 -1.70 -7.08 -13.07
N PHE C 292 -0.98 -7.78 -12.20
CA PHE C 292 -1.57 -8.78 -11.33
C PHE C 292 -2.05 -8.08 -10.06
N GLN C 293 -3.20 -8.48 -9.54
CA GLN C 293 -3.73 -7.95 -8.28
C GLN C 293 -2.76 -8.19 -7.13
N SER C 294 -2.16 -9.37 -7.10
CA SER C 294 -1.10 -9.68 -6.16
C SER C 294 0.09 -10.18 -6.96
N PRO C 295 1.26 -9.54 -6.80
CA PRO C 295 2.43 -9.96 -7.59
C PRO C 295 2.97 -11.32 -7.18
N LEU C 296 3.74 -11.93 -8.08
CA LEU C 296 4.32 -13.24 -7.85
C LEU C 296 5.80 -13.12 -7.60
N PHE C 297 6.26 -13.71 -6.50
CA PHE C 297 7.69 -13.71 -6.18
C PHE C 297 8.40 -14.82 -6.96
N ALA C 298 9.48 -14.45 -7.65
CA ALA C 298 10.27 -15.39 -8.43
C ALA C 298 11.76 -15.21 -8.18
N LYS C 299 12.50 -16.31 -8.32
CA LYS C 299 13.96 -16.30 -8.26
C LYS C 299 14.53 -16.46 -9.66
N ALA C 300 15.70 -15.89 -9.90
CA ALA C 300 16.43 -16.12 -11.12
C ALA C 300 16.56 -17.62 -11.32
N GLY C 301 16.21 -18.11 -12.51
CA GLY C 301 16.26 -19.54 -12.82
C GLY C 301 14.92 -20.24 -12.77
N ASP C 302 13.95 -19.64 -12.07
CA ASP C 302 12.59 -20.18 -12.02
C ASP C 302 11.90 -20.05 -13.38
N THR C 303 10.80 -20.78 -13.53
CA THR C 303 9.97 -20.69 -14.71
C THR C 303 8.59 -20.15 -14.34
N LEU C 304 8.18 -19.09 -15.02
CA LEU C 304 6.85 -18.53 -14.88
C LEU C 304 6.04 -19.02 -16.07
N SER C 305 5.04 -19.86 -15.81
CA SER C 305 4.26 -20.48 -16.87
C SER C 305 2.78 -20.20 -16.71
N GLY C 306 2.08 -20.20 -17.83
CA GLY C 306 0.64 -20.00 -17.83
C GLY C 306 0.10 -19.70 -19.22
N THR C 307 -1.01 -18.98 -19.27
CA THR C 307 -1.69 -18.68 -20.51
C THR C 307 -2.32 -17.29 -20.48
N CYS C 308 -2.04 -16.52 -21.53
CA CYS C 308 -2.77 -15.28 -21.80
C CYS C 308 -3.83 -15.60 -22.84
N LEU C 309 -5.08 -15.29 -22.51
CA LEU C 309 -6.23 -15.65 -23.34
C LEU C 309 -7.01 -14.40 -23.71
N LEU C 310 -7.23 -14.20 -25.02
CA LEU C 310 -7.96 -13.04 -25.51
C LEU C 310 -9.26 -13.48 -26.16
N ILE C 311 -10.38 -13.11 -25.53
CA ILE C 311 -11.71 -13.40 -26.03
C ILE C 311 -12.31 -12.13 -26.62
N ALA C 312 -12.60 -12.17 -27.93
CA ALA C 312 -13.19 -11.04 -28.61
C ALA C 312 -14.61 -10.78 -28.10
N ASN C 313 -14.93 -9.52 -27.84
CA ASN C 313 -16.27 -9.13 -27.38
C ASN C 313 -16.97 -8.20 -28.37
N LYS C 314 -18.24 -7.91 -28.11
CA LYS C 314 -19.06 -7.11 -29.01
C LYS C 314 -18.81 -5.59 -28.89
N ARG C 315 -17.90 -5.19 -28.01
CA ARG C 315 -17.51 -3.79 -27.86
C ARG C 315 -16.23 -3.44 -28.64
N GLN C 316 -15.98 -4.20 -29.72
CA GLN C 316 -14.81 -3.98 -30.59
C GLN C 316 -13.49 -4.09 -29.82
N SER C 317 -13.39 -5.09 -28.97
CA SER C 317 -12.23 -5.25 -28.12
C SER C 317 -12.15 -6.68 -27.60
N TYR C 318 -11.36 -6.89 -26.56
CA TYR C 318 -11.11 -8.22 -26.03
C TYR C 318 -11.20 -8.26 -24.51
N ASP C 319 -11.69 -9.37 -24.00
CA ASP C 319 -11.55 -9.73 -22.61
C ASP C 319 -10.28 -10.54 -22.48
N ILE C 320 -9.32 -10.02 -21.72
CA ILE C 320 -8.04 -10.66 -21.55
C ILE C 320 -8.09 -11.43 -20.24
N SER C 321 -7.73 -12.70 -20.27
CA SER C 321 -7.51 -13.45 -19.04
C SER C 321 -6.06 -13.91 -19.01
N ILE C 322 -5.39 -13.65 -17.89
CA ILE C 322 -3.99 -14.06 -17.71
C ILE C 322 -3.89 -14.88 -16.44
N VAL C 323 -3.52 -16.15 -16.60
CA VAL C 323 -3.22 -17.04 -15.49
C VAL C 323 -1.73 -17.30 -15.53
N ALA C 324 -1.04 -17.07 -14.42
CA ALA C 324 0.40 -17.28 -14.33
C ALA C 324 0.75 -17.95 -13.01
N GLN C 325 1.67 -18.91 -13.06
CA GLN C 325 2.17 -19.54 -11.85
C GLN C 325 3.68 -19.66 -11.87
N VAL C 326 4.29 -19.51 -10.70
CA VAL C 326 5.69 -19.79 -10.51
C VAL C 326 5.77 -21.29 -10.25
N ASP C 327 6.29 -22.05 -11.22
CA ASP C 327 6.26 -23.51 -11.16
C ASP C 327 6.92 -24.05 -9.89
N GLN C 328 8.03 -23.44 -9.49
CA GLN C 328 8.83 -23.91 -8.34
C GLN C 328 8.11 -23.80 -6.99
N THR C 329 7.12 -22.90 -6.88
CA THR C 329 6.38 -22.71 -5.63
C THR C 329 4.87 -22.94 -5.71
N GLY C 330 4.34 -23.04 -6.93
CA GLY C 330 2.90 -23.16 -7.12
C GLY C 330 2.12 -21.89 -6.77
N SER C 331 2.81 -20.74 -6.76
CA SER C 331 2.16 -19.47 -6.49
C SER C 331 1.47 -19.00 -7.76
N LYS C 332 0.15 -18.90 -7.73
CA LYS C 332 -0.66 -18.56 -8.91
C LYS C 332 -1.23 -17.16 -8.86
N SER C 333 -1.50 -16.60 -10.03
CA SER C 333 -2.19 -15.31 -10.17
C SER C 333 -3.16 -15.40 -11.34
N SER C 334 -4.45 -15.19 -11.06
CA SER C 334 -5.49 -15.18 -12.09
C SER C 334 -6.05 -13.78 -12.23
N ASN C 335 -6.18 -13.33 -13.47
CA ASN C 335 -6.58 -11.96 -13.76
C ASN C 335 -7.48 -11.87 -14.98
N LEU C 336 -8.43 -10.93 -14.93
CA LEU C 336 -9.29 -10.62 -16.06
C LEU C 336 -9.13 -9.14 -16.34
N LEU C 337 -8.84 -8.78 -17.58
CA LEU C 337 -8.66 -7.39 -17.96
C LEU C 337 -9.54 -6.99 -19.13
N ASP C 338 -10.04 -5.76 -19.05
CA ASP C 338 -10.92 -5.21 -20.05
C ASP C 338 -10.10 -4.27 -20.93
N LEU C 339 -9.70 -4.77 -22.10
CA LEU C 339 -8.82 -4.04 -23.01
C LEU C 339 -9.45 -2.76 -23.55
N LYS C 340 -10.77 -2.73 -23.63
CA LYS C 340 -11.50 -1.57 -24.14
C LYS C 340 -11.23 -0.30 -23.32
N ASN C 341 -11.07 -0.44 -22.00
CA ASN C 341 -10.93 0.69 -21.08
CA ASN C 341 -10.91 0.71 -21.10
C ASN C 341 -9.58 0.69 -20.36
N PRO C 342 -8.50 1.13 -21.04
CA PRO C 342 -7.21 1.16 -20.38
C PRO C 342 -6.95 2.45 -19.61
N PHE C 343 -5.95 2.41 -18.74
CA PHE C 343 -5.49 3.59 -18.02
C PHE C 343 -4.32 4.21 -18.77
N PHE C 344 -4.57 5.37 -19.38
CA PHE C 344 -3.52 6.09 -20.10
C PHE C 344 -2.68 6.86 -19.08
N ARG C 345 -1.58 6.25 -18.67
CA ARG C 345 -0.75 6.75 -17.58
C ARG C 345 0.26 7.80 -18.01
N TYR C 346 0.72 7.71 -19.27
CA TYR C 346 1.60 8.71 -19.87
C TYR C 346 0.99 10.11 -19.85
N THR C 347 -0.35 10.16 -19.92
CA THR C 347 -1.13 11.39 -19.74
C THR C 347 -0.77 12.07 -18.42
N SER D 5 -40.62 5.62 -21.60
CA SER D 5 -40.59 6.59 -20.46
C SER D 5 -40.17 7.98 -20.93
N VAL D 6 -40.26 8.95 -20.02
CA VAL D 6 -39.83 10.32 -20.28
C VAL D 6 -38.32 10.36 -20.60
N PHE D 7 -37.53 9.57 -19.88
CA PHE D 7 -36.08 9.52 -20.11
C PHE D 7 -35.72 8.93 -21.48
N SER D 8 -36.31 7.79 -21.81
CA SER D 8 -35.98 7.09 -23.06
C SER D 8 -36.39 7.87 -24.30
N GLU D 9 -37.39 8.72 -24.18
CA GLU D 9 -37.85 9.55 -25.30
C GLU D 9 -36.96 10.79 -25.46
N ARG D 10 -36.39 11.26 -24.36
CA ARG D 10 -35.36 12.31 -24.37
C ARG D 10 -34.03 11.86 -24.95
N THR D 11 -33.73 10.58 -24.82
CA THR D 11 -32.36 10.08 -24.85
C THR D 11 -32.18 8.92 -25.84
N GLU D 12 -31.22 9.06 -26.75
CA GLU D 12 -30.81 7.95 -27.61
C GLU D 12 -30.29 6.83 -26.73
N GLU D 13 -30.72 5.59 -27.02
CA GLU D 13 -30.37 4.44 -26.20
C GLU D 13 -28.85 4.30 -26.04
N SER D 14 -28.10 4.53 -27.11
CA SER D 14 -26.63 4.42 -27.07
C SER D 14 -25.97 5.46 -26.16
N SER D 15 -26.51 6.68 -26.16
CA SER D 15 -26.02 7.73 -25.26
C SER D 15 -26.20 7.35 -23.79
N ALA D 16 -27.35 6.75 -23.48
CA ALA D 16 -27.65 6.32 -22.11
C ALA D 16 -26.77 5.16 -21.65
N VAL D 17 -26.51 4.20 -22.55
CA VAL D 17 -25.66 3.05 -22.23
C VAL D 17 -24.27 3.53 -21.77
N GLN D 18 -23.60 4.25 -22.65
CA GLN D 18 -22.32 4.89 -22.35
C GLN D 18 -22.35 5.68 -21.05
N TYR D 19 -23.41 6.48 -20.88
CA TYR D 19 -23.57 7.34 -19.71
C TYR D 19 -23.63 6.57 -18.39
N PHE D 20 -24.44 5.51 -18.35
CA PHE D 20 -24.57 4.73 -17.12
C PHE D 20 -23.45 3.71 -16.93
N GLN D 21 -22.73 3.37 -18.00
CA GLN D 21 -21.50 2.59 -17.86
C GLN D 21 -20.42 3.43 -17.18
N PHE D 22 -20.37 4.71 -17.53
CA PHE D 22 -19.43 5.65 -16.93
C PHE D 22 -19.61 5.72 -15.42
N TYR D 23 -20.86 5.90 -15.00
CA TYR D 23 -21.16 6.02 -13.57
C TYR D 23 -21.14 4.68 -12.82
N GLY D 24 -21.09 3.59 -13.57
CA GLY D 24 -20.92 2.26 -12.98
C GLY D 24 -19.52 1.98 -12.45
N TYR D 25 -18.54 2.79 -12.86
CA TYR D 25 -17.18 2.65 -12.35
C TYR D 25 -17.06 3.29 -10.97
N LEU D 26 -16.55 2.52 -10.02
CA LEU D 26 -16.21 3.03 -8.69
C LEU D 26 -15.22 4.19 -8.79
N SER D 27 -14.27 4.09 -9.71
CA SER D 27 -13.27 5.15 -9.88
C SER D 27 -13.89 6.50 -10.22
N GLN D 28 -14.99 6.48 -10.96
CA GLN D 28 -15.70 7.72 -11.30
C GLN D 28 -16.55 8.24 -10.14
N GLN D 29 -17.11 7.33 -9.35
CA GLN D 29 -17.82 7.72 -8.14
C GLN D 29 -16.83 8.32 -7.15
N GLN D 30 -15.66 7.70 -7.07
CA GLN D 30 -14.57 8.14 -6.22
C GLN D 30 -14.09 9.56 -6.58
N ASN D 31 -13.91 9.79 -7.87
CA ASN D 31 -13.53 11.09 -8.39
C ASN D 31 -14.45 12.22 -7.88
N MET D 32 -15.75 11.96 -7.87
CA MET D 32 -16.73 12.92 -7.35
C MET D 32 -16.65 13.00 -5.82
N MET D 33 -16.52 11.85 -5.17
CA MET D 33 -16.44 11.78 -3.72
C MET D 33 -15.22 12.53 -3.18
N GLN D 34 -14.08 12.39 -3.84
CA GLN D 34 -12.83 13.04 -3.40
C GLN D 34 -12.79 14.55 -3.66
N ASP D 35 -13.68 15.05 -4.51
CA ASP D 35 -13.87 16.50 -4.60
C ASP D 35 -14.39 16.97 -3.25
N TYR D 36 -13.47 17.50 -2.44
CA TYR D 36 -13.78 17.82 -1.05
C TYR D 36 -14.78 18.96 -0.93
N VAL D 37 -14.65 19.94 -1.81
CA VAL D 37 -15.56 21.09 -1.79
C VAL D 37 -16.98 20.62 -2.08
N ARG D 38 -17.12 19.67 -3.01
CA ARG D 38 -18.41 19.14 -3.40
C ARG D 38 -19.02 18.28 -2.28
N THR D 39 -18.32 17.24 -1.87
CA THR D 39 -18.82 16.32 -0.87
C THR D 39 -18.96 16.99 0.50
N GLY D 40 -17.90 17.67 0.92
CA GLY D 40 -17.90 18.41 2.18
C GLY D 40 -19.06 19.38 2.30
N THR D 41 -19.33 20.14 1.24
CA THR D 41 -20.41 21.14 1.26
C THR D 41 -21.80 20.49 1.32
N TYR D 42 -21.98 19.39 0.59
CA TYR D 42 -23.24 18.65 0.65
C TYR D 42 -23.50 18.15 2.07
N GLN D 43 -22.48 17.57 2.69
CA GLN D 43 -22.57 17.09 4.07
C GLN D 43 -22.91 18.23 5.02
N ARG D 44 -22.18 19.34 4.89
CA ARG D 44 -22.45 20.54 5.70
C ARG D 44 -23.87 21.03 5.53
N ALA D 45 -24.32 21.13 4.29
CA ALA D 45 -25.66 21.64 3.98
C ALA D 45 -26.76 20.80 4.64
N ILE D 46 -26.55 19.48 4.67
CA ILE D 46 -27.54 18.56 5.23
C ILE D 46 -27.49 18.56 6.76
N LEU D 47 -26.29 18.41 7.33
CA LEU D 47 -26.13 18.34 8.79
C LEU D 47 -26.53 19.63 9.50
N GLN D 48 -26.11 20.78 8.98
CA GLN D 48 -26.43 22.07 9.60
C GLN D 48 -27.92 22.44 9.46
N ASN D 49 -28.61 21.80 8.51
CA ASN D 49 -30.06 21.92 8.40
C ASN D 49 -30.75 20.64 8.87
N HIS D 50 -30.35 20.16 10.05
CA HIS D 50 -30.85 18.90 10.61
C HIS D 50 -32.39 18.83 10.75
N THR D 51 -33.02 19.97 11.00
CA THR D 51 -34.49 20.02 11.16
C THR D 51 -35.21 19.62 9.87
N ASP D 52 -34.61 19.93 8.72
CA ASP D 52 -35.16 19.52 7.43
C ASP D 52 -35.00 18.02 7.15
N PHE D 53 -34.29 17.30 8.03
CA PHE D 53 -34.03 15.87 7.84
C PHE D 53 -34.45 14.96 8.98
N LYS D 54 -34.44 15.46 10.22
CA LYS D 54 -34.77 14.62 11.39
C LYS D 54 -36.15 14.00 11.26
N ASP D 55 -36.19 12.66 11.27
CA ASP D 55 -37.43 11.88 11.15
C ASP D 55 -38.21 12.16 9.86
N LYS D 56 -37.51 12.49 8.78
CA LYS D 56 -38.12 12.83 7.51
C LYS D 56 -37.98 11.71 6.48
N ILE D 57 -38.77 11.81 5.41
CA ILE D 57 -38.68 10.90 4.27
C ILE D 57 -37.88 11.62 3.17
N VAL D 58 -36.84 10.96 2.67
CA VAL D 58 -35.90 11.58 1.71
C VAL D 58 -35.83 10.77 0.41
N LEU D 59 -35.71 11.47 -0.72
CA LEU D 59 -35.40 10.86 -2.00
C LEU D 59 -34.05 11.35 -2.50
N ASP D 60 -33.12 10.41 -2.71
CA ASP D 60 -31.82 10.72 -3.30
C ASP D 60 -31.86 10.32 -4.77
N VAL D 61 -31.89 11.33 -5.65
CA VAL D 61 -32.01 11.09 -7.09
C VAL D 61 -30.62 10.89 -7.69
N GLY D 62 -30.32 9.64 -8.03
CA GLY D 62 -29.00 9.29 -8.58
C GLY D 62 -27.99 9.19 -7.45
N CYS D 63 -28.19 8.21 -6.58
CA CYS D 63 -27.44 8.12 -5.33
C CYS D 63 -25.99 7.69 -5.50
N GLY D 64 -25.67 7.07 -6.63
CA GLY D 64 -24.31 6.58 -6.88
C GLY D 64 -23.88 5.65 -5.77
N SER D 65 -22.74 5.98 -5.13
CA SER D 65 -22.23 5.19 -4.01
C SER D 65 -23.20 5.13 -2.84
N GLY D 66 -24.07 6.13 -2.73
CA GLY D 66 -25.00 6.26 -1.62
C GLY D 66 -24.63 7.42 -0.70
N ILE D 67 -23.50 8.06 -1.02
CA ILE D 67 -22.87 9.02 -0.11
C ILE D 67 -23.80 10.11 0.45
N LEU D 68 -24.66 10.67 -0.38
CA LEU D 68 -25.56 11.74 0.07
C LEU D 68 -26.69 11.17 0.92
N SER D 69 -27.05 9.91 0.67
CA SER D 69 -28.05 9.22 1.49
C SER D 69 -27.50 8.93 2.88
N PHE D 70 -26.21 8.58 2.96
CA PHE D 70 -25.56 8.39 4.25
C PHE D 70 -25.51 9.69 5.03
N PHE D 71 -25.36 10.82 4.34
CA PHE D 71 -25.39 12.12 5.00
C PHE D 71 -26.80 12.44 5.52
N ALA D 72 -27.81 12.07 4.73
CA ALA D 72 -29.20 12.20 5.18
C ALA D 72 -29.45 11.33 6.42
N ALA D 73 -28.86 10.14 6.43
CA ALA D 73 -28.92 9.25 7.60
C ALA D 73 -28.25 9.88 8.83
N GLN D 74 -27.10 10.52 8.62
CA GLN D 74 -26.39 11.19 9.71
C GLN D 74 -27.22 12.34 10.31
N ALA D 75 -27.99 13.02 9.48
CA ALA D 75 -28.87 14.11 9.93
C ALA D 75 -30.17 13.61 10.59
N GLY D 76 -30.38 12.29 10.61
CA GLY D 76 -31.48 11.69 11.37
C GLY D 76 -32.73 11.38 10.57
N ALA D 77 -32.59 11.21 9.26
CA ALA D 77 -33.72 10.88 8.41
C ALA D 77 -34.27 9.50 8.77
N ARG D 78 -35.60 9.38 8.77
CA ARG D 78 -36.24 8.12 9.10
C ARG D 78 -36.16 7.13 7.94
N LYS D 79 -36.43 7.61 6.75
CA LYS D 79 -36.45 6.77 5.55
C LYS D 79 -35.86 7.50 4.36
N ILE D 80 -34.95 6.85 3.65
CA ILE D 80 -34.29 7.46 2.49
C ILE D 80 -34.37 6.50 1.30
N TYR D 81 -35.03 6.95 0.23
CA TYR D 81 -35.07 6.17 -1.00
C TYR D 81 -33.96 6.65 -1.94
N ALA D 82 -33.03 5.75 -2.22
CA ALA D 82 -31.85 6.05 -3.02
C ALA D 82 -31.96 5.43 -4.40
N VAL D 83 -32.29 6.25 -5.39
CA VAL D 83 -32.49 5.78 -6.76
C VAL D 83 -31.20 5.93 -7.56
N GLU D 84 -30.85 4.91 -8.33
CA GLU D 84 -29.61 4.92 -9.11
C GLU D 84 -29.73 3.99 -10.33
N ALA D 85 -29.50 4.54 -11.51
CA ALA D 85 -29.74 3.84 -12.77
C ALA D 85 -28.60 2.95 -13.22
N SER D 86 -27.38 3.30 -12.83
CA SER D 86 -26.21 2.50 -13.20
C SER D 86 -26.09 1.26 -12.33
N THR D 87 -25.14 0.39 -12.67
CA THR D 87 -24.83 -0.78 -11.86
C THR D 87 -24.19 -0.41 -10.51
N MET D 88 -23.89 0.87 -10.29
CA MET D 88 -23.43 1.36 -8.99
C MET D 88 -24.47 1.11 -7.89
N ALA D 89 -25.73 0.96 -8.26
CA ALA D 89 -26.81 0.64 -7.31
C ALA D 89 -26.51 -0.59 -6.46
N GLN D 90 -26.04 -1.67 -7.10
CA GLN D 90 -25.74 -2.90 -6.38
C GLN D 90 -24.57 -2.70 -5.40
N HIS D 91 -23.61 -1.85 -5.75
CA HIS D 91 -22.53 -1.49 -4.82
C HIS D 91 -23.03 -0.65 -3.66
N ALA D 92 -23.90 0.32 -3.93
CA ALA D 92 -24.50 1.14 -2.88
C ALA D 92 -25.26 0.27 -1.88
N GLU D 93 -26.01 -0.70 -2.42
CA GLU D 93 -26.73 -1.68 -1.61
C GLU D 93 -25.81 -2.39 -0.63
N VAL D 94 -24.63 -2.80 -1.09
CA VAL D 94 -23.62 -3.41 -0.22
C VAL D 94 -23.20 -2.48 0.92
N LEU D 95 -23.01 -1.20 0.62
CA LEU D 95 -22.64 -0.22 1.64
C LEU D 95 -23.74 0.05 2.68
N VAL D 96 -25.00 -0.07 2.26
CA VAL D 96 -26.12 0.06 3.19
C VAL D 96 -26.13 -1.11 4.19
N LYS D 97 -25.95 -2.32 3.67
CA LYS D 97 -25.82 -3.53 4.49
C LYS D 97 -24.67 -3.41 5.49
N SER D 98 -23.47 -3.13 4.98
CA SER D 98 -22.26 -3.10 5.80
C SER D 98 -22.23 -1.95 6.81
N ASN D 99 -22.97 -0.87 6.54
CA ASN D 99 -23.12 0.23 7.51
C ASN D 99 -24.35 0.05 8.42
N ASN D 100 -25.05 -1.07 8.28
CA ASN D 100 -26.19 -1.42 9.13
C ASN D 100 -27.32 -0.41 9.09
N LEU D 101 -27.62 0.11 7.89
CA LEU D 101 -28.67 1.10 7.71
C LEU D 101 -29.77 0.60 6.77
N THR D 102 -30.02 -0.71 6.80
CA THR D 102 -31.03 -1.34 5.93
C THR D 102 -32.45 -0.87 6.23
N ASP D 103 -32.74 -0.58 7.50
CA ASP D 103 -34.07 -0.09 7.91
C ASP D 103 -34.29 1.40 7.62
N ARG D 104 -33.25 2.12 7.20
CA ARG D 104 -33.36 3.56 6.97
C ARG D 104 -33.01 4.02 5.55
N ILE D 105 -32.17 3.27 4.84
CA ILE D 105 -31.87 3.53 3.43
C ILE D 105 -32.31 2.36 2.57
N VAL D 106 -33.13 2.65 1.55
CA VAL D 106 -33.56 1.65 0.59
C VAL D 106 -33.03 2.05 -0.78
N VAL D 107 -32.26 1.17 -1.40
CA VAL D 107 -31.69 1.43 -2.72
C VAL D 107 -32.62 0.86 -3.79
N ILE D 108 -33.06 1.74 -4.70
CA ILE D 108 -33.95 1.34 -5.79
C ILE D 108 -33.19 1.44 -7.12
N PRO D 109 -32.80 0.27 -7.69
CA PRO D 109 -32.11 0.32 -8.98
C PRO D 109 -33.03 0.72 -10.13
N GLY D 110 -32.61 1.69 -10.91
CA GLY D 110 -33.36 2.13 -12.08
C GLY D 110 -33.32 3.63 -12.25
N LYS D 111 -33.90 4.09 -13.36
CA LYS D 111 -33.99 5.50 -13.66
C LYS D 111 -35.14 6.10 -12.84
N VAL D 112 -34.94 7.31 -12.35
CA VAL D 112 -35.94 7.98 -11.52
C VAL D 112 -37.25 8.23 -12.29
N GLU D 113 -37.17 8.21 -13.62
CA GLU D 113 -38.36 8.37 -14.48
C GLU D 113 -39.14 7.07 -14.66
N GLU D 114 -38.57 5.95 -14.22
CA GLU D 114 -39.14 4.62 -14.46
C GLU D 114 -39.43 3.77 -13.22
N VAL D 115 -38.84 4.11 -12.07
CA VAL D 115 -39.05 3.31 -10.85
C VAL D 115 -40.33 3.70 -10.10
N SER D 116 -40.61 3.00 -9.01
CA SER D 116 -41.73 3.33 -8.12
C SER D 116 -41.23 3.59 -6.71
N LEU D 117 -41.78 4.60 -6.07
CA LEU D 117 -41.57 4.84 -4.65
C LEU D 117 -42.85 4.41 -3.90
N PRO D 118 -42.69 3.82 -2.71
CA PRO D 118 -43.84 3.38 -1.93
C PRO D 118 -44.56 4.52 -1.21
N GLU D 119 -43.98 5.72 -1.20
CA GLU D 119 -44.59 6.89 -0.59
C GLU D 119 -43.98 8.19 -1.11
N GLN D 120 -44.62 9.30 -0.80
CA GLN D 120 -44.11 10.62 -1.14
C GLN D 120 -43.07 11.07 -0.11
N VAL D 121 -42.21 12.00 -0.50
CA VAL D 121 -41.08 12.42 0.35
C VAL D 121 -41.22 13.87 0.80
N ASP D 122 -40.57 14.20 1.90
CA ASP D 122 -40.55 15.56 2.42
C ASP D 122 -39.49 16.41 1.70
N ILE D 123 -38.43 15.75 1.22
CA ILE D 123 -37.30 16.47 0.64
C ILE D 123 -36.58 15.58 -0.38
N ILE D 124 -36.15 16.21 -1.47
CA ILE D 124 -35.35 15.53 -2.49
C ILE D 124 -33.92 16.07 -2.43
N ILE D 125 -32.95 15.16 -2.39
CA ILE D 125 -31.55 15.54 -2.51
C ILE D 125 -30.96 14.92 -3.78
N SER D 126 -30.09 15.68 -4.44
CA SER D 126 -29.39 15.17 -5.60
C SER D 126 -28.14 15.98 -5.88
N GLU D 127 -27.22 15.37 -6.61
CA GLU D 127 -26.13 16.12 -7.21
C GLU D 127 -26.16 15.84 -8.72
N PRO D 128 -26.97 16.62 -9.45
CA PRO D 128 -27.16 16.48 -10.89
C PRO D 128 -26.44 17.52 -11.76
N MET D 129 -25.53 18.30 -11.17
CA MET D 129 -24.84 19.35 -11.92
C MET D 129 -23.75 18.78 -12.82
N GLY D 130 -23.82 19.10 -14.11
CA GLY D 130 -22.71 18.86 -15.02
C GLY D 130 -21.90 20.14 -15.15
N TYR D 131 -20.84 20.11 -15.95
CA TYR D 131 -20.09 21.34 -16.21
C TYR D 131 -20.97 22.30 -17.01
N MET D 132 -20.79 23.59 -16.77
CA MET D 132 -21.71 24.62 -17.26
C MET D 132 -23.12 24.35 -16.72
N LEU D 133 -23.19 23.67 -15.58
CA LEU D 133 -24.43 23.27 -14.91
C LEU D 133 -25.26 22.22 -15.65
N PHE D 134 -25.62 22.50 -16.91
CA PHE D 134 -26.65 21.74 -17.62
C PHE D 134 -26.20 20.46 -18.31
N ASN D 135 -24.90 20.28 -18.53
CA ASN D 135 -24.45 19.09 -19.27
C ASN D 135 -24.91 17.82 -18.57
N GLU D 136 -25.26 16.82 -19.38
CA GLU D 136 -25.85 15.54 -18.93
C GLU D 136 -27.37 15.54 -18.86
N ARG D 137 -27.98 16.73 -18.82
CA ARG D 137 -29.44 16.88 -18.73
C ARG D 137 -30.05 16.18 -17.51
N MET D 138 -29.26 16.01 -16.45
CA MET D 138 -29.73 15.33 -15.24
C MET D 138 -30.62 16.25 -14.40
N LEU D 139 -30.47 17.56 -14.58
CA LEU D 139 -31.36 18.51 -13.91
C LEU D 139 -32.83 18.19 -14.22
N GLU D 140 -33.10 17.72 -15.44
CA GLU D 140 -34.46 17.34 -15.82
C GLU D 140 -34.97 16.15 -15.00
N SER D 141 -34.09 15.18 -14.73
CA SER D 141 -34.44 14.04 -13.89
C SER D 141 -34.71 14.49 -12.44
N TYR D 142 -33.96 15.48 -11.99
CA TYR D 142 -34.12 16.06 -10.67
C TYR D 142 -35.47 16.80 -10.55
N LEU D 143 -35.80 17.58 -11.58
CA LEU D 143 -37.11 18.25 -11.63
C LEU D 143 -38.27 17.26 -11.82
N HIS D 144 -38.01 16.20 -12.58
CA HIS D 144 -38.99 15.13 -12.79
C HIS D 144 -39.34 14.41 -11.49
N ALA D 145 -38.36 14.30 -10.60
CA ALA D 145 -38.55 13.63 -9.32
C ALA D 145 -39.55 14.33 -8.40
N LYS D 146 -39.89 15.59 -8.70
CA LYS D 146 -40.89 16.34 -7.92
C LYS D 146 -42.28 15.70 -7.90
N LYS D 147 -42.54 14.74 -8.80
CA LYS D 147 -43.79 13.98 -8.75
C LYS D 147 -43.92 13.16 -7.47
N TYR D 148 -42.79 12.90 -6.80
CA TYR D 148 -42.77 12.18 -5.53
C TYR D 148 -42.74 13.12 -4.31
N LEU D 149 -42.66 14.43 -4.55
CA LEU D 149 -42.50 15.39 -3.47
C LEU D 149 -43.85 15.76 -2.86
N LYS D 150 -43.95 15.69 -1.54
CA LYS D 150 -45.13 16.17 -0.81
C LYS D 150 -45.27 17.68 -1.02
N PRO D 151 -46.51 18.19 -1.11
CA PRO D 151 -46.67 19.64 -1.26
C PRO D 151 -45.92 20.41 -0.18
N SER D 152 -45.29 21.51 -0.57
CA SER D 152 -44.42 22.31 0.31
C SER D 152 -43.16 21.57 0.78
N GLY D 153 -42.83 20.45 0.15
CA GLY D 153 -41.59 19.75 0.41
C GLY D 153 -40.43 20.55 -0.17
N ASN D 154 -39.21 20.25 0.28
CA ASN D 154 -38.04 21.04 -0.10
C ASN D 154 -37.13 20.30 -1.09
N MET D 155 -36.19 21.03 -1.67
CA MET D 155 -35.21 20.45 -2.59
C MET D 155 -33.80 20.97 -2.29
N PHE D 156 -32.86 20.04 -2.23
CA PHE D 156 -31.47 20.31 -1.87
C PHE D 156 -30.59 19.72 -2.99
N PRO D 157 -30.05 20.54 -3.90
CA PRO D 157 -30.09 22.01 -3.84
C PRO D 157 -31.44 22.60 -4.24
N THR D 158 -31.68 23.82 -3.79
CA THR D 158 -32.96 24.51 -4.00
C THR D 158 -32.96 25.34 -5.29
N ILE D 159 -31.88 26.06 -5.53
CA ILE D 159 -31.75 26.88 -6.74
C ILE D 159 -30.36 26.77 -7.34
N GLY D 160 -30.25 27.06 -8.63
CA GLY D 160 -28.96 27.02 -9.34
C GLY D 160 -28.74 28.30 -10.13
N ASP D 161 -27.55 28.88 -10.00
CA ASP D 161 -27.16 30.07 -10.74
C ASP D 161 -26.06 29.73 -11.72
N VAL D 162 -26.27 30.02 -13.01
CA VAL D 162 -25.20 29.98 -14.00
C VAL D 162 -24.68 31.38 -14.21
N HIS D 163 -23.36 31.54 -14.18
CA HIS D 163 -22.74 32.83 -14.46
C HIS D 163 -22.02 32.84 -15.81
N LEU D 164 -22.26 33.90 -16.57
CA LEU D 164 -21.58 34.14 -17.86
C LEU D 164 -20.73 35.39 -17.72
N ALA D 165 -19.57 35.42 -18.36
CA ALA D 165 -18.75 36.64 -18.41
C ALA D 165 -17.76 36.61 -19.56
N PRO D 166 -17.54 37.77 -20.21
CA PRO D 166 -16.59 37.81 -21.31
C PRO D 166 -15.15 37.72 -20.81
N PHE D 167 -14.28 37.09 -21.60
CA PHE D 167 -12.87 36.98 -21.22
C PHE D 167 -11.93 37.34 -22.37
N THR D 168 -10.72 37.75 -22.01
CA THR D 168 -9.64 37.90 -22.98
C THR D 168 -8.54 36.91 -22.63
N ASP D 169 -8.27 35.99 -23.56
CA ASP D 169 -7.18 35.06 -23.42
C ASP D 169 -6.60 34.85 -24.82
N GLU D 170 -5.66 35.72 -25.18
CA GLU D 170 -5.08 35.72 -26.52
C GLU D 170 -4.38 34.40 -26.82
N GLN D 171 -3.68 33.86 -25.82
CA GLN D 171 -2.93 32.62 -26.01
C GLN D 171 -3.85 31.43 -26.27
N LEU D 172 -4.94 31.32 -25.51
CA LEU D 172 -5.91 30.25 -25.71
C LEU D 172 -6.49 30.31 -27.12
N TYR D 173 -6.84 31.53 -27.56
CA TYR D 173 -7.38 31.73 -28.91
C TYR D 173 -6.39 31.33 -30.00
N MET D 174 -5.15 31.77 -29.86
CA MET D 174 -4.13 31.52 -30.88
C MET D 174 -3.69 30.06 -30.91
N GLU D 175 -3.72 29.41 -29.75
CA GLU D 175 -3.47 27.98 -29.64
C GLU D 175 -4.35 27.16 -30.60
N GLN D 176 -5.57 27.61 -30.86
CA GLN D 176 -6.49 26.92 -31.78
C GLN D 176 -5.92 26.85 -33.20
N PHE D 177 -5.33 27.95 -33.64
CA PHE D 177 -4.74 28.03 -34.99
C PHE D 177 -3.40 27.32 -35.07
N THR D 178 -2.64 27.36 -33.98
CA THR D 178 -1.38 26.64 -33.89
C THR D 178 -1.59 25.16 -34.21
N LYS D 179 -2.60 24.57 -33.58
CA LYS D 179 -2.92 23.16 -33.76
C LYS D 179 -3.47 22.89 -35.15
N ALA D 180 -4.42 23.72 -35.58
CA ALA D 180 -5.03 23.57 -36.91
C ALA D 180 -4.02 23.76 -38.04
N ASN D 181 -3.00 24.58 -37.82
CA ASN D 181 -1.97 24.85 -38.83
C ASN D 181 -1.07 23.66 -39.16
N PHE D 182 -1.18 22.58 -38.38
CA PHE D 182 -0.62 21.29 -38.78
C PHE D 182 -1.03 20.94 -40.21
N TRP D 183 -2.28 21.25 -40.57
CA TRP D 183 -2.82 20.92 -41.89
C TRP D 183 -2.38 21.88 -42.99
N TYR D 184 -1.77 23.00 -42.64
CA TYR D 184 -1.29 23.97 -43.63
C TYR D 184 0.15 23.65 -44.00
N GLN D 185 0.32 22.53 -44.70
CA GLN D 185 1.61 22.05 -45.16
C GLN D 185 1.45 21.57 -46.60
N PRO D 186 2.26 22.10 -47.53
CA PRO D 186 2.12 21.73 -48.93
C PRO D 186 2.71 20.35 -49.27
N SER D 187 3.49 19.78 -48.36
CA SER D 187 4.14 18.51 -48.61
C SER D 187 4.43 17.75 -47.31
N PHE D 188 3.36 17.36 -46.62
CA PHE D 188 3.44 16.42 -45.52
C PHE D 188 3.64 15.04 -46.12
N HIS D 189 4.88 14.54 -46.07
CA HIS D 189 5.23 13.28 -46.70
C HIS D 189 4.77 13.27 -48.17
N GLY D 190 5.00 14.40 -48.86
CA GLY D 190 4.64 14.53 -50.27
C GLY D 190 3.18 14.85 -50.54
N VAL D 191 2.42 15.13 -49.49
CA VAL D 191 0.97 15.38 -49.59
C VAL D 191 0.62 16.79 -49.13
N ASP D 192 -0.16 17.49 -49.94
CA ASP D 192 -0.63 18.84 -49.62
C ASP D 192 -1.91 18.76 -48.79
N LEU D 193 -1.79 19.17 -47.52
CA LEU D 193 -2.89 19.06 -46.55
C LEU D 193 -3.73 20.33 -46.41
N SER D 194 -3.32 21.39 -47.10
CA SER D 194 -3.88 22.75 -46.91
C SER D 194 -5.41 22.85 -46.91
N ALA D 195 -6.06 22.09 -47.78
CA ALA D 195 -7.50 22.19 -47.98
C ALA D 195 -8.34 21.84 -46.74
N LEU D 196 -7.75 21.11 -45.79
CA LEU D 196 -8.46 20.70 -44.58
C LEU D 196 -8.23 21.65 -43.41
N ARG D 197 -7.47 22.72 -43.62
CA ARG D 197 -7.09 23.62 -42.54
C ARG D 197 -8.30 24.33 -41.95
N GLY D 198 -9.13 24.90 -42.83
CA GLY D 198 -10.35 25.59 -42.41
C GLY D 198 -11.27 24.69 -41.60
N ALA D 199 -11.44 23.45 -42.06
CA ALA D 199 -12.24 22.46 -41.34
C ALA D 199 -11.64 22.15 -39.97
N ALA D 200 -10.31 22.03 -39.91
CA ALA D 200 -9.63 21.74 -38.65
C ALA D 200 -9.82 22.88 -37.65
N VAL D 201 -9.84 24.12 -38.14
CA VAL D 201 -10.12 25.27 -37.30
C VAL D 201 -11.54 25.20 -36.73
N ASP D 202 -12.51 24.93 -37.60
CA ASP D 202 -13.91 24.84 -37.20
C ASP D 202 -14.09 23.81 -36.09
N GLU D 203 -13.48 22.65 -36.29
CA GLU D 203 -13.55 21.54 -35.33
C GLU D 203 -13.12 21.95 -33.93
N TYR D 204 -11.97 22.62 -33.82
CA TYR D 204 -11.43 23.01 -32.52
C TYR D 204 -12.30 24.07 -31.85
N PHE D 205 -12.85 24.98 -32.65
CA PHE D 205 -13.70 26.06 -32.12
C PHE D 205 -15.09 25.59 -31.67
N ARG D 206 -15.53 24.43 -32.14
CA ARG D 206 -16.79 23.84 -31.69
C ARG D 206 -16.72 23.24 -30.29
N GLN D 207 -15.52 23.04 -29.76
CA GLN D 207 -15.35 22.43 -28.44
C GLN D 207 -15.25 23.46 -27.33
N PRO D 208 -16.16 23.39 -26.33
CA PRO D 208 -15.94 24.19 -25.13
C PRO D 208 -14.66 23.76 -24.43
N VAL D 209 -13.98 24.70 -23.80
CA VAL D 209 -12.70 24.44 -23.16
C VAL D 209 -12.91 24.33 -21.65
N VAL D 210 -12.73 23.12 -21.13
CA VAL D 210 -12.88 22.86 -19.70
C VAL D 210 -11.52 22.94 -19.04
N ASP D 211 -11.27 24.03 -18.33
CA ASP D 211 -10.14 24.15 -17.42
C ASP D 211 -10.40 25.36 -16.52
N THR D 212 -9.47 25.64 -15.61
CA THR D 212 -9.58 26.82 -14.76
C THR D 212 -8.72 27.94 -15.33
N PHE D 213 -8.87 29.13 -14.77
CA PHE D 213 -8.15 30.31 -15.25
C PHE D 213 -8.02 31.37 -14.16
N ASP D 214 -7.10 32.30 -14.38
CA ASP D 214 -6.95 33.45 -13.49
C ASP D 214 -8.08 34.42 -13.75
N ILE D 215 -8.68 34.93 -12.68
CA ILE D 215 -9.84 35.82 -12.78
C ILE D 215 -9.56 37.16 -13.50
N ARG D 216 -8.29 37.52 -13.66
CA ARG D 216 -7.92 38.75 -14.36
C ARG D 216 -8.27 38.73 -15.85
N ILE D 217 -8.52 37.56 -16.43
CA ILE D 217 -8.96 37.47 -17.83
C ILE D 217 -10.39 37.99 -18.02
N LEU D 218 -11.17 38.04 -16.94
CA LEU D 218 -12.57 38.46 -17.01
C LEU D 218 -12.66 39.96 -17.24
N MET D 219 -13.44 40.36 -18.25
CA MET D 219 -13.50 41.76 -18.69
C MET D 219 -14.74 42.51 -18.21
N ALA D 220 -15.68 41.82 -17.60
CA ALA D 220 -16.87 42.45 -17.03
C ALA D 220 -17.48 41.59 -15.93
N LYS D 221 -18.32 42.22 -15.10
CA LYS D 221 -19.07 41.49 -14.08
C LYS D 221 -20.01 40.50 -14.75
N SER D 222 -20.17 39.34 -14.13
CA SER D 222 -20.96 38.27 -14.71
C SER D 222 -22.44 38.60 -14.63
N VAL D 223 -23.20 38.08 -15.60
CA VAL D 223 -24.65 38.06 -15.51
C VAL D 223 -25.02 36.64 -15.14
N LYS D 224 -26.09 36.48 -14.35
CA LYS D 224 -26.49 35.15 -13.93
C LYS D 224 -27.85 34.74 -14.49
N TYR D 225 -27.94 33.48 -14.88
CA TYR D 225 -29.21 32.85 -15.23
C TYR D 225 -29.56 31.92 -14.08
N THR D 226 -30.72 32.13 -13.48
CA THR D 226 -31.14 31.36 -12.30
C THR D 226 -32.21 30.32 -12.67
N VAL D 227 -32.10 29.15 -12.07
CA VAL D 227 -33.14 28.12 -12.15
C VAL D 227 -33.58 27.79 -10.73
N ASN D 228 -34.87 27.93 -10.47
CA ASN D 228 -35.45 27.60 -9.18
C ASN D 228 -36.03 26.19 -9.24
N PHE D 229 -35.39 25.25 -8.57
CA PHE D 229 -35.75 23.84 -8.70
C PHE D 229 -37.11 23.52 -8.07
N LEU D 230 -37.54 24.33 -7.11
CA LEU D 230 -38.88 24.21 -6.52
C LEU D 230 -40.00 24.51 -7.52
N GLU D 231 -39.75 25.45 -8.42
CA GLU D 231 -40.77 25.94 -9.36
C GLU D 231 -40.64 25.38 -10.78
N ALA D 232 -39.41 25.19 -11.25
CA ALA D 232 -39.16 24.87 -12.66
C ALA D 232 -39.70 23.50 -13.09
N LYS D 233 -40.08 23.41 -14.36
CA LYS D 233 -40.53 22.15 -14.95
C LYS D 233 -39.48 21.61 -15.91
N GLU D 234 -39.56 20.32 -16.23
CA GLU D 234 -38.62 19.68 -17.16
C GLU D 234 -38.47 20.47 -18.45
N GLY D 235 -39.60 20.80 -19.06
CA GLY D 235 -39.64 21.49 -20.34
C GLY D 235 -38.94 22.83 -20.40
N ASP D 236 -38.72 23.46 -19.24
CA ASP D 236 -38.01 24.73 -19.17
C ASP D 236 -36.55 24.62 -19.59
N LEU D 237 -35.97 23.43 -19.47
CA LEU D 237 -34.56 23.22 -19.78
C LEU D 237 -34.30 22.63 -21.18
N HIS D 238 -35.35 22.53 -22.00
CA HIS D 238 -35.18 22.06 -23.38
C HIS D 238 -34.58 23.13 -24.28
N ARG D 239 -34.96 24.38 -24.04
CA ARG D 239 -34.41 25.53 -24.75
C ARG D 239 -34.12 26.61 -23.72
N ILE D 240 -32.85 26.87 -23.48
CA ILE D 240 -32.45 27.85 -22.49
C ILE D 240 -31.85 29.09 -23.17
N GLU D 241 -32.58 30.19 -23.12
CA GLU D 241 -32.10 31.45 -23.68
C GLU D 241 -31.55 32.34 -22.57
N ILE D 242 -30.27 32.66 -22.66
CA ILE D 242 -29.61 33.53 -21.69
C ILE D 242 -29.21 34.80 -22.40
N PRO D 243 -30.04 35.85 -22.29
CA PRO D 243 -29.65 37.12 -22.88
C PRO D 243 -28.62 37.80 -21.97
N PHE D 244 -27.67 38.52 -22.56
CA PHE D 244 -26.69 39.23 -21.76
C PHE D 244 -26.46 40.64 -22.28
N LYS D 245 -26.03 41.51 -21.37
CA LYS D 245 -25.65 42.87 -21.70
C LYS D 245 -24.53 43.28 -20.73
N PHE D 246 -23.30 43.03 -21.13
CA PHE D 246 -22.14 43.32 -20.29
C PHE D 246 -21.72 44.77 -20.46
N HIS D 247 -21.47 45.44 -19.34
CA HIS D 247 -20.83 46.74 -19.35
C HIS D 247 -19.36 46.49 -19.07
N MET D 248 -18.52 46.78 -20.05
CA MET D 248 -17.13 46.34 -20.03
C MET D 248 -16.28 47.13 -19.03
N LEU D 249 -15.65 46.42 -18.10
CA LEU D 249 -14.76 47.03 -17.12
C LEU D 249 -13.34 47.22 -17.67
N HIS D 250 -12.98 46.43 -18.69
CA HIS D 250 -11.64 46.49 -19.28
C HIS D 250 -11.70 46.53 -20.80
N SER D 251 -10.74 47.22 -21.42
CA SER D 251 -10.61 47.27 -22.87
C SER D 251 -9.71 46.14 -23.36
N GLY D 252 -10.02 45.60 -24.53
CA GLY D 252 -9.22 44.54 -25.14
C GLY D 252 -10.04 43.70 -26.10
N LEU D 253 -9.45 42.60 -26.57
CA LEU D 253 -10.13 41.67 -27.46
C LEU D 253 -10.86 40.60 -26.66
N VAL D 254 -12.19 40.60 -26.77
CA VAL D 254 -13.02 39.55 -26.17
C VAL D 254 -12.92 38.32 -27.05
N HIS D 255 -12.41 37.22 -26.49
CA HIS D 255 -12.20 36.00 -27.24
C HIS D 255 -13.28 34.95 -27.00
N GLY D 256 -14.22 35.23 -26.09
CA GLY D 256 -15.29 34.30 -25.80
C GLY D 256 -16.00 34.58 -24.48
N LEU D 257 -16.85 33.65 -24.05
CA LEU D 257 -17.55 33.75 -22.77
C LEU D 257 -17.10 32.64 -21.82
N ALA D 258 -16.89 33.01 -20.55
CA ALA D 258 -16.56 32.04 -19.50
C ALA D 258 -17.82 31.69 -18.72
N PHE D 259 -17.91 30.43 -18.30
CA PHE D 259 -19.10 29.89 -17.64
C PHE D 259 -18.72 29.21 -16.33
N TRP D 260 -19.54 29.41 -15.30
CA TRP D 260 -19.46 28.65 -14.07
C TRP D 260 -20.81 28.71 -13.35
N PHE D 261 -20.94 27.97 -12.26
CA PHE D 261 -22.24 27.90 -11.58
C PHE D 261 -22.14 27.74 -10.07
N ASP D 262 -23.19 28.21 -9.39
CA ASP D 262 -23.36 28.03 -7.95
C ASP D 262 -24.72 27.38 -7.71
N VAL D 263 -24.82 26.55 -6.69
CA VAL D 263 -26.12 26.06 -6.21
C VAL D 263 -26.26 26.43 -4.74
N ALA D 264 -27.51 26.62 -4.31
CA ALA D 264 -27.80 27.00 -2.93
C ALA D 264 -28.73 25.97 -2.29
N PHE D 265 -28.36 25.51 -1.10
CA PHE D 265 -29.23 24.65 -0.32
C PHE D 265 -29.95 25.54 0.69
N ILE D 266 -31.18 25.93 0.34
CA ILE D 266 -31.98 26.83 1.16
C ILE D 266 -32.76 25.99 2.18
N GLY D 267 -32.19 25.86 3.37
CA GLY D 267 -32.80 25.08 4.45
C GLY D 267 -33.51 25.95 5.46
N SER D 268 -34.09 25.30 6.47
CA SER D 268 -34.85 25.98 7.52
C SER D 268 -33.94 26.72 8.51
N ILE D 269 -32.77 26.15 8.81
CA ILE D 269 -31.82 26.78 9.71
C ILE D 269 -30.91 27.78 8.98
N MET D 270 -30.41 27.39 7.79
CA MET D 270 -29.53 28.27 7.02
C MET D 270 -29.46 27.93 5.54
N THR D 271 -28.99 28.89 4.75
CA THR D 271 -28.67 28.70 3.35
C THR D 271 -27.17 28.42 3.21
N VAL D 272 -26.83 27.34 2.52
CA VAL D 272 -25.43 26.99 2.24
C VAL D 272 -25.21 27.00 0.72
N TRP D 273 -24.10 27.58 0.29
CA TRP D 273 -23.78 27.68 -1.13
C TRP D 273 -22.64 26.73 -1.53
N LEU D 274 -22.78 26.11 -2.70
CA LEU D 274 -21.69 25.37 -3.33
C LEU D 274 -21.35 26.10 -4.63
N SER D 275 -20.17 26.71 -4.67
CA SER D 275 -19.77 27.56 -5.80
C SER D 275 -18.62 26.95 -6.58
N THR D 276 -18.70 27.00 -7.91
CA THR D 276 -17.62 26.55 -8.78
C THR D 276 -16.99 27.75 -9.51
N ALA D 277 -17.04 28.92 -8.89
CA ALA D 277 -16.52 30.14 -9.49
C ALA D 277 -14.99 30.15 -9.47
N PRO D 278 -14.36 30.85 -10.43
CA PRO D 278 -12.90 30.89 -10.51
C PRO D 278 -12.22 31.58 -9.32
N THR D 279 -12.99 32.41 -8.60
CA THR D 279 -12.54 33.00 -7.34
C THR D 279 -12.51 32.01 -6.17
N GLU D 280 -13.25 30.92 -6.29
CA GLU D 280 -13.35 29.91 -5.23
C GLU D 280 -12.35 28.77 -5.46
N PRO D 281 -12.12 27.94 -4.43
CA PRO D 281 -11.23 26.78 -4.62
C PRO D 281 -11.73 25.85 -5.73
N LEU D 282 -10.80 25.16 -6.37
CA LEU D 282 -11.09 24.39 -7.57
C LEU D 282 -11.99 23.20 -7.26
N THR D 283 -12.87 22.87 -8.21
CA THR D 283 -13.71 21.67 -8.13
C THR D 283 -13.49 20.83 -9.38
N HIS D 284 -14.02 19.62 -9.38
CA HIS D 284 -13.89 18.72 -10.54
C HIS D 284 -14.71 19.21 -11.74
N TRP D 285 -15.51 20.25 -11.55
CA TRP D 285 -16.22 20.92 -12.64
C TRP D 285 -15.40 21.99 -13.34
N TYR D 286 -14.34 22.47 -12.67
CA TYR D 286 -13.49 23.53 -13.20
C TYR D 286 -14.37 24.72 -13.61
N GLN D 287 -14.06 25.33 -14.75
CA GLN D 287 -14.97 26.27 -15.40
C GLN D 287 -14.99 25.92 -16.89
N VAL D 288 -15.87 26.56 -17.64
CA VAL D 288 -16.02 26.26 -19.08
C VAL D 288 -15.92 27.55 -19.88
N ARG D 289 -15.17 27.50 -20.98
CA ARG D 289 -15.03 28.66 -21.85
C ARG D 289 -15.41 28.32 -23.28
N CYS D 290 -16.25 29.16 -23.86
CA CYS D 290 -16.67 29.04 -25.25
C CYS D 290 -16.06 30.18 -26.04
N LEU D 291 -15.21 29.84 -27.00
CA LEU D 291 -14.52 30.85 -27.79
C LEU D 291 -15.40 31.45 -28.88
N PHE D 292 -15.09 32.69 -29.24
CA PHE D 292 -15.55 33.29 -30.48
C PHE D 292 -14.46 33.04 -31.51
N GLN D 293 -14.82 32.56 -32.70
CA GLN D 293 -13.82 32.41 -33.76
C GLN D 293 -13.37 33.77 -34.29
N SER D 294 -14.28 34.75 -34.28
CA SER D 294 -13.93 36.13 -34.55
C SER D 294 -13.97 36.91 -33.24
N PRO D 295 -12.80 37.32 -32.72
CA PRO D 295 -12.80 38.10 -31.49
C PRO D 295 -13.37 39.50 -31.70
N LEU D 296 -13.85 40.12 -30.62
CA LEU D 296 -14.47 41.44 -30.70
C LEU D 296 -13.68 42.43 -29.87
N PHE D 297 -13.23 43.51 -30.51
CA PHE D 297 -12.60 44.59 -29.78
C PHE D 297 -13.66 45.41 -29.03
N ALA D 298 -13.47 45.55 -27.72
CA ALA D 298 -14.31 46.41 -26.91
C ALA D 298 -13.42 47.36 -26.12
N LYS D 299 -14.00 48.44 -25.62
CA LYS D 299 -13.28 49.35 -24.74
C LYS D 299 -14.11 49.65 -23.50
N ALA D 300 -13.44 49.84 -22.37
CA ALA D 300 -14.08 50.03 -21.08
C ALA D 300 -15.22 51.03 -21.19
N GLY D 301 -16.40 50.63 -20.73
CA GLY D 301 -17.60 51.46 -20.85
C GLY D 301 -18.52 51.06 -21.97
N ASP D 302 -18.00 50.35 -22.98
CA ASP D 302 -18.83 49.80 -24.06
C ASP D 302 -19.81 48.75 -23.52
N THR D 303 -20.76 48.38 -24.35
CA THR D 303 -21.73 47.34 -24.03
C THR D 303 -21.53 46.18 -24.98
N LEU D 304 -21.31 44.99 -24.41
CA LEU D 304 -21.29 43.74 -25.18
C LEU D 304 -22.64 43.07 -24.95
N SER D 305 -23.48 43.10 -25.98
CA SER D 305 -24.84 42.53 -25.88
C SER D 305 -24.96 41.30 -26.76
N GLY D 306 -25.84 40.40 -26.37
CA GLY D 306 -26.08 39.22 -27.17
C GLY D 306 -26.93 38.16 -26.49
N THR D 307 -26.84 36.94 -27.00
CA THR D 307 -27.63 35.83 -26.51
C THR D 307 -26.79 34.56 -26.51
N CYS D 308 -26.81 33.85 -25.39
CA CYS D 308 -26.31 32.49 -25.31
C CYS D 308 -27.53 31.57 -25.30
N LEU D 309 -27.67 30.78 -26.36
CA LEU D 309 -28.82 29.90 -26.52
C LEU D 309 -28.41 28.43 -26.40
N LEU D 310 -28.93 27.75 -25.38
CA LEU D 310 -28.66 26.34 -25.15
C LEU D 310 -29.85 25.48 -25.59
N ILE D 311 -29.64 24.62 -26.59
CA ILE D 311 -30.69 23.81 -27.17
C ILE D 311 -30.41 22.33 -26.94
N ALA D 312 -31.26 21.70 -26.14
CA ALA D 312 -31.03 20.32 -25.73
C ALA D 312 -31.06 19.34 -26.90
N ASN D 313 -30.21 18.32 -26.82
CA ASN D 313 -30.17 17.26 -27.83
C ASN D 313 -30.34 15.91 -27.15
N LYS D 314 -30.44 14.85 -27.96
CA LYS D 314 -30.72 13.51 -27.45
C LYS D 314 -29.47 12.74 -27.01
N ARG D 315 -28.32 13.40 -27.04
CA ARG D 315 -27.08 12.81 -26.52
C ARG D 315 -26.81 13.33 -25.11
N GLN D 316 -27.87 13.72 -24.39
CA GLN D 316 -27.79 14.19 -23.01
C GLN D 316 -26.93 15.44 -22.83
N SER D 317 -27.00 16.34 -23.80
CA SER D 317 -26.26 17.59 -23.72
C SER D 317 -26.98 18.69 -24.50
N TYR D 318 -26.23 19.73 -24.85
CA TYR D 318 -26.79 20.90 -25.51
C TYR D 318 -25.94 21.36 -26.68
N ASP D 319 -26.60 21.82 -27.74
CA ASP D 319 -25.94 22.56 -28.81
C ASP D 319 -25.94 24.01 -28.34
N ILE D 320 -24.77 24.62 -28.34
CA ILE D 320 -24.62 25.98 -27.84
C ILE D 320 -24.54 26.94 -29.03
N SER D 321 -25.38 27.96 -29.02
CA SER D 321 -25.30 29.04 -29.98
C SER D 321 -25.05 30.35 -29.24
N ILE D 322 -23.95 31.01 -29.55
CA ILE D 322 -23.63 32.30 -28.92
C ILE D 322 -23.50 33.39 -29.98
N VAL D 323 -24.34 34.41 -29.85
CA VAL D 323 -24.28 35.59 -30.67
C VAL D 323 -23.93 36.76 -29.75
N ALA D 324 -23.01 37.61 -30.20
CA ALA D 324 -22.58 38.76 -29.40
C ALA D 324 -22.14 39.91 -30.30
N GLN D 325 -22.45 41.13 -29.86
CA GLN D 325 -22.03 42.33 -30.58
C GLN D 325 -21.60 43.43 -29.63
N VAL D 326 -20.67 44.27 -30.08
CA VAL D 326 -20.29 45.48 -29.36
C VAL D 326 -21.20 46.59 -29.88
N ASP D 327 -22.12 47.05 -29.04
CA ASP D 327 -23.18 47.97 -29.46
C ASP D 327 -22.68 49.27 -30.08
N GLN D 328 -21.56 49.78 -29.57
CA GLN D 328 -21.02 51.06 -30.01
C GLN D 328 -20.40 50.98 -31.41
N THR D 329 -19.87 49.82 -31.78
CA THR D 329 -19.26 49.62 -33.11
C THR D 329 -20.09 48.78 -34.07
N GLY D 330 -20.98 47.95 -33.53
CA GLY D 330 -21.79 47.05 -34.34
C GLY D 330 -21.07 45.81 -34.87
N SER D 331 -19.81 45.62 -34.47
CA SER D 331 -19.06 44.42 -34.87
C SER D 331 -19.62 43.22 -34.12
N LYS D 332 -19.63 42.07 -34.79
CA LYS D 332 -20.48 40.94 -34.40
C LYS D 332 -19.71 39.63 -34.46
N SER D 333 -20.08 38.69 -33.59
CA SER D 333 -19.49 37.35 -33.62
C SER D 333 -20.53 36.26 -33.35
N SER D 334 -20.52 35.24 -34.19
CA SER D 334 -21.52 34.16 -34.16
C SER D 334 -20.81 32.82 -34.00
N ASN D 335 -21.25 32.01 -33.03
CA ASN D 335 -20.54 30.76 -32.70
C ASN D 335 -21.43 29.60 -32.28
N LEU D 336 -21.01 28.39 -32.65
CA LEU D 336 -21.75 27.16 -32.42
C LEU D 336 -20.84 26.14 -31.77
N LEU D 337 -21.25 25.61 -30.61
CA LEU D 337 -20.42 24.66 -29.87
C LEU D 337 -21.18 23.42 -29.41
N ASP D 338 -20.42 22.32 -29.27
CA ASP D 338 -20.95 21.05 -28.81
CA ASP D 338 -20.95 21.05 -28.82
C ASP D 338 -20.57 20.83 -27.36
N LEU D 339 -21.51 21.04 -26.45
CA LEU D 339 -21.24 20.86 -25.01
C LEU D 339 -20.89 19.40 -24.69
N LYS D 340 -21.45 18.49 -25.47
CA LYS D 340 -21.20 17.05 -25.42
C LYS D 340 -19.72 16.67 -25.52
N ASN D 341 -18.98 17.41 -26.33
CA ASN D 341 -17.61 17.06 -26.68
C ASN D 341 -16.62 18.21 -26.40
N PRO D 342 -16.35 18.47 -25.11
CA PRO D 342 -15.46 19.56 -24.75
C PRO D 342 -13.99 19.18 -24.87
N PHE D 343 -13.13 20.19 -24.90
CA PHE D 343 -11.69 19.97 -24.81
C PHE D 343 -11.29 20.10 -23.34
N PHE D 344 -10.80 19.01 -22.75
CA PHE D 344 -10.34 19.04 -21.36
C PHE D 344 -8.87 19.49 -21.32
N ARG D 345 -8.69 20.81 -21.35
CA ARG D 345 -7.39 21.46 -21.49
C ARG D 345 -6.52 21.33 -20.25
N TYR D 346 -7.15 21.25 -19.07
CA TYR D 346 -6.44 21.30 -17.79
C TYR D 346 -5.35 20.24 -17.67
N THR D 347 -4.21 20.66 -17.09
CA THR D 347 -3.04 19.81 -16.93
C THR D 347 -2.75 19.57 -15.46
C ACE E 1 14.87 -19.14 23.99
O ACE E 1 15.17 -18.72 22.88
CH3 ACE E 1 14.40 -20.56 24.20
N GLY E 2 14.92 -18.37 25.08
CA GLY E 2 15.26 -16.97 25.00
C GLY E 2 14.05 -16.11 24.67
N LYS E 3 14.26 -14.79 24.64
CA LYS E 3 13.15 -13.84 24.51
C LYS E 3 12.58 -13.85 23.10
N ALA E 4 13.46 -13.72 22.12
CA ALA E 4 13.12 -13.86 20.71
C ALA E 4 13.87 -15.07 20.15
N PRO E 5 13.29 -16.28 20.31
CA PRO E 5 13.98 -17.49 19.87
C PRO E 5 14.33 -17.54 18.37
CAA NMM E 6 11.97 -23.73 15.85
NH2 NMM E 6 12.07 -23.02 14.59
CZ NMM E 6 12.50 -21.76 14.46
NH1 NMM E 6 12.54 -21.24 13.31
NE NMM E 6 12.92 -21.08 15.52
CD NMM E 6 13.39 -19.71 15.45
CG NMM E 6 12.21 -18.76 15.60
CB NMM E 6 12.54 -17.30 15.31
CA NMM E 6 13.76 -16.86 16.09
C NMM E 6 14.13 -15.45 15.71
O NMM E 6 13.40 -14.50 15.99
N NMM E 6 13.50 -16.92 17.54
N LYS E 7 15.27 -15.33 15.04
CA LYS E 7 15.87 -14.03 14.75
C LYS E 7 15.33 -13.49 13.43
N GLN E 8 15.29 -12.17 13.30
CA GLN E 8 14.67 -11.52 12.14
C GLN E 8 15.55 -11.65 10.89
N LEU E 9 14.92 -12.03 9.77
CA LEU E 9 15.61 -12.10 8.47
C LEU E 9 15.16 -10.95 7.58
N ALA E 10 16.11 -10.35 6.86
CA ALA E 10 15.82 -9.28 5.91
C ALA E 10 15.15 -9.84 4.65
C ACE F 1 -22.01 13.92 -22.05
O ACE F 1 -21.12 14.58 -21.53
CH3 ACE F 1 -23.44 14.03 -21.60
N GLY F 2 -21.78 13.06 -23.06
CA GLY F 2 -20.45 12.83 -23.60
C GLY F 2 -19.78 11.60 -23.04
N LYS F 3 -18.57 11.32 -23.54
CA LYS F 3 -17.80 10.14 -23.13
C LYS F 3 -17.34 10.20 -21.68
N ALA F 4 -16.88 11.38 -21.26
CA ALA F 4 -16.46 11.63 -19.88
C ALA F 4 -17.27 12.80 -19.31
N PRO F 5 -18.54 12.55 -18.93
CA PRO F 5 -19.38 13.65 -18.42
C PRO F 5 -18.79 14.35 -17.19
CAA NMM F 6 -23.91 15.11 -12.54
NH2 NMM F 6 -22.82 15.35 -11.61
CZ NMM F 6 -21.52 15.33 -11.93
NH1 NMM F 6 -20.65 15.55 -11.04
NE NMM F 6 -21.13 15.10 -13.20
CD NMM F 6 -19.75 15.07 -13.62
CG NMM F 6 -19.24 13.63 -13.67
CB NMM F 6 -17.74 13.51 -13.94
CA NMM F 6 -17.34 14.22 -15.23
C NMM F 6 -15.86 14.18 -15.42
O NMM F 6 -15.29 13.16 -15.84
N NMM F 6 -18.04 13.62 -16.38
N LYS F 7 -15.20 15.28 -15.09
CA LYS F 7 -13.77 15.45 -15.35
C LYS F 7 -12.94 15.14 -14.11
N GLN F 8 -11.75 14.57 -14.35
CA GLN F 8 -10.88 14.12 -13.27
C GLN F 8 -10.30 15.29 -12.48
N LEU F 9 -10.47 15.24 -11.16
CA LEU F 9 -9.86 16.21 -10.25
C LEU F 9 -8.71 15.56 -9.49
N SFG G . 18.74 4.81 39.02
CA SFG G . 19.46 4.25 37.89
C SFG G . 19.91 5.36 36.98
O SFG G . 20.76 5.09 36.11
OXT SFG G . 19.42 6.51 37.13
CB SFG G . 18.61 3.26 37.11
CG SFG G . 17.18 3.74 36.89
CD SFG G . 16.36 2.74 36.06
NE SFG G . 15.73 3.44 34.96
C5' SFG G . 15.27 2.07 36.89
C4' SFG G . 15.83 1.14 37.96
O4' SFG G . 14.84 0.98 38.99
C3' SFG G . 16.15 -0.26 37.46
O3' SFG G . 17.45 -0.65 37.89
C2' SFG G . 15.09 -1.17 38.08
O2' SFG G . 15.60 -2.47 38.40
C1' SFG G . 14.70 -0.40 39.33
N9 SFG G . 13.31 -0.64 39.78
C8 SFG G . 12.21 -0.66 39.03
N7 SFG G . 11.12 -0.91 39.80
C5 SFG G . 11.52 -1.05 41.06
C6 SFG G . 10.88 -1.33 42.37
N6 SFG G . 9.55 -1.51 42.46
N1 SFG G . 11.68 -1.39 43.46
C2 SFG G . 13.02 -1.22 43.39
N3 SFG G . 13.67 -0.96 42.22
C4 SFG G . 12.98 -0.87 41.06
C1 GOL H . 9.90 22.42 28.80
O1 GOL H . 11.26 22.30 28.32
C2 GOL H . 9.46 23.88 28.80
O2 GOL H . 10.39 24.67 29.56
C3 GOL H . 8.08 24.02 29.43
O3 GOL H . 7.10 23.27 28.70
N SFG I . 5.16 -24.91 11.24
CA SFG I . 5.40 -23.48 11.11
C SFG I . 6.32 -23.21 9.96
O SFG I . 6.30 -22.05 9.45
OXT SFG I . 7.08 -24.10 9.54
CB SFG I . 5.99 -22.91 12.39
CG SFG I . 7.13 -23.76 12.94
CD SFG I . 7.78 -23.11 14.16
NE SFG I . 9.21 -23.06 13.93
C5' SFG I . 7.55 -23.92 15.42
C4' SFG I . 6.11 -23.88 15.88
O4' SFG I . 5.89 -24.96 16.78
C3' SFG I . 5.73 -22.61 16.63
O3' SFG I . 4.59 -22.00 16.04
C2' SFG I . 5.44 -23.05 18.06
O2' SFG I . 4.36 -22.32 18.66
C1' SFG I . 5.11 -24.52 17.88
N9 SFG I . 5.44 -25.37 19.05
C8 SFG I . 6.59 -25.37 19.74
N7 SFG I . 6.55 -26.30 20.73
C5 SFG I . 5.35 -26.89 20.67
C6 SFG I . 4.66 -27.96 21.42
N6 SFG I . 5.27 -28.56 22.47
N1 SFG I . 3.40 -28.30 21.03
C2 SFG I . 2.78 -27.69 19.99
N3 SFG I . 3.37 -26.72 19.26
C4 SFG I . 4.62 -26.29 19.56
S SO4 J . 14.49 -16.03 29.58
O1 SO4 J . 14.60 -15.41 28.25
O2 SO4 J . 13.24 -15.57 30.24
O3 SO4 J . 15.65 -15.63 30.42
O4 SO4 J . 14.46 -17.51 29.44
N SFG K . -5.33 4.85 -42.81
CA SFG K . -5.26 6.02 -41.96
C SFG K . -3.83 6.27 -41.53
O SFG K . -3.49 7.43 -41.27
OXT SFG K . -3.05 5.29 -41.45
CB SFG K . -6.15 5.85 -40.73
CG SFG K . -6.02 4.49 -40.04
CD SFG K . -6.84 4.44 -38.75
NE SFG K . -5.98 4.08 -37.63
C5' SFG K . -7.96 3.41 -38.85
C4' SFG K . -9.08 3.90 -39.77
O4' SFG K . -9.86 2.79 -40.21
C3' SFG K . -10.04 4.86 -39.10
O3' SFG K . -10.17 6.03 -39.92
C2' SFG K . -11.36 4.12 -38.99
O2' SFG K . -12.51 4.96 -39.15
C1' SFG K . -11.24 3.11 -40.13
N9 SFG K . -12.03 1.87 -39.95
C8 SFG K . -12.06 1.09 -38.85
N7 SFG K . -12.88 0.02 -39.05
C5 SFG K . -13.36 0.12 -40.31
C6 SFG K . -14.26 -0.67 -41.18
N6 SFG K . -14.84 -1.81 -40.73
N1 SFG K . -14.49 -0.21 -42.43
C2 SFG K . -13.93 0.92 -42.90
N3 SFG K . -13.10 1.68 -42.17
C4 SFG K . -12.78 1.33 -40.89
C1 GOL L . 13.34 -7.71 -36.75
O1 GOL L . 14.28 -8.70 -36.30
C2 GOL L . 12.19 -7.58 -35.75
O2 GOL L . 11.94 -8.84 -35.12
C3 GOL L . 12.55 -6.54 -34.67
O3 GOL L . 12.01 -5.26 -35.02
C1 GOL M . -10.08 3.97 -29.07
O1 GOL M . -9.76 3.32 -30.31
C2 GOL M . -11.28 4.88 -29.24
O2 GOL M . -12.37 4.16 -29.81
C3 GOL M . -11.68 5.48 -27.89
O3 GOL M . -12.70 4.70 -27.25
N SFG N . -25.16 11.06 -5.51
CA SFG N . -23.80 10.68 -5.80
C SFG N . -22.86 11.70 -5.22
O SFG N . -21.66 11.37 -5.08
OXT SFG N . -23.30 12.83 -4.94
CB SFG N . -23.57 10.56 -7.30
CG SFG N . -24.15 11.73 -8.08
CD SFG N . -23.80 11.66 -9.57
NE SFG N . -23.25 12.93 -9.96
C5' SFG N . -25.02 11.42 -10.44
C4' SFG N . -25.53 9.98 -10.32
O4' SFG N . -26.89 9.97 -10.72
C3' SFG N . -24.78 9.00 -11.21
O3' SFG N . -24.36 7.87 -10.44
C2' SFG N . -25.79 8.58 -12.27
O2' SFG N . -25.71 7.20 -12.64
C1' SFG N . -27.13 8.88 -11.61
N9 SFG N . -28.18 9.28 -12.55
C8 SFG N . -28.09 10.17 -13.55
N7 SFG N . -29.28 10.30 -14.19
C5 SFG N . -30.15 9.49 -13.57
C6 SFG N . -31.59 9.15 -13.73
N6 SFG N . -32.34 9.70 -14.71
N1 SFG N . -32.11 8.25 -12.87
C2 SFG N . -31.39 7.68 -11.88
N3 SFG N . -30.08 7.95 -11.69
C4 SFG N . -29.43 8.82 -12.48
S SO4 O . -21.34 10.96 -27.73
O1 SO4 O . -21.31 11.86 -28.90
O2 SO4 O . -22.72 10.83 -27.25
O3 SO4 O . -20.50 11.54 -26.64
O4 SO4 O . -20.79 9.63 -28.10
#